data_1W2E
# 
_entry.id   1W2E 
# 
_audit_conform.dict_name       mmcif_pdbx.dic 
_audit_conform.dict_version    5.397 
_audit_conform.dict_location   http://mmcif.pdb.org/dictionaries/ascii/mmcif_pdbx.dic 
# 
loop_
_database_2.database_id 
_database_2.database_code 
_database_2.pdbx_database_accession 
_database_2.pdbx_DOI 
PDB   1W2E         pdb_00001w2e 10.2210/pdb1w2e/pdb 
PDBE  EBI-20275    ?            ?                   
WWPDB D_1290020275 ?            ?                   
# 
loop_
_pdbx_audit_revision_history.ordinal 
_pdbx_audit_revision_history.data_content_type 
_pdbx_audit_revision_history.major_revision 
_pdbx_audit_revision_history.minor_revision 
_pdbx_audit_revision_history.revision_date 
1 'Structure model' 1 0 2004-07-19 
2 'Structure model' 1 1 2011-05-08 
3 'Structure model' 1 2 2011-07-13 
4 'Structure model' 1 3 2018-01-24 
5 'Structure model' 1 4 2024-10-23 
# 
_pdbx_audit_revision_details.ordinal             1 
_pdbx_audit_revision_details.revision_ordinal    1 
_pdbx_audit_revision_details.data_content_type   'Structure model' 
_pdbx_audit_revision_details.provider            repository 
_pdbx_audit_revision_details.type                'Initial release' 
_pdbx_audit_revision_details.description         ? 
_pdbx_audit_revision_details.details             ? 
# 
loop_
_pdbx_audit_revision_group.ordinal 
_pdbx_audit_revision_group.revision_ordinal 
_pdbx_audit_revision_group.data_content_type 
_pdbx_audit_revision_group.group 
1 2 'Structure model' 'Version format compliance' 
2 3 'Structure model' 'Version format compliance' 
3 4 'Structure model' 'Source and taxonomy'       
4 5 'Structure model' 'Data collection'           
5 5 'Structure model' 'Database references'       
6 5 'Structure model' 'Derived calculations'      
7 5 'Structure model' Other                       
8 5 'Structure model' 'Structure summary'         
# 
loop_
_pdbx_audit_revision_category.ordinal 
_pdbx_audit_revision_category.revision_ordinal 
_pdbx_audit_revision_category.data_content_type 
_pdbx_audit_revision_category.category 
1 4 'Structure model' entity_src_gen            
2 5 'Structure model' chem_comp_atom            
3 5 'Structure model' chem_comp_bond            
4 5 'Structure model' database_2                
5 5 'Structure model' pdbx_database_status      
6 5 'Structure model' pdbx_entry_details        
7 5 'Structure model' pdbx_modification_feature 
8 5 'Structure model' struct_conn               
# 
loop_
_pdbx_audit_revision_item.ordinal 
_pdbx_audit_revision_item.revision_ordinal 
_pdbx_audit_revision_item.data_content_type 
_pdbx_audit_revision_item.item 
1 4 'Structure model' '_entity_src_gen.pdbx_host_org_ncbi_taxonomy_id' 
2 4 'Structure model' '_entity_src_gen.pdbx_host_org_scientific_name'  
3 4 'Structure model' '_entity_src_gen.pdbx_host_org_strain'           
4 4 'Structure model' '_entity_src_gen.pdbx_host_org_variant'          
5 5 'Structure model' '_database_2.pdbx_DOI'                           
6 5 'Structure model' '_database_2.pdbx_database_accession'            
7 5 'Structure model' '_pdbx_database_status.status_code_sf'           
8 5 'Structure model' '_struct_conn.pdbx_leaving_atom_flag'            
# 
_pdbx_database_status.status_code                     REL 
_pdbx_database_status.entry_id                        1W2E 
_pdbx_database_status.deposit_site                    PDBE 
_pdbx_database_status.process_site                    PDBE 
_pdbx_database_status.SG_entry                        . 
_pdbx_database_status.recvd_initial_deposition_date   2004-07-01 
_pdbx_database_status.pdb_format_compatible           Y 
_pdbx_database_status.status_code_sf                  REL 
_pdbx_database_status.status_code_mr                  ? 
_pdbx_database_status.status_code_cs                  ? 
_pdbx_database_status.methods_development_category    ? 
_pdbx_database_status.status_code_nmr_data            ? 
# 
_pdbx_database_related.db_name        PDB 
_pdbx_database_related.db_id          1T3U 
_pdbx_database_related.content_type   unspecified 
_pdbx_database_related.details        'UNKNOWN CONSERVED BACTERIAL PROTEIN FROM PSEUDOMONASAERUGINOSA PAO1' 
# 
loop_
_audit_author.name 
_audit_author.pdbx_ordinal 
'Low, H.H.'        1 
'Moncrieffe, M.C.' 2 
'Lowe, J.'         3 
# 
_citation.id                        primary 
_citation.title                     'The Crystal Structure of Zapa and its Modulation of Ftsz Polymerisation' 
_citation.journal_abbrev            J.Mol.Biol. 
_citation.journal_volume            341 
_citation.page_first                839 
_citation.page_last                 ? 
_citation.year                      2004 
_citation.journal_id_ASTM           JMOBAK 
_citation.country                   UK 
_citation.journal_id_ISSN           0022-2836 
_citation.journal_id_CSD            0070 
_citation.book_publisher            ? 
_citation.pdbx_database_id_PubMed   15288790 
_citation.pdbx_database_id_DOI      10.1016/J.JMB.2004.05.031 
# 
loop_
_citation_author.citation_id 
_citation_author.name 
_citation_author.ordinal 
_citation_author.identifier_ORCID 
primary 'Low, H.H.'        1 ? 
primary 'Moncrieffe, M.C.' 2 ? 
primary 'Lowe, J.'         3 ? 
# 
loop_
_entity.id 
_entity.type 
_entity.src_method 
_entity.pdbx_description 
_entity.formula_weight 
_entity.pdbx_number_of_molecules 
_entity.pdbx_ec 
_entity.pdbx_mutation 
_entity.pdbx_fragment 
_entity.details 
1 polymer man ZAPA  11813.772 2  ? ? ? ? 
2 water   nat water 18.015    12 ? ? ? ? 
# 
_entity_name_com.entity_id   1 
_entity_name_com.name        'HYPOTHETICAL PROTEIN PA5227' 
# 
_entity_poly.entity_id                      1 
_entity_poly.type                           'polypeptide(L)' 
_entity_poly.nstd_linkage                   no 
_entity_poly.nstd_monomer                   yes 
_entity_poly.pdbx_seq_one_letter_code       
;(MSE)SQSNTLTVQILDKEYCINCPDDERANLESAARYLDGK(MSE)REIRSSGKVIGADRVAV(MSE)AALNITHDLLH
RKERLDQESSSTRERVRELLDRVDRALANPADAGEA
;
_entity_poly.pdbx_seq_one_letter_code_can   
;MSQSNTLTVQILDKEYCINCPDDERANLESAARYLDGKMREIRSSGKVIGADRVAVMAALNITHDLLHRKERLDQESSST
RERVRELLDRVDRALANPADAGEA
;
_entity_poly.pdbx_strand_id                 A,B 
_entity_poly.pdbx_target_identifier         ? 
# 
_pdbx_entity_nonpoly.entity_id   2 
_pdbx_entity_nonpoly.name        water 
_pdbx_entity_nonpoly.comp_id     HOH 
# 
loop_
_entity_poly_seq.entity_id 
_entity_poly_seq.num 
_entity_poly_seq.mon_id 
_entity_poly_seq.hetero 
1 1   MSE n 
1 2   SER n 
1 3   GLN n 
1 4   SER n 
1 5   ASN n 
1 6   THR n 
1 7   LEU n 
1 8   THR n 
1 9   VAL n 
1 10  GLN n 
1 11  ILE n 
1 12  LEU n 
1 13  ASP n 
1 14  LYS n 
1 15  GLU n 
1 16  TYR n 
1 17  CYS n 
1 18  ILE n 
1 19  ASN n 
1 20  CYS n 
1 21  PRO n 
1 22  ASP n 
1 23  ASP n 
1 24  GLU n 
1 25  ARG n 
1 26  ALA n 
1 27  ASN n 
1 28  LEU n 
1 29  GLU n 
1 30  SER n 
1 31  ALA n 
1 32  ALA n 
1 33  ARG n 
1 34  TYR n 
1 35  LEU n 
1 36  ASP n 
1 37  GLY n 
1 38  LYS n 
1 39  MSE n 
1 40  ARG n 
1 41  GLU n 
1 42  ILE n 
1 43  ARG n 
1 44  SER n 
1 45  SER n 
1 46  GLY n 
1 47  LYS n 
1 48  VAL n 
1 49  ILE n 
1 50  GLY n 
1 51  ALA n 
1 52  ASP n 
1 53  ARG n 
1 54  VAL n 
1 55  ALA n 
1 56  VAL n 
1 57  MSE n 
1 58  ALA n 
1 59  ALA n 
1 60  LEU n 
1 61  ASN n 
1 62  ILE n 
1 63  THR n 
1 64  HIS n 
1 65  ASP n 
1 66  LEU n 
1 67  LEU n 
1 68  HIS n 
1 69  ARG n 
1 70  LYS n 
1 71  GLU n 
1 72  ARG n 
1 73  LEU n 
1 74  ASP n 
1 75  GLN n 
1 76  GLU n 
1 77  SER n 
1 78  SER n 
1 79  SER n 
1 80  THR n 
1 81  ARG n 
1 82  GLU n 
1 83  ARG n 
1 84  VAL n 
1 85  ARG n 
1 86  GLU n 
1 87  LEU n 
1 88  LEU n 
1 89  ASP n 
1 90  ARG n 
1 91  VAL n 
1 92  ASP n 
1 93  ARG n 
1 94  ALA n 
1 95  LEU n 
1 96  ALA n 
1 97  ASN n 
1 98  PRO n 
1 99  ALA n 
1 100 ASP n 
1 101 ALA n 
1 102 GLY n 
1 103 GLU n 
1 104 ALA n 
# 
_entity_src_gen.entity_id                          1 
_entity_src_gen.pdbx_src_id                        1 
_entity_src_gen.pdbx_alt_source_flag               sample 
_entity_src_gen.pdbx_seq_type                      ? 
_entity_src_gen.pdbx_beg_seq_num                   ? 
_entity_src_gen.pdbx_end_seq_num                   ? 
_entity_src_gen.gene_src_common_name               ? 
_entity_src_gen.gene_src_genus                     ? 
_entity_src_gen.pdbx_gene_src_gene                 ? 
_entity_src_gen.gene_src_species                   ? 
_entity_src_gen.gene_src_strain                    PA01-LAC 
_entity_src_gen.gene_src_tissue                    ? 
_entity_src_gen.gene_src_tissue_fraction           ? 
_entity_src_gen.gene_src_details                   ? 
_entity_src_gen.pdbx_gene_src_fragment             ? 
_entity_src_gen.pdbx_gene_src_scientific_name      'PSEUDOMONAS AERUGINOSA' 
_entity_src_gen.pdbx_gene_src_ncbi_taxonomy_id     287 
_entity_src_gen.pdbx_gene_src_variant              ? 
_entity_src_gen.pdbx_gene_src_cell_line            ? 
_entity_src_gen.pdbx_gene_src_atcc                 47085D 
_entity_src_gen.pdbx_gene_src_organ                ? 
_entity_src_gen.pdbx_gene_src_organelle            ? 
_entity_src_gen.pdbx_gene_src_cell                 ? 
_entity_src_gen.pdbx_gene_src_cellular_location    ? 
_entity_src_gen.host_org_common_name               ? 
_entity_src_gen.pdbx_host_org_scientific_name      'ESCHERICHIA COLI BL21(DE3)' 
_entity_src_gen.pdbx_host_org_ncbi_taxonomy_id     469008 
_entity_src_gen.host_org_genus                     ? 
_entity_src_gen.pdbx_host_org_gene                 ? 
_entity_src_gen.pdbx_host_org_organ                ? 
_entity_src_gen.host_org_species                   ? 
_entity_src_gen.pdbx_host_org_tissue               ? 
_entity_src_gen.pdbx_host_org_tissue_fraction      ? 
_entity_src_gen.pdbx_host_org_strain               ? 
_entity_src_gen.pdbx_host_org_variant              C41 
_entity_src_gen.pdbx_host_org_cell_line            ? 
_entity_src_gen.pdbx_host_org_atcc                 ? 
_entity_src_gen.pdbx_host_org_culture_collection   ? 
_entity_src_gen.pdbx_host_org_cell                 ? 
_entity_src_gen.pdbx_host_org_organelle            ? 
_entity_src_gen.pdbx_host_org_cellular_location    ? 
_entity_src_gen.pdbx_host_org_vector_type          ? 
_entity_src_gen.pdbx_host_org_vector               ? 
_entity_src_gen.host_org_details                   ? 
_entity_src_gen.expression_system_id               ? 
_entity_src_gen.plasmid_name                       PHIS17 
_entity_src_gen.plasmid_details                    ? 
_entity_src_gen.pdbx_description                   ? 
# 
loop_
_chem_comp.id 
_chem_comp.type 
_chem_comp.mon_nstd_flag 
_chem_comp.name 
_chem_comp.pdbx_synonyms 
_chem_comp.formula 
_chem_comp.formula_weight 
ALA 'L-peptide linking' y ALANINE          ? 'C3 H7 N O2'     89.093  
ARG 'L-peptide linking' y ARGININE         ? 'C6 H15 N4 O2 1' 175.209 
ASN 'L-peptide linking' y ASPARAGINE       ? 'C4 H8 N2 O3'    132.118 
ASP 'L-peptide linking' y 'ASPARTIC ACID'  ? 'C4 H7 N O4'     133.103 
CYS 'L-peptide linking' y CYSTEINE         ? 'C3 H7 N O2 S'   121.158 
GLN 'L-peptide linking' y GLUTAMINE        ? 'C5 H10 N2 O3'   146.144 
GLU 'L-peptide linking' y 'GLUTAMIC ACID'  ? 'C5 H9 N O4'     147.129 
GLY 'peptide linking'   y GLYCINE          ? 'C2 H5 N O2'     75.067  
HIS 'L-peptide linking' y HISTIDINE        ? 'C6 H10 N3 O2 1' 156.162 
HOH non-polymer         . WATER            ? 'H2 O'           18.015  
ILE 'L-peptide linking' y ISOLEUCINE       ? 'C6 H13 N O2'    131.173 
LEU 'L-peptide linking' y LEUCINE          ? 'C6 H13 N O2'    131.173 
LYS 'L-peptide linking' y LYSINE           ? 'C6 H15 N2 O2 1' 147.195 
MSE 'L-peptide linking' n SELENOMETHIONINE ? 'C5 H11 N O2 Se' 196.106 
PRO 'L-peptide linking' y PROLINE          ? 'C5 H9 N O2'     115.130 
SER 'L-peptide linking' y SERINE           ? 'C3 H7 N O3'     105.093 
THR 'L-peptide linking' y THREONINE        ? 'C4 H9 N O3'     119.119 
TYR 'L-peptide linking' y TYROSINE         ? 'C9 H11 N O3'    181.189 
VAL 'L-peptide linking' y VALINE           ? 'C5 H11 N O2'    117.146 
# 
loop_
_pdbx_poly_seq_scheme.asym_id 
_pdbx_poly_seq_scheme.entity_id 
_pdbx_poly_seq_scheme.seq_id 
_pdbx_poly_seq_scheme.mon_id 
_pdbx_poly_seq_scheme.ndb_seq_num 
_pdbx_poly_seq_scheme.pdb_seq_num 
_pdbx_poly_seq_scheme.auth_seq_num 
_pdbx_poly_seq_scheme.pdb_mon_id 
_pdbx_poly_seq_scheme.auth_mon_id 
_pdbx_poly_seq_scheme.pdb_strand_id 
_pdbx_poly_seq_scheme.pdb_ins_code 
_pdbx_poly_seq_scheme.hetero 
A 1 1   MSE 1   1   ?  ?   ?   A . n 
A 1 2   SER 2   2   ?  ?   ?   A . n 
A 1 3   GLN 3   3   ?  ?   ?   A . n 
A 1 4   SER 4   4   ?  ?   ?   A . n 
A 1 5   ASN 5   5   5  ASN ASN A . n 
A 1 6   THR 6   6   6  THR THR A . n 
A 1 7   LEU 7   7   7  LEU LEU A . n 
A 1 8   THR 8   8   8  THR THR A . n 
A 1 9   VAL 9   9   9  VAL VAL A . n 
A 1 10  GLN 10  10  10 GLN GLN A . n 
A 1 11  ILE 11  11  11 ILE ILE A . n 
A 1 12  LEU 12  12  12 LEU LEU A . n 
A 1 13  ASP 13  13  13 ASP ASP A . n 
A 1 14  LYS 14  14  14 LYS LYS A . n 
A 1 15  GLU 15  15  15 GLU GLU A . n 
A 1 16  TYR 16  16  16 TYR TYR A . n 
A 1 17  CYS 17  17  17 CYS CYS A . n 
A 1 18  ILE 18  18  18 ILE ILE A . n 
A 1 19  ASN 19  19  19 ASN ASN A . n 
A 1 20  CYS 20  20  20 CYS CYS A . n 
A 1 21  PRO 21  21  21 PRO PRO A . n 
A 1 22  ASP 22  22  22 ASP ASP A . n 
A 1 23  ASP 23  23  23 ASP ASP A . n 
A 1 24  GLU 24  24  24 GLU GLU A . n 
A 1 25  ARG 25  25  25 ARG ARG A . n 
A 1 26  ALA 26  26  26 ALA ALA A . n 
A 1 27  ASN 27  27  27 ASN ASN A . n 
A 1 28  LEU 28  28  28 LEU LEU A . n 
A 1 29  GLU 29  29  29 GLU GLU A . n 
A 1 30  SER 30  30  30 SER SER A . n 
A 1 31  ALA 31  31  31 ALA ALA A . n 
A 1 32  ALA 32  32  32 ALA ALA A . n 
A 1 33  ARG 33  33  33 ARG ARG A . n 
A 1 34  TYR 34  34  34 TYR TYR A . n 
A 1 35  LEU 35  35  35 LEU LEU A . n 
A 1 36  ASP 36  36  36 ASP ASP A . n 
A 1 37  GLY 37  37  37 GLY GLY A . n 
A 1 38  LYS 38  38  38 LYS LYS A . n 
A 1 39  MSE 39  39  39 MSE MSE A . n 
A 1 40  ARG 40  40  40 ARG ARG A . n 
A 1 41  GLU 41  41  41 GLU GLU A . n 
A 1 42  ILE 42  42  42 ILE ILE A . n 
A 1 43  ARG 43  43  43 ARG ARG A . n 
A 1 44  SER 44  44  44 SER SER A . n 
A 1 45  SER 45  45  45 SER SER A . n 
A 1 46  GLY 46  46  46 GLY GLY A . n 
A 1 47  LYS 47  47  47 LYS LYS A . n 
A 1 48  VAL 48  48  48 VAL VAL A . n 
A 1 49  ILE 49  49  49 ILE ILE A . n 
A 1 50  GLY 50  50  50 GLY GLY A . n 
A 1 51  ALA 51  51  51 ALA ALA A . n 
A 1 52  ASP 52  52  52 ASP ASP A . n 
A 1 53  ARG 53  53  53 ARG ARG A . n 
A 1 54  VAL 54  54  54 VAL VAL A . n 
A 1 55  ALA 55  55  55 ALA ALA A . n 
A 1 56  VAL 56  56  56 VAL VAL A . n 
A 1 57  MSE 57  57  57 MSE MSE A . n 
A 1 58  ALA 58  58  58 ALA ALA A . n 
A 1 59  ALA 59  59  59 ALA ALA A . n 
A 1 60  LEU 60  60  60 LEU LEU A . n 
A 1 61  ASN 61  61  61 ASN ASN A . n 
A 1 62  ILE 62  62  62 ILE ILE A . n 
A 1 63  THR 63  63  63 THR THR A . n 
A 1 64  HIS 64  64  64 HIS HIS A . n 
A 1 65  ASP 65  65  65 ASP ASP A . n 
A 1 66  LEU 66  66  66 LEU LEU A . n 
A 1 67  LEU 67  67  67 LEU LEU A . n 
A 1 68  HIS 68  68  68 HIS HIS A . n 
A 1 69  ARG 69  69  69 ARG ARG A . n 
A 1 70  LYS 70  70  70 LYS LYS A . n 
A 1 71  GLU 71  71  71 GLU GLU A . n 
A 1 72  ARG 72  72  72 ARG ARG A . n 
A 1 73  LEU 73  73  73 LEU LEU A . n 
A 1 74  ASP 74  74  74 ASP ASP A . n 
A 1 75  GLN 75  75  75 GLN GLN A . n 
A 1 76  GLU 76  76  76 GLU GLU A . n 
A 1 77  SER 77  77  77 SER SER A . n 
A 1 78  SER 78  78  78 SER SER A . n 
A 1 79  SER 79  79  79 SER SER A . n 
A 1 80  THR 80  80  80 THR THR A . n 
A 1 81  ARG 81  81  81 ARG ARG A . n 
A 1 82  GLU 82  82  82 GLU GLU A . n 
A 1 83  ARG 83  83  83 ARG ARG A . n 
A 1 84  VAL 84  84  84 VAL VAL A . n 
A 1 85  ARG 85  85  85 ARG ARG A . n 
A 1 86  GLU 86  86  86 GLU GLU A . n 
A 1 87  LEU 87  87  87 LEU LEU A . n 
A 1 88  LEU 88  88  88 LEU LEU A . n 
A 1 89  ASP 89  89  89 ASP ASP A . n 
A 1 90  ARG 90  90  90 ARG ARG A . n 
A 1 91  VAL 91  91  91 VAL VAL A . n 
A 1 92  ASP 92  92  92 ASP ASP A . n 
A 1 93  ARG 93  93  93 ARG ARG A . n 
A 1 94  ALA 94  94  94 ALA ALA A . n 
A 1 95  LEU 95  95  95 LEU LEU A . n 
A 1 96  ALA 96  96  96 ALA ALA A . n 
A 1 97  ASN 97  97  ?  ?   ?   A . n 
A 1 98  PRO 98  98  ?  ?   ?   A . n 
A 1 99  ALA 99  99  ?  ?   ?   A . n 
A 1 100 ASP 100 100 ?  ?   ?   A . n 
A 1 101 ALA 101 101 ?  ?   ?   A . n 
A 1 102 GLY 102 102 ?  ?   ?   A . n 
A 1 103 GLU 103 103 ?  ?   ?   A . n 
A 1 104 ALA 104 104 ?  ?   ?   A . n 
B 1 1   MSE 1   1   ?  ?   ?   B . n 
B 1 2   SER 2   2   ?  ?   ?   B . n 
B 1 3   GLN 3   3   ?  ?   ?   B . n 
B 1 4   SER 4   4   ?  ?   ?   B . n 
B 1 5   ASN 5   5   ?  ?   ?   B . n 
B 1 6   THR 6   6   6  THR THR B . n 
B 1 7   LEU 7   7   7  LEU LEU B . n 
B 1 8   THR 8   8   8  THR THR B . n 
B 1 9   VAL 9   9   9  VAL VAL B . n 
B 1 10  GLN 10  10  10 GLN GLN B . n 
B 1 11  ILE 11  11  11 ILE ILE B . n 
B 1 12  LEU 12  12  12 LEU LEU B . n 
B 1 13  ASP 13  13  13 ASP ASP B . n 
B 1 14  LYS 14  14  14 LYS LYS B . n 
B 1 15  GLU 15  15  15 GLU GLU B . n 
B 1 16  TYR 16  16  16 TYR TYR B . n 
B 1 17  CYS 17  17  17 CYS CYS B . n 
B 1 18  ILE 18  18  18 ILE ILE B . n 
B 1 19  ASN 19  19  19 ASN ASN B . n 
B 1 20  CYS 20  20  20 CYS CYS B . n 
B 1 21  PRO 21  21  21 PRO PRO B . n 
B 1 22  ASP 22  22  22 ASP ASP B . n 
B 1 23  ASP 23  23  23 ASP ASP B . n 
B 1 24  GLU 24  24  24 GLU GLU B . n 
B 1 25  ARG 25  25  25 ARG ARG B . n 
B 1 26  ALA 26  26  26 ALA ALA B . n 
B 1 27  ASN 27  27  27 ASN ASN B . n 
B 1 28  LEU 28  28  28 LEU LEU B . n 
B 1 29  GLU 29  29  29 GLU GLU B . n 
B 1 30  SER 30  30  30 SER SER B . n 
B 1 31  ALA 31  31  31 ALA ALA B . n 
B 1 32  ALA 32  32  32 ALA ALA B . n 
B 1 33  ARG 33  33  33 ARG ARG B . n 
B 1 34  TYR 34  34  34 TYR TYR B . n 
B 1 35  LEU 35  35  35 LEU LEU B . n 
B 1 36  ASP 36  36  36 ASP ASP B . n 
B 1 37  GLY 37  37  37 GLY GLY B . n 
B 1 38  LYS 38  38  38 LYS LYS B . n 
B 1 39  MSE 39  39  39 MSE MSE B . n 
B 1 40  ARG 40  40  40 ARG ARG B . n 
B 1 41  GLU 41  41  41 GLU GLU B . n 
B 1 42  ILE 42  42  42 ILE ILE B . n 
B 1 43  ARG 43  43  43 ARG ARG B . n 
B 1 44  SER 44  44  44 SER SER B . n 
B 1 45  SER 45  45  45 SER SER B . n 
B 1 46  GLY 46  46  46 GLY GLY B . n 
B 1 47  LYS 47  47  47 LYS LYS B . n 
B 1 48  VAL 48  48  48 VAL VAL B . n 
B 1 49  ILE 49  49  49 ILE ILE B . n 
B 1 50  GLY 50  50  50 GLY GLY B . n 
B 1 51  ALA 51  51  51 ALA ALA B . n 
B 1 52  ASP 52  52  52 ASP ASP B . n 
B 1 53  ARG 53  53  53 ARG ARG B . n 
B 1 54  VAL 54  54  54 VAL VAL B . n 
B 1 55  ALA 55  55  55 ALA ALA B . n 
B 1 56  VAL 56  56  56 VAL VAL B . n 
B 1 57  MSE 57  57  57 MSE MSE B . n 
B 1 58  ALA 58  58  58 ALA ALA B . n 
B 1 59  ALA 59  59  59 ALA ALA B . n 
B 1 60  LEU 60  60  60 LEU LEU B . n 
B 1 61  ASN 61  61  61 ASN ASN B . n 
B 1 62  ILE 62  62  62 ILE ILE B . n 
B 1 63  THR 63  63  63 THR THR B . n 
B 1 64  HIS 64  64  64 HIS HIS B . n 
B 1 65  ASP 65  65  65 ASP ASP B . n 
B 1 66  LEU 66  66  66 LEU LEU B . n 
B 1 67  LEU 67  67  67 LEU LEU B . n 
B 1 68  HIS 68  68  68 HIS HIS B . n 
B 1 69  ARG 69  69  69 ARG ARG B . n 
B 1 70  LYS 70  70  70 LYS LYS B . n 
B 1 71  GLU 71  71  71 GLU GLU B . n 
B 1 72  ARG 72  72  72 ARG ARG B . n 
B 1 73  LEU 73  73  73 LEU LEU B . n 
B 1 74  ASP 74  74  74 ASP ASP B . n 
B 1 75  GLN 75  75  75 GLN GLN B . n 
B 1 76  GLU 76  76  76 GLU GLU B . n 
B 1 77  SER 77  77  77 SER SER B . n 
B 1 78  SER 78  78  78 SER SER B . n 
B 1 79  SER 79  79  79 SER SER B . n 
B 1 80  THR 80  80  80 THR THR B . n 
B 1 81  ARG 81  81  81 ARG ARG B . n 
B 1 82  GLU 82  82  82 GLU GLU B . n 
B 1 83  ARG 83  83  83 ARG ARG B . n 
B 1 84  VAL 84  84  84 VAL VAL B . n 
B 1 85  ARG 85  85  85 ARG ARG B . n 
B 1 86  GLU 86  86  86 GLU GLU B . n 
B 1 87  LEU 87  87  87 LEU LEU B . n 
B 1 88  LEU 88  88  88 LEU LEU B . n 
B 1 89  ASP 89  89  89 ASP ASP B . n 
B 1 90  ARG 90  90  90 ARG ARG B . n 
B 1 91  VAL 91  91  91 VAL VAL B . n 
B 1 92  ASP 92  92  92 ASP ASP B . n 
B 1 93  ARG 93  93  93 ARG ARG B . n 
B 1 94  ALA 94  94  94 ALA ALA B . n 
B 1 95  LEU 95  95  95 LEU LEU B . n 
B 1 96  ALA 96  96  96 ALA ALA B . n 
B 1 97  ASN 97  97  97 ASN ASN B . n 
B 1 98  PRO 98  98  ?  ?   ?   B . n 
B 1 99  ALA 99  99  ?  ?   ?   B . n 
B 1 100 ASP 100 100 ?  ?   ?   B . n 
B 1 101 ALA 101 101 ?  ?   ?   B . n 
B 1 102 GLY 102 102 ?  ?   ?   B . n 
B 1 103 GLU 103 103 ?  ?   ?   B . n 
B 1 104 ALA 104 104 ?  ?   ?   B . n 
# 
loop_
_pdbx_nonpoly_scheme.asym_id 
_pdbx_nonpoly_scheme.entity_id 
_pdbx_nonpoly_scheme.mon_id 
_pdbx_nonpoly_scheme.ndb_seq_num 
_pdbx_nonpoly_scheme.pdb_seq_num 
_pdbx_nonpoly_scheme.auth_seq_num 
_pdbx_nonpoly_scheme.pdb_mon_id 
_pdbx_nonpoly_scheme.auth_mon_id 
_pdbx_nonpoly_scheme.pdb_strand_id 
_pdbx_nonpoly_scheme.pdb_ins_code 
C 2 HOH 1 2001 2001 HOH HOH A . 
C 2 HOH 2 2002 2002 HOH HOH A . 
C 2 HOH 3 2003 2003 HOH HOH A . 
C 2 HOH 4 2004 2004 HOH HOH A . 
C 2 HOH 5 2005 2005 HOH HOH A . 
D 2 HOH 1 2001 2001 HOH HOH B . 
D 2 HOH 2 2002 2002 HOH HOH B . 
D 2 HOH 3 2003 2003 HOH HOH B . 
D 2 HOH 4 2004 2004 HOH HOH B . 
D 2 HOH 5 2005 2005 HOH HOH B . 
D 2 HOH 6 2006 2006 HOH HOH B . 
D 2 HOH 7 2007 2007 HOH HOH B . 
# 
loop_
_pdbx_unobs_or_zero_occ_atoms.id 
_pdbx_unobs_or_zero_occ_atoms.PDB_model_num 
_pdbx_unobs_or_zero_occ_atoms.polymer_flag 
_pdbx_unobs_or_zero_occ_atoms.occupancy_flag 
_pdbx_unobs_or_zero_occ_atoms.auth_asym_id 
_pdbx_unobs_or_zero_occ_atoms.auth_comp_id 
_pdbx_unobs_or_zero_occ_atoms.auth_seq_id 
_pdbx_unobs_or_zero_occ_atoms.PDB_ins_code 
_pdbx_unobs_or_zero_occ_atoms.auth_atom_id 
_pdbx_unobs_or_zero_occ_atoms.label_alt_id 
_pdbx_unobs_or_zero_occ_atoms.label_asym_id 
_pdbx_unobs_or_zero_occ_atoms.label_comp_id 
_pdbx_unobs_or_zero_occ_atoms.label_seq_id 
_pdbx_unobs_or_zero_occ_atoms.label_atom_id 
1  1 Y 1 A ALA 96 ? CA  ? A ALA 96 CA  
2  1 Y 1 A ALA 96 ? C   ? A ALA 96 C   
3  1 Y 1 A ALA 96 ? O   ? A ALA 96 O   
4  1 Y 1 A ALA 96 ? CB  ? A ALA 96 CB  
5  1 Y 1 B ASN 97 ? CA  ? B ASN 97 CA  
6  1 Y 1 B ASN 97 ? C   ? B ASN 97 C   
7  1 Y 1 B ASN 97 ? O   ? B ASN 97 O   
8  1 Y 1 B ASN 97 ? CB  ? B ASN 97 CB  
9  1 Y 1 B ASN 97 ? CG  ? B ASN 97 CG  
10 1 Y 1 B ASN 97 ? OD1 ? B ASN 97 OD1 
11 1 Y 1 B ASN 97 ? ND2 ? B ASN 97 ND2 
# 
_software.name             CNS 
_software.classification   refinement 
_software.version          . 
_software.citation_id      ? 
_software.pdbx_ordinal     1 
# 
_cell.entry_id           1W2E 
_cell.length_a           105.960 
_cell.length_b           105.960 
_cell.length_c           36.260 
_cell.angle_alpha        90.00 
_cell.angle_beta         90.00 
_cell.angle_gamma        90.00 
_cell.Z_PDB              16 
_cell.pdbx_unique_axis   ? 
# 
_symmetry.entry_id                         1W2E 
_symmetry.space_group_name_H-M             'P 41 21 2' 
_symmetry.pdbx_full_space_group_name_H-M   ? 
_symmetry.cell_setting                     ? 
_symmetry.Int_Tables_number                92 
# 
_exptl.entry_id          1W2E 
_exptl.method            'X-RAY DIFFRACTION' 
_exptl.crystals_number   ? 
# 
_exptl_crystal.id                    1 
_exptl_crystal.density_meas          ? 
_exptl_crystal.density_Matthews      2.15 
_exptl_crystal.density_percent_sol   43 
_exptl_crystal.description           ? 
# 
_diffrn.id                     1 
_diffrn.ambient_temp           100.0 
_diffrn.ambient_temp_details   ? 
_diffrn.crystal_id             1 
# 
_diffrn_radiation.diffrn_id                        1 
_diffrn_radiation.wavelength_id                    1 
_diffrn_radiation.pdbx_monochromatic_or_laue_m_l   M 
_diffrn_radiation.monochromator                    ? 
_diffrn_radiation.pdbx_diffrn_protocol             MAD 
_diffrn_radiation.pdbx_scattering_type             x-ray 
# 
_diffrn_radiation_wavelength.id           1 
_diffrn_radiation_wavelength.wavelength   0.97 
_diffrn_radiation_wavelength.wt           1.0 
# 
_diffrn_source.diffrn_id                   1 
_diffrn_source.source                      SYNCHROTRON 
_diffrn_source.type                        'SRS BEAMLINE PX14.2' 
_diffrn_source.pdbx_synchrotron_site       SRS 
_diffrn_source.pdbx_synchrotron_beamline   PX14.2 
_diffrn_source.pdbx_wavelength             0.97 
_diffrn_source.pdbx_wavelength_list        ? 
# 
_reflns.pdbx_diffrn_id               1 
_reflns.pdbx_ordinal                 1 
_reflns.entry_id                     1W2E 
_reflns.observed_criterion_sigma_I   0.000 
_reflns.observed_criterion_sigma_F   ? 
_reflns.d_resolution_low             74.330 
_reflns.d_resolution_high            2.800 
_reflns.number_obs                   5317 
_reflns.number_all                   ? 
_reflns.percent_possible_obs         99.5 
_reflns.pdbx_Rmerge_I_obs            0.04000 
_reflns.pdbx_Rsym_value              ? 
_reflns.pdbx_netI_over_sigmaI        47.5000 
_reflns.B_iso_Wilson_estimate        65.699 
_reflns.pdbx_redundancy              12.100 
# 
_reflns_shell.pdbx_diffrn_id         1 
_reflns_shell.pdbx_ordinal           1 
_reflns_shell.d_res_high             2.80 
_reflns_shell.d_res_low              2.95 
_reflns_shell.percent_possible_all   99.5 
_reflns_shell.Rmerge_I_obs           0.06000 
_reflns_shell.pdbx_Rsym_value        ? 
_reflns_shell.meanI_over_sigI_obs    31.500 
_reflns_shell.pdbx_redundancy        12.60 
# 
_refine.pdbx_refine_id                           'X-RAY DIFFRACTION' 
_refine.entry_id                                 1W2E 
_refine.pdbx_diffrn_id                           1 
_refine.pdbx_TLS_residual_ADP_flag               ? 
_refine.ls_number_reflns_obs                     5406 
_refine.ls_number_reflns_all                     ? 
_refine.pdbx_ls_sigma_I                          ? 
_refine.pdbx_ls_sigma_F                          0.0 
_refine.pdbx_data_cutoff_high_absF               10000 
_refine.pdbx_data_cutoff_low_absF                ? 
_refine.pdbx_data_cutoff_high_rms_absF           ? 
_refine.ls_d_res_low                             74.33 
_refine.ls_d_res_high                            2.8 
_refine.ls_percent_reflns_obs                    99.3 
_refine.ls_R_factor_obs                          0.2400 
_refine.ls_R_factor_all                          ? 
_refine.ls_R_factor_R_work                       0.2400 
_refine.ls_R_factor_R_free                       0.2888 
_refine.ls_R_factor_R_free_error                 ? 
_refine.ls_R_factor_R_free_error_details         ? 
_refine.ls_percent_reflns_R_free                 5.1 
_refine.ls_number_reflns_R_free                  280 
_refine.ls_number_parameters                     ? 
_refine.ls_number_restraints                     ? 
_refine.occupancy_min                            ? 
_refine.occupancy_max                            ? 
_refine.correlation_coeff_Fo_to_Fc               ? 
_refine.correlation_coeff_Fo_to_Fc_free          ? 
_refine.B_iso_mean                               53.711 
_refine.aniso_B[1][1]                            -2.267 
_refine.aniso_B[2][2]                            -2.267 
_refine.aniso_B[3][3]                            4.535 
_refine.aniso_B[1][2]                            0.000 
_refine.aniso_B[1][3]                            0.000 
_refine.aniso_B[2][3]                            0.000 
_refine.solvent_model_details                    ? 
_refine.solvent_model_param_ksol                 0.357469 
_refine.solvent_model_param_bsol                 39.4988 
_refine.pdbx_solvent_vdw_probe_radii             ? 
_refine.pdbx_solvent_ion_probe_radii             ? 
_refine.pdbx_solvent_shrinkage_radii             ? 
_refine.pdbx_ls_cross_valid_method               THROUGHOUT 
_refine.details                                  ? 
_refine.pdbx_starting_model                      ? 
_refine.pdbx_method_to_determine_struct          MAD 
_refine.pdbx_isotropic_thermal_model             ? 
_refine.pdbx_stereochemistry_target_values       ? 
_refine.pdbx_stereochem_target_val_spec_case     ? 
_refine.pdbx_R_Free_selection_details            ? 
_refine.pdbx_overall_ESU_R                       ? 
_refine.pdbx_overall_ESU_R_Free                  ? 
_refine.overall_SU_ML                            ? 
_refine.pdbx_overall_phase_error                 ? 
_refine.overall_SU_B                             ? 
_refine.overall_SU_R_Cruickshank_DPI             ? 
_refine.pdbx_overall_SU_R_free_Cruickshank_DPI   ? 
_refine.pdbx_overall_SU_R_Blow_DPI               ? 
_refine.pdbx_overall_SU_R_free_Blow_DPI          ? 
# 
_refine_hist.pdbx_refine_id                   'X-RAY DIFFRACTION' 
_refine_hist.cycle_id                         LAST 
_refine_hist.pdbx_number_atoms_protein        1453 
_refine_hist.pdbx_number_atoms_nucleic_acid   0 
_refine_hist.pdbx_number_atoms_ligand         0 
_refine_hist.number_atoms_solvent             12 
_refine_hist.number_atoms_total               1465 
_refine_hist.d_res_high                       2.8 
_refine_hist.d_res_low                        74.33 
# 
loop_
_refine_ls_restr.type 
_refine_ls_restr.dev_ideal 
_refine_ls_restr.dev_ideal_target 
_refine_ls_restr.weight 
_refine_ls_restr.number 
_refine_ls_restr.pdbx_refine_id 
_refine_ls_restr.pdbx_restraint_function 
c_bond_d                0.007 ? ? ? 'X-RAY DIFFRACTION' ? 
c_bond_d_na             ?     ? ? ? 'X-RAY DIFFRACTION' ? 
c_bond_d_prot           ?     ? ? ? 'X-RAY DIFFRACTION' ? 
c_angle_d               ?     ? ? ? 'X-RAY DIFFRACTION' ? 
c_angle_d_na            ?     ? ? ? 'X-RAY DIFFRACTION' ? 
c_angle_d_prot          ?     ? ? ? 'X-RAY DIFFRACTION' ? 
c_angle_deg             1.199 ? ? ? 'X-RAY DIFFRACTION' ? 
c_angle_deg_na          ?     ? ? ? 'X-RAY DIFFRACTION' ? 
c_angle_deg_prot        ?     ? ? ? 'X-RAY DIFFRACTION' ? 
c_dihedral_angle_d      ?     ? ? ? 'X-RAY DIFFRACTION' ? 
c_dihedral_angle_d_na   ?     ? ? ? 'X-RAY DIFFRACTION' ? 
c_dihedral_angle_d_prot ?     ? ? ? 'X-RAY DIFFRACTION' ? 
c_improper_angle_d      ?     ? ? ? 'X-RAY DIFFRACTION' ? 
c_improper_angle_d_na   ?     ? ? ? 'X-RAY DIFFRACTION' ? 
c_improper_angle_d_prot ?     ? ? ? 'X-RAY DIFFRACTION' ? 
c_mcbond_it             ?     ? ? ? 'X-RAY DIFFRACTION' ? 
c_mcangle_it            ?     ? ? ? 'X-RAY DIFFRACTION' ? 
c_scbond_it             ?     ? ? ? 'X-RAY DIFFRACTION' ? 
c_scangle_it            ?     ? ? ? 'X-RAY DIFFRACTION' ? 
# 
_refine_ls_shell.pdbx_refine_id                   'X-RAY DIFFRACTION' 
_refine_ls_shell.pdbx_total_number_of_bins_used   8 
_refine_ls_shell.d_res_high                       2.8 
_refine_ls_shell.d_res_low                        2.93 
_refine_ls_shell.number_reflns_R_work             609 
_refine_ls_shell.R_factor_R_work                  0.3293 
_refine_ls_shell.percent_reflns_obs               ? 
_refine_ls_shell.R_factor_R_free                  0.3745 
_refine_ls_shell.R_factor_R_free_error            ? 
_refine_ls_shell.percent_reflns_R_free            5 
_refine_ls_shell.number_reflns_R_free             ? 
_refine_ls_shell.number_reflns_all                ? 
_refine_ls_shell.R_factor_all                     ? 
# 
loop_
_pdbx_xplor_file.pdbx_refine_id 
_pdbx_xplor_file.serial_no 
_pdbx_xplor_file.param_file 
_pdbx_xplor_file.topol_file 
'X-RAY DIFFRACTION' 1 PROTEIN_REP.PARAM ? 
'X-RAY DIFFRACTION' 2 WATER_REP.PARAM   ? 
# 
_struct.entry_id                  1W2E 
_struct.title                     'The Crystal Structure of the Bacterial Cell Division Protein ZapA' 
_struct.pdbx_model_details        ? 
_struct.pdbx_CASP_flag            ? 
_struct.pdbx_model_type_details   ? 
# 
_struct_keywords.entry_id        1W2E 
_struct_keywords.pdbx_keywords   'BACTERIAL CELL DIVISION' 
_struct_keywords.text            'BACTERIAL CELL DIVISION, FTSZ MODULATOR' 
# 
loop_
_struct_asym.id 
_struct_asym.pdbx_blank_PDB_chainid_flag 
_struct_asym.pdbx_modified 
_struct_asym.entity_id 
_struct_asym.details 
A N N 1 ? 
B N N 1 ? 
C N N 2 ? 
D N N 2 ? 
# 
_struct_ref.id                         1 
_struct_ref.db_name                    UNP 
_struct_ref.db_code                    Q9HTW3 
_struct_ref.entity_id                  1 
_struct_ref.pdbx_seq_one_letter_code   ? 
_struct_ref.pdbx_align_begin           ? 
_struct_ref.pdbx_db_accession          Q9HTW3 
_struct_ref.pdbx_db_isoform            ? 
# 
loop_
_struct_ref_seq.align_id 
_struct_ref_seq.ref_id 
_struct_ref_seq.pdbx_PDB_id_code 
_struct_ref_seq.pdbx_strand_id 
_struct_ref_seq.seq_align_beg 
_struct_ref_seq.pdbx_seq_align_beg_ins_code 
_struct_ref_seq.seq_align_end 
_struct_ref_seq.pdbx_seq_align_end_ins_code 
_struct_ref_seq.pdbx_db_accession 
_struct_ref_seq.db_align_beg 
_struct_ref_seq.pdbx_db_align_beg_ins_code 
_struct_ref_seq.db_align_end 
_struct_ref_seq.pdbx_db_align_end_ins_code 
_struct_ref_seq.pdbx_auth_seq_align_beg 
_struct_ref_seq.pdbx_auth_seq_align_end 
1 1 1W2E A 1 ? 104 ? Q9HTW3 1 ? 104 ? 1 104 
2 1 1W2E B 1 ? 104 ? Q9HTW3 1 ? 104 ? 1 104 
# 
_pdbx_struct_assembly.id                   1 
_pdbx_struct_assembly.details              author_and_software_defined_assembly 
_pdbx_struct_assembly.method_details       PQS 
_pdbx_struct_assembly.oligomeric_details   tetrameric 
_pdbx_struct_assembly.oligomeric_count     4 
# 
_pdbx_struct_assembly_gen.assembly_id       1 
_pdbx_struct_assembly_gen.oper_expression   1,2 
_pdbx_struct_assembly_gen.asym_id_list      A,B,C,D 
# 
loop_
_pdbx_struct_oper_list.id 
_pdbx_struct_oper_list.type 
_pdbx_struct_oper_list.name 
_pdbx_struct_oper_list.symmetry_operation 
_pdbx_struct_oper_list.matrix[1][1] 
_pdbx_struct_oper_list.matrix[1][2] 
_pdbx_struct_oper_list.matrix[1][3] 
_pdbx_struct_oper_list.vector[1] 
_pdbx_struct_oper_list.matrix[2][1] 
_pdbx_struct_oper_list.matrix[2][2] 
_pdbx_struct_oper_list.matrix[2][3] 
_pdbx_struct_oper_list.vector[2] 
_pdbx_struct_oper_list.matrix[3][1] 
_pdbx_struct_oper_list.matrix[3][2] 
_pdbx_struct_oper_list.matrix[3][3] 
_pdbx_struct_oper_list.vector[3] 
1 'identity operation'         1_555 x,y,z    1.0000000000  0.0000000000  0.0000000000  0.0000000000  0.0000000000  1.0000000000  0.0000000000 0.0000000000   0.0000000000  0.0000000000 1.0000000000 0.0000000000  
2 'crystal symmetry operation' 7_556 y,x,-z+1 -0.9962313280 -0.0402961170 -0.0768073180 -3.5532652196 -0.0402961170 -0.5691381377 0.8212539212 -55.9495105821 -0.0768073180 0.8212539212 0.5653694657 29.1789505206 
# 
_struct_biol.id   1 
# 
loop_
_struct_conf.conf_type_id 
_struct_conf.id 
_struct_conf.pdbx_PDB_helix_id 
_struct_conf.beg_label_comp_id 
_struct_conf.beg_label_asym_id 
_struct_conf.beg_label_seq_id 
_struct_conf.pdbx_beg_PDB_ins_code 
_struct_conf.end_label_comp_id 
_struct_conf.end_label_asym_id 
_struct_conf.end_label_seq_id 
_struct_conf.pdbx_end_PDB_ins_code 
_struct_conf.beg_auth_comp_id 
_struct_conf.beg_auth_asym_id 
_struct_conf.beg_auth_seq_id 
_struct_conf.end_auth_comp_id 
_struct_conf.end_auth_asym_id 
_struct_conf.end_auth_seq_id 
_struct_conf.pdbx_PDB_helix_class 
_struct_conf.details 
_struct_conf.pdbx_PDB_helix_length 
HELX_P HELX_P1 1 PRO A 21 ? ASP A 23 ? PRO A 21 ASP A 23 5 ? 3  
HELX_P HELX_P2 2 GLU A 24 ? SER A 44 ? GLU A 24 SER A 44 1 ? 21 
HELX_P HELX_P3 3 GLY A 50 ? ALA A 94 ? GLY A 50 ALA A 94 1 ? 45 
HELX_P HELX_P4 4 PRO B 21 ? ASP B 23 ? PRO B 21 ASP B 23 5 ? 3  
HELX_P HELX_P5 5 GLU B 24 ? GLY B 46 ? GLU B 24 GLY B 46 1 ? 23 
HELX_P HELX_P6 6 GLY B 50 ? ALA B 96 ? GLY B 50 ALA B 96 1 ? 47 
# 
_struct_conf_type.id          HELX_P 
_struct_conf_type.criteria    ? 
_struct_conf_type.reference   ? 
# 
loop_
_struct_conn.id 
_struct_conn.conn_type_id 
_struct_conn.pdbx_leaving_atom_flag 
_struct_conn.pdbx_PDB_id 
_struct_conn.ptnr1_label_asym_id 
_struct_conn.ptnr1_label_comp_id 
_struct_conn.ptnr1_label_seq_id 
_struct_conn.ptnr1_label_atom_id 
_struct_conn.pdbx_ptnr1_label_alt_id 
_struct_conn.pdbx_ptnr1_PDB_ins_code 
_struct_conn.pdbx_ptnr1_standard_comp_id 
_struct_conn.ptnr1_symmetry 
_struct_conn.ptnr2_label_asym_id 
_struct_conn.ptnr2_label_comp_id 
_struct_conn.ptnr2_label_seq_id 
_struct_conn.ptnr2_label_atom_id 
_struct_conn.pdbx_ptnr2_label_alt_id 
_struct_conn.pdbx_ptnr2_PDB_ins_code 
_struct_conn.ptnr1_auth_asym_id 
_struct_conn.ptnr1_auth_comp_id 
_struct_conn.ptnr1_auth_seq_id 
_struct_conn.ptnr2_auth_asym_id 
_struct_conn.ptnr2_auth_comp_id 
_struct_conn.ptnr2_auth_seq_id 
_struct_conn.ptnr2_symmetry 
_struct_conn.pdbx_ptnr3_label_atom_id 
_struct_conn.pdbx_ptnr3_label_seq_id 
_struct_conn.pdbx_ptnr3_label_comp_id 
_struct_conn.pdbx_ptnr3_label_asym_id 
_struct_conn.pdbx_ptnr3_label_alt_id 
_struct_conn.pdbx_ptnr3_PDB_ins_code 
_struct_conn.details 
_struct_conn.pdbx_dist_value 
_struct_conn.pdbx_value_order 
_struct_conn.pdbx_role 
covale1 covale both ? A LYS 38 C ? ? ? 1_555 A MSE 39 N ? ? A LYS 38 A MSE 39 1_555 ? ? ? ? ? ? ? 1.330 ? ? 
covale2 covale both ? A MSE 39 C ? ? ? 1_555 A ARG 40 N ? ? A MSE 39 A ARG 40 1_555 ? ? ? ? ? ? ? 1.333 ? ? 
covale3 covale both ? A VAL 56 C ? ? ? 1_555 A MSE 57 N ? ? A VAL 56 A MSE 57 1_555 ? ? ? ? ? ? ? 1.329 ? ? 
covale4 covale both ? A MSE 57 C ? ? ? 1_555 A ALA 58 N ? ? A MSE 57 A ALA 58 1_555 ? ? ? ? ? ? ? 1.327 ? ? 
covale5 covale both ? B LYS 38 C ? ? ? 1_555 B MSE 39 N ? ? B LYS 38 B MSE 39 1_555 ? ? ? ? ? ? ? 1.331 ? ? 
covale6 covale both ? B MSE 39 C ? ? ? 1_555 B ARG 40 N ? ? B MSE 39 B ARG 40 1_555 ? ? ? ? ? ? ? 1.328 ? ? 
covale7 covale both ? B VAL 56 C ? ? ? 1_555 B MSE 57 N ? ? B VAL 56 B MSE 57 1_555 ? ? ? ? ? ? ? 1.328 ? ? 
covale8 covale both ? B MSE 57 C ? ? ? 1_555 B ALA 58 N ? ? B MSE 57 B ALA 58 1_555 ? ? ? ? ? ? ? 1.331 ? ? 
# 
_struct_conn_type.id          covale 
_struct_conn_type.criteria    ? 
_struct_conn_type.reference   ? 
# 
loop_
_pdbx_modification_feature.ordinal 
_pdbx_modification_feature.label_comp_id 
_pdbx_modification_feature.label_asym_id 
_pdbx_modification_feature.label_seq_id 
_pdbx_modification_feature.label_alt_id 
_pdbx_modification_feature.modified_residue_label_comp_id 
_pdbx_modification_feature.modified_residue_label_asym_id 
_pdbx_modification_feature.modified_residue_label_seq_id 
_pdbx_modification_feature.modified_residue_label_alt_id 
_pdbx_modification_feature.auth_comp_id 
_pdbx_modification_feature.auth_asym_id 
_pdbx_modification_feature.auth_seq_id 
_pdbx_modification_feature.PDB_ins_code 
_pdbx_modification_feature.symmetry 
_pdbx_modification_feature.modified_residue_auth_comp_id 
_pdbx_modification_feature.modified_residue_auth_asym_id 
_pdbx_modification_feature.modified_residue_auth_seq_id 
_pdbx_modification_feature.modified_residue_PDB_ins_code 
_pdbx_modification_feature.modified_residue_symmetry 
_pdbx_modification_feature.comp_id_linking_atom 
_pdbx_modification_feature.modified_residue_id_linking_atom 
_pdbx_modification_feature.modified_residue_id 
_pdbx_modification_feature.ref_pcm_id 
_pdbx_modification_feature.ref_comp_id 
_pdbx_modification_feature.type 
_pdbx_modification_feature.category 
1 MSE A 39 ? . . . . MSE A 39 ? 1_555 . . . . . . . MET 1 MSE Selenomethionine 'Named protein modification' 
2 MSE A 57 ? . . . . MSE A 57 ? 1_555 . . . . . . . MET 1 MSE Selenomethionine 'Named protein modification' 
3 MSE B 39 ? . . . . MSE B 39 ? 1_555 . . . . . . . MET 1 MSE Selenomethionine 'Named protein modification' 
4 MSE B 57 ? . . . . MSE B 57 ? 1_555 . . . . . . . MET 1 MSE Selenomethionine 'Named protein modification' 
# 
loop_
_struct_sheet.id 
_struct_sheet.type 
_struct_sheet.number_strands 
_struct_sheet.details 
AA ? 2 ? 
BA ? 2 ? 
# 
loop_
_struct_sheet_order.sheet_id 
_struct_sheet_order.range_id_1 
_struct_sheet_order.range_id_2 
_struct_sheet_order.offset 
_struct_sheet_order.sense 
AA 1 2 ? anti-parallel 
BA 1 2 ? anti-parallel 
# 
loop_
_struct_sheet_range.sheet_id 
_struct_sheet_range.id 
_struct_sheet_range.beg_label_comp_id 
_struct_sheet_range.beg_label_asym_id 
_struct_sheet_range.beg_label_seq_id 
_struct_sheet_range.pdbx_beg_PDB_ins_code 
_struct_sheet_range.end_label_comp_id 
_struct_sheet_range.end_label_asym_id 
_struct_sheet_range.end_label_seq_id 
_struct_sheet_range.pdbx_end_PDB_ins_code 
_struct_sheet_range.beg_auth_comp_id 
_struct_sheet_range.beg_auth_asym_id 
_struct_sheet_range.beg_auth_seq_id 
_struct_sheet_range.end_auth_comp_id 
_struct_sheet_range.end_auth_asym_id 
_struct_sheet_range.end_auth_seq_id 
AA 1 THR A 6  ? ILE A 11 ? THR A 6  ILE A 11 
AA 2 LYS A 14 ? ASN A 19 ? LYS A 14 ASN A 19 
BA 1 LEU B 7  ? GLN B 10 ? LEU B 7  GLN B 10 
BA 2 GLU B 15 ? ILE B 18 ? GLU B 15 ILE B 18 
# 
loop_
_pdbx_struct_sheet_hbond.sheet_id 
_pdbx_struct_sheet_hbond.range_id_1 
_pdbx_struct_sheet_hbond.range_id_2 
_pdbx_struct_sheet_hbond.range_1_label_atom_id 
_pdbx_struct_sheet_hbond.range_1_label_comp_id 
_pdbx_struct_sheet_hbond.range_1_label_asym_id 
_pdbx_struct_sheet_hbond.range_1_label_seq_id 
_pdbx_struct_sheet_hbond.range_1_PDB_ins_code 
_pdbx_struct_sheet_hbond.range_1_auth_atom_id 
_pdbx_struct_sheet_hbond.range_1_auth_comp_id 
_pdbx_struct_sheet_hbond.range_1_auth_asym_id 
_pdbx_struct_sheet_hbond.range_1_auth_seq_id 
_pdbx_struct_sheet_hbond.range_2_label_atom_id 
_pdbx_struct_sheet_hbond.range_2_label_comp_id 
_pdbx_struct_sheet_hbond.range_2_label_asym_id 
_pdbx_struct_sheet_hbond.range_2_label_seq_id 
_pdbx_struct_sheet_hbond.range_2_PDB_ins_code 
_pdbx_struct_sheet_hbond.range_2_auth_atom_id 
_pdbx_struct_sheet_hbond.range_2_auth_comp_id 
_pdbx_struct_sheet_hbond.range_2_auth_asym_id 
_pdbx_struct_sheet_hbond.range_2_auth_seq_id 
AA 1 2 N ILE A 11 ? N ILE A 11 O LYS A 14 ? O LYS A 14 
BA 1 2 N VAL B 9  ? N VAL B 9  O TYR B 16 ? O TYR B 16 
# 
_pdbx_entry_details.entry_id                   1W2E 
_pdbx_entry_details.compound_details           ? 
_pdbx_entry_details.source_details             ? 
_pdbx_entry_details.nonpolymer_details         ? 
_pdbx_entry_details.sequence_details           ? 
_pdbx_entry_details.has_ligand_of_interest     ? 
_pdbx_entry_details.has_protein_modification   Y 
# 
loop_
_pdbx_validate_torsion.id 
_pdbx_validate_torsion.PDB_model_num 
_pdbx_validate_torsion.auth_comp_id 
_pdbx_validate_torsion.auth_asym_id 
_pdbx_validate_torsion.auth_seq_id 
_pdbx_validate_torsion.PDB_ins_code 
_pdbx_validate_torsion.label_alt_id 
_pdbx_validate_torsion.phi 
_pdbx_validate_torsion.psi 
1 1 ASP A 22 ? ? -37.68  -33.07  
2 1 SER A 44 ? ? -81.17  43.95   
3 1 SER A 45 ? ? -141.37 -70.82  
4 1 LEU A 95 ? ? 169.04  -172.60 
5 1 ASP B 22 ? ? -4.41   -56.61  
# 
loop_
_pdbx_struct_mod_residue.id 
_pdbx_struct_mod_residue.label_asym_id 
_pdbx_struct_mod_residue.label_comp_id 
_pdbx_struct_mod_residue.label_seq_id 
_pdbx_struct_mod_residue.auth_asym_id 
_pdbx_struct_mod_residue.auth_comp_id 
_pdbx_struct_mod_residue.auth_seq_id 
_pdbx_struct_mod_residue.PDB_ins_code 
_pdbx_struct_mod_residue.parent_comp_id 
_pdbx_struct_mod_residue.details 
1 A MSE 39 A MSE 39 ? MET SELENOMETHIONINE 
2 A MSE 57 A MSE 57 ? MET SELENOMETHIONINE 
3 B MSE 39 B MSE 39 ? MET SELENOMETHIONINE 
4 B MSE 57 B MSE 57 ? MET SELENOMETHIONINE 
# 
loop_
_pdbx_unobs_or_zero_occ_residues.id 
_pdbx_unobs_or_zero_occ_residues.PDB_model_num 
_pdbx_unobs_or_zero_occ_residues.polymer_flag 
_pdbx_unobs_or_zero_occ_residues.occupancy_flag 
_pdbx_unobs_or_zero_occ_residues.auth_asym_id 
_pdbx_unobs_or_zero_occ_residues.auth_comp_id 
_pdbx_unobs_or_zero_occ_residues.auth_seq_id 
_pdbx_unobs_or_zero_occ_residues.PDB_ins_code 
_pdbx_unobs_or_zero_occ_residues.label_asym_id 
_pdbx_unobs_or_zero_occ_residues.label_comp_id 
_pdbx_unobs_or_zero_occ_residues.label_seq_id 
1  1 Y 1 A MSE 1   ? A MSE 1   
2  1 Y 1 A SER 2   ? A SER 2   
3  1 Y 1 A GLN 3   ? A GLN 3   
4  1 Y 1 A SER 4   ? A SER 4   
5  1 Y 1 A ASN 97  ? A ASN 97  
6  1 Y 1 A PRO 98  ? A PRO 98  
7  1 Y 1 A ALA 99  ? A ALA 99  
8  1 Y 1 A ASP 100 ? A ASP 100 
9  1 Y 1 A ALA 101 ? A ALA 101 
10 1 Y 1 A GLY 102 ? A GLY 102 
11 1 Y 1 A GLU 103 ? A GLU 103 
12 1 Y 1 A ALA 104 ? A ALA 104 
13 1 Y 1 B MSE 1   ? B MSE 1   
14 1 Y 1 B SER 2   ? B SER 2   
15 1 Y 1 B GLN 3   ? B GLN 3   
16 1 Y 1 B SER 4   ? B SER 4   
17 1 Y 1 B ASN 5   ? B ASN 5   
18 1 Y 1 B PRO 98  ? B PRO 98  
19 1 Y 1 B ALA 99  ? B ALA 99  
20 1 Y 1 B ASP 100 ? B ASP 100 
21 1 Y 1 B ALA 101 ? B ALA 101 
22 1 Y 1 B GLY 102 ? B GLY 102 
23 1 Y 1 B GLU 103 ? B GLU 103 
24 1 Y 1 B ALA 104 ? B ALA 104 
# 
loop_
_chem_comp_atom.comp_id 
_chem_comp_atom.atom_id 
_chem_comp_atom.type_symbol 
_chem_comp_atom.pdbx_aromatic_flag 
_chem_comp_atom.pdbx_stereo_config 
_chem_comp_atom.pdbx_ordinal 
ALA N    N  N N 1   
ALA CA   C  N S 2   
ALA C    C  N N 3   
ALA O    O  N N 4   
ALA CB   C  N N 5   
ALA OXT  O  N N 6   
ALA H    H  N N 7   
ALA H2   H  N N 8   
ALA HA   H  N N 9   
ALA HB1  H  N N 10  
ALA HB2  H  N N 11  
ALA HB3  H  N N 12  
ALA HXT  H  N N 13  
ARG N    N  N N 14  
ARG CA   C  N S 15  
ARG C    C  N N 16  
ARG O    O  N N 17  
ARG CB   C  N N 18  
ARG CG   C  N N 19  
ARG CD   C  N N 20  
ARG NE   N  N N 21  
ARG CZ   C  N N 22  
ARG NH1  N  N N 23  
ARG NH2  N  N N 24  
ARG OXT  O  N N 25  
ARG H    H  N N 26  
ARG H2   H  N N 27  
ARG HA   H  N N 28  
ARG HB2  H  N N 29  
ARG HB3  H  N N 30  
ARG HG2  H  N N 31  
ARG HG3  H  N N 32  
ARG HD2  H  N N 33  
ARG HD3  H  N N 34  
ARG HE   H  N N 35  
ARG HH11 H  N N 36  
ARG HH12 H  N N 37  
ARG HH21 H  N N 38  
ARG HH22 H  N N 39  
ARG HXT  H  N N 40  
ASN N    N  N N 41  
ASN CA   C  N S 42  
ASN C    C  N N 43  
ASN O    O  N N 44  
ASN CB   C  N N 45  
ASN CG   C  N N 46  
ASN OD1  O  N N 47  
ASN ND2  N  N N 48  
ASN OXT  O  N N 49  
ASN H    H  N N 50  
ASN H2   H  N N 51  
ASN HA   H  N N 52  
ASN HB2  H  N N 53  
ASN HB3  H  N N 54  
ASN HD21 H  N N 55  
ASN HD22 H  N N 56  
ASN HXT  H  N N 57  
ASP N    N  N N 58  
ASP CA   C  N S 59  
ASP C    C  N N 60  
ASP O    O  N N 61  
ASP CB   C  N N 62  
ASP CG   C  N N 63  
ASP OD1  O  N N 64  
ASP OD2  O  N N 65  
ASP OXT  O  N N 66  
ASP H    H  N N 67  
ASP H2   H  N N 68  
ASP HA   H  N N 69  
ASP HB2  H  N N 70  
ASP HB3  H  N N 71  
ASP HD2  H  N N 72  
ASP HXT  H  N N 73  
CYS N    N  N N 74  
CYS CA   C  N R 75  
CYS C    C  N N 76  
CYS O    O  N N 77  
CYS CB   C  N N 78  
CYS SG   S  N N 79  
CYS OXT  O  N N 80  
CYS H    H  N N 81  
CYS H2   H  N N 82  
CYS HA   H  N N 83  
CYS HB2  H  N N 84  
CYS HB3  H  N N 85  
CYS HG   H  N N 86  
CYS HXT  H  N N 87  
GLN N    N  N N 88  
GLN CA   C  N S 89  
GLN C    C  N N 90  
GLN O    O  N N 91  
GLN CB   C  N N 92  
GLN CG   C  N N 93  
GLN CD   C  N N 94  
GLN OE1  O  N N 95  
GLN NE2  N  N N 96  
GLN OXT  O  N N 97  
GLN H    H  N N 98  
GLN H2   H  N N 99  
GLN HA   H  N N 100 
GLN HB2  H  N N 101 
GLN HB3  H  N N 102 
GLN HG2  H  N N 103 
GLN HG3  H  N N 104 
GLN HE21 H  N N 105 
GLN HE22 H  N N 106 
GLN HXT  H  N N 107 
GLU N    N  N N 108 
GLU CA   C  N S 109 
GLU C    C  N N 110 
GLU O    O  N N 111 
GLU CB   C  N N 112 
GLU CG   C  N N 113 
GLU CD   C  N N 114 
GLU OE1  O  N N 115 
GLU OE2  O  N N 116 
GLU OXT  O  N N 117 
GLU H    H  N N 118 
GLU H2   H  N N 119 
GLU HA   H  N N 120 
GLU HB2  H  N N 121 
GLU HB3  H  N N 122 
GLU HG2  H  N N 123 
GLU HG3  H  N N 124 
GLU HE2  H  N N 125 
GLU HXT  H  N N 126 
GLY N    N  N N 127 
GLY CA   C  N N 128 
GLY C    C  N N 129 
GLY O    O  N N 130 
GLY OXT  O  N N 131 
GLY H    H  N N 132 
GLY H2   H  N N 133 
GLY HA2  H  N N 134 
GLY HA3  H  N N 135 
GLY HXT  H  N N 136 
HIS N    N  N N 137 
HIS CA   C  N S 138 
HIS C    C  N N 139 
HIS O    O  N N 140 
HIS CB   C  N N 141 
HIS CG   C  Y N 142 
HIS ND1  N  Y N 143 
HIS CD2  C  Y N 144 
HIS CE1  C  Y N 145 
HIS NE2  N  Y N 146 
HIS OXT  O  N N 147 
HIS H    H  N N 148 
HIS H2   H  N N 149 
HIS HA   H  N N 150 
HIS HB2  H  N N 151 
HIS HB3  H  N N 152 
HIS HD1  H  N N 153 
HIS HD2  H  N N 154 
HIS HE1  H  N N 155 
HIS HE2  H  N N 156 
HIS HXT  H  N N 157 
HOH O    O  N N 158 
HOH H1   H  N N 159 
HOH H2   H  N N 160 
ILE N    N  N N 161 
ILE CA   C  N S 162 
ILE C    C  N N 163 
ILE O    O  N N 164 
ILE CB   C  N S 165 
ILE CG1  C  N N 166 
ILE CG2  C  N N 167 
ILE CD1  C  N N 168 
ILE OXT  O  N N 169 
ILE H    H  N N 170 
ILE H2   H  N N 171 
ILE HA   H  N N 172 
ILE HB   H  N N 173 
ILE HG12 H  N N 174 
ILE HG13 H  N N 175 
ILE HG21 H  N N 176 
ILE HG22 H  N N 177 
ILE HG23 H  N N 178 
ILE HD11 H  N N 179 
ILE HD12 H  N N 180 
ILE HD13 H  N N 181 
ILE HXT  H  N N 182 
LEU N    N  N N 183 
LEU CA   C  N S 184 
LEU C    C  N N 185 
LEU O    O  N N 186 
LEU CB   C  N N 187 
LEU CG   C  N N 188 
LEU CD1  C  N N 189 
LEU CD2  C  N N 190 
LEU OXT  O  N N 191 
LEU H    H  N N 192 
LEU H2   H  N N 193 
LEU HA   H  N N 194 
LEU HB2  H  N N 195 
LEU HB3  H  N N 196 
LEU HG   H  N N 197 
LEU HD11 H  N N 198 
LEU HD12 H  N N 199 
LEU HD13 H  N N 200 
LEU HD21 H  N N 201 
LEU HD22 H  N N 202 
LEU HD23 H  N N 203 
LEU HXT  H  N N 204 
LYS N    N  N N 205 
LYS CA   C  N S 206 
LYS C    C  N N 207 
LYS O    O  N N 208 
LYS CB   C  N N 209 
LYS CG   C  N N 210 
LYS CD   C  N N 211 
LYS CE   C  N N 212 
LYS NZ   N  N N 213 
LYS OXT  O  N N 214 
LYS H    H  N N 215 
LYS H2   H  N N 216 
LYS HA   H  N N 217 
LYS HB2  H  N N 218 
LYS HB3  H  N N 219 
LYS HG2  H  N N 220 
LYS HG3  H  N N 221 
LYS HD2  H  N N 222 
LYS HD3  H  N N 223 
LYS HE2  H  N N 224 
LYS HE3  H  N N 225 
LYS HZ1  H  N N 226 
LYS HZ2  H  N N 227 
LYS HZ3  H  N N 228 
LYS HXT  H  N N 229 
MSE N    N  N N 230 
MSE CA   C  N S 231 
MSE C    C  N N 232 
MSE O    O  N N 233 
MSE OXT  O  N N 234 
MSE CB   C  N N 235 
MSE CG   C  N N 236 
MSE SE   SE N N 237 
MSE CE   C  N N 238 
MSE H    H  N N 239 
MSE H2   H  N N 240 
MSE HA   H  N N 241 
MSE HXT  H  N N 242 
MSE HB2  H  N N 243 
MSE HB3  H  N N 244 
MSE HG2  H  N N 245 
MSE HG3  H  N N 246 
MSE HE1  H  N N 247 
MSE HE2  H  N N 248 
MSE HE3  H  N N 249 
PRO N    N  N N 250 
PRO CA   C  N S 251 
PRO C    C  N N 252 
PRO O    O  N N 253 
PRO CB   C  N N 254 
PRO CG   C  N N 255 
PRO CD   C  N N 256 
PRO OXT  O  N N 257 
PRO H    H  N N 258 
PRO HA   H  N N 259 
PRO HB2  H  N N 260 
PRO HB3  H  N N 261 
PRO HG2  H  N N 262 
PRO HG3  H  N N 263 
PRO HD2  H  N N 264 
PRO HD3  H  N N 265 
PRO HXT  H  N N 266 
SER N    N  N N 267 
SER CA   C  N S 268 
SER C    C  N N 269 
SER O    O  N N 270 
SER CB   C  N N 271 
SER OG   O  N N 272 
SER OXT  O  N N 273 
SER H    H  N N 274 
SER H2   H  N N 275 
SER HA   H  N N 276 
SER HB2  H  N N 277 
SER HB3  H  N N 278 
SER HG   H  N N 279 
SER HXT  H  N N 280 
THR N    N  N N 281 
THR CA   C  N S 282 
THR C    C  N N 283 
THR O    O  N N 284 
THR CB   C  N R 285 
THR OG1  O  N N 286 
THR CG2  C  N N 287 
THR OXT  O  N N 288 
THR H    H  N N 289 
THR H2   H  N N 290 
THR HA   H  N N 291 
THR HB   H  N N 292 
THR HG1  H  N N 293 
THR HG21 H  N N 294 
THR HG22 H  N N 295 
THR HG23 H  N N 296 
THR HXT  H  N N 297 
TYR N    N  N N 298 
TYR CA   C  N S 299 
TYR C    C  N N 300 
TYR O    O  N N 301 
TYR CB   C  N N 302 
TYR CG   C  Y N 303 
TYR CD1  C  Y N 304 
TYR CD2  C  Y N 305 
TYR CE1  C  Y N 306 
TYR CE2  C  Y N 307 
TYR CZ   C  Y N 308 
TYR OH   O  N N 309 
TYR OXT  O  N N 310 
TYR H    H  N N 311 
TYR H2   H  N N 312 
TYR HA   H  N N 313 
TYR HB2  H  N N 314 
TYR HB3  H  N N 315 
TYR HD1  H  N N 316 
TYR HD2  H  N N 317 
TYR HE1  H  N N 318 
TYR HE2  H  N N 319 
TYR HH   H  N N 320 
TYR HXT  H  N N 321 
VAL N    N  N N 322 
VAL CA   C  N S 323 
VAL C    C  N N 324 
VAL O    O  N N 325 
VAL CB   C  N N 326 
VAL CG1  C  N N 327 
VAL CG2  C  N N 328 
VAL OXT  O  N N 329 
VAL H    H  N N 330 
VAL H2   H  N N 331 
VAL HA   H  N N 332 
VAL HB   H  N N 333 
VAL HG11 H  N N 334 
VAL HG12 H  N N 335 
VAL HG13 H  N N 336 
VAL HG21 H  N N 337 
VAL HG22 H  N N 338 
VAL HG23 H  N N 339 
VAL HXT  H  N N 340 
# 
loop_
_chem_comp_bond.comp_id 
_chem_comp_bond.atom_id_1 
_chem_comp_bond.atom_id_2 
_chem_comp_bond.value_order 
_chem_comp_bond.pdbx_aromatic_flag 
_chem_comp_bond.pdbx_stereo_config 
_chem_comp_bond.pdbx_ordinal 
ALA N   CA   sing N N 1   
ALA N   H    sing N N 2   
ALA N   H2   sing N N 3   
ALA CA  C    sing N N 4   
ALA CA  CB   sing N N 5   
ALA CA  HA   sing N N 6   
ALA C   O    doub N N 7   
ALA C   OXT  sing N N 8   
ALA CB  HB1  sing N N 9   
ALA CB  HB2  sing N N 10  
ALA CB  HB3  sing N N 11  
ALA OXT HXT  sing N N 12  
ARG N   CA   sing N N 13  
ARG N   H    sing N N 14  
ARG N   H2   sing N N 15  
ARG CA  C    sing N N 16  
ARG CA  CB   sing N N 17  
ARG CA  HA   sing N N 18  
ARG C   O    doub N N 19  
ARG C   OXT  sing N N 20  
ARG CB  CG   sing N N 21  
ARG CB  HB2  sing N N 22  
ARG CB  HB3  sing N N 23  
ARG CG  CD   sing N N 24  
ARG CG  HG2  sing N N 25  
ARG CG  HG3  sing N N 26  
ARG CD  NE   sing N N 27  
ARG CD  HD2  sing N N 28  
ARG CD  HD3  sing N N 29  
ARG NE  CZ   sing N N 30  
ARG NE  HE   sing N N 31  
ARG CZ  NH1  sing N N 32  
ARG CZ  NH2  doub N N 33  
ARG NH1 HH11 sing N N 34  
ARG NH1 HH12 sing N N 35  
ARG NH2 HH21 sing N N 36  
ARG NH2 HH22 sing N N 37  
ARG OXT HXT  sing N N 38  
ASN N   CA   sing N N 39  
ASN N   H    sing N N 40  
ASN N   H2   sing N N 41  
ASN CA  C    sing N N 42  
ASN CA  CB   sing N N 43  
ASN CA  HA   sing N N 44  
ASN C   O    doub N N 45  
ASN C   OXT  sing N N 46  
ASN CB  CG   sing N N 47  
ASN CB  HB2  sing N N 48  
ASN CB  HB3  sing N N 49  
ASN CG  OD1  doub N N 50  
ASN CG  ND2  sing N N 51  
ASN ND2 HD21 sing N N 52  
ASN ND2 HD22 sing N N 53  
ASN OXT HXT  sing N N 54  
ASP N   CA   sing N N 55  
ASP N   H    sing N N 56  
ASP N   H2   sing N N 57  
ASP CA  C    sing N N 58  
ASP CA  CB   sing N N 59  
ASP CA  HA   sing N N 60  
ASP C   O    doub N N 61  
ASP C   OXT  sing N N 62  
ASP CB  CG   sing N N 63  
ASP CB  HB2  sing N N 64  
ASP CB  HB3  sing N N 65  
ASP CG  OD1  doub N N 66  
ASP CG  OD2  sing N N 67  
ASP OD2 HD2  sing N N 68  
ASP OXT HXT  sing N N 69  
CYS N   CA   sing N N 70  
CYS N   H    sing N N 71  
CYS N   H2   sing N N 72  
CYS CA  C    sing N N 73  
CYS CA  CB   sing N N 74  
CYS CA  HA   sing N N 75  
CYS C   O    doub N N 76  
CYS C   OXT  sing N N 77  
CYS CB  SG   sing N N 78  
CYS CB  HB2  sing N N 79  
CYS CB  HB3  sing N N 80  
CYS SG  HG   sing N N 81  
CYS OXT HXT  sing N N 82  
GLN N   CA   sing N N 83  
GLN N   H    sing N N 84  
GLN N   H2   sing N N 85  
GLN CA  C    sing N N 86  
GLN CA  CB   sing N N 87  
GLN CA  HA   sing N N 88  
GLN C   O    doub N N 89  
GLN C   OXT  sing N N 90  
GLN CB  CG   sing N N 91  
GLN CB  HB2  sing N N 92  
GLN CB  HB3  sing N N 93  
GLN CG  CD   sing N N 94  
GLN CG  HG2  sing N N 95  
GLN CG  HG3  sing N N 96  
GLN CD  OE1  doub N N 97  
GLN CD  NE2  sing N N 98  
GLN NE2 HE21 sing N N 99  
GLN NE2 HE22 sing N N 100 
GLN OXT HXT  sing N N 101 
GLU N   CA   sing N N 102 
GLU N   H    sing N N 103 
GLU N   H2   sing N N 104 
GLU CA  C    sing N N 105 
GLU CA  CB   sing N N 106 
GLU CA  HA   sing N N 107 
GLU C   O    doub N N 108 
GLU C   OXT  sing N N 109 
GLU CB  CG   sing N N 110 
GLU CB  HB2  sing N N 111 
GLU CB  HB3  sing N N 112 
GLU CG  CD   sing N N 113 
GLU CG  HG2  sing N N 114 
GLU CG  HG3  sing N N 115 
GLU CD  OE1  doub N N 116 
GLU CD  OE2  sing N N 117 
GLU OE2 HE2  sing N N 118 
GLU OXT HXT  sing N N 119 
GLY N   CA   sing N N 120 
GLY N   H    sing N N 121 
GLY N   H2   sing N N 122 
GLY CA  C    sing N N 123 
GLY CA  HA2  sing N N 124 
GLY CA  HA3  sing N N 125 
GLY C   O    doub N N 126 
GLY C   OXT  sing N N 127 
GLY OXT HXT  sing N N 128 
HIS N   CA   sing N N 129 
HIS N   H    sing N N 130 
HIS N   H2   sing N N 131 
HIS CA  C    sing N N 132 
HIS CA  CB   sing N N 133 
HIS CA  HA   sing N N 134 
HIS C   O    doub N N 135 
HIS C   OXT  sing N N 136 
HIS CB  CG   sing N N 137 
HIS CB  HB2  sing N N 138 
HIS CB  HB3  sing N N 139 
HIS CG  ND1  sing Y N 140 
HIS CG  CD2  doub Y N 141 
HIS ND1 CE1  doub Y N 142 
HIS ND1 HD1  sing N N 143 
HIS CD2 NE2  sing Y N 144 
HIS CD2 HD2  sing N N 145 
HIS CE1 NE2  sing Y N 146 
HIS CE1 HE1  sing N N 147 
HIS NE2 HE2  sing N N 148 
HIS OXT HXT  sing N N 149 
HOH O   H1   sing N N 150 
HOH O   H2   sing N N 151 
ILE N   CA   sing N N 152 
ILE N   H    sing N N 153 
ILE N   H2   sing N N 154 
ILE CA  C    sing N N 155 
ILE CA  CB   sing N N 156 
ILE CA  HA   sing N N 157 
ILE C   O    doub N N 158 
ILE C   OXT  sing N N 159 
ILE CB  CG1  sing N N 160 
ILE CB  CG2  sing N N 161 
ILE CB  HB   sing N N 162 
ILE CG1 CD1  sing N N 163 
ILE CG1 HG12 sing N N 164 
ILE CG1 HG13 sing N N 165 
ILE CG2 HG21 sing N N 166 
ILE CG2 HG22 sing N N 167 
ILE CG2 HG23 sing N N 168 
ILE CD1 HD11 sing N N 169 
ILE CD1 HD12 sing N N 170 
ILE CD1 HD13 sing N N 171 
ILE OXT HXT  sing N N 172 
LEU N   CA   sing N N 173 
LEU N   H    sing N N 174 
LEU N   H2   sing N N 175 
LEU CA  C    sing N N 176 
LEU CA  CB   sing N N 177 
LEU CA  HA   sing N N 178 
LEU C   O    doub N N 179 
LEU C   OXT  sing N N 180 
LEU CB  CG   sing N N 181 
LEU CB  HB2  sing N N 182 
LEU CB  HB3  sing N N 183 
LEU CG  CD1  sing N N 184 
LEU CG  CD2  sing N N 185 
LEU CG  HG   sing N N 186 
LEU CD1 HD11 sing N N 187 
LEU CD1 HD12 sing N N 188 
LEU CD1 HD13 sing N N 189 
LEU CD2 HD21 sing N N 190 
LEU CD2 HD22 sing N N 191 
LEU CD2 HD23 sing N N 192 
LEU OXT HXT  sing N N 193 
LYS N   CA   sing N N 194 
LYS N   H    sing N N 195 
LYS N   H2   sing N N 196 
LYS CA  C    sing N N 197 
LYS CA  CB   sing N N 198 
LYS CA  HA   sing N N 199 
LYS C   O    doub N N 200 
LYS C   OXT  sing N N 201 
LYS CB  CG   sing N N 202 
LYS CB  HB2  sing N N 203 
LYS CB  HB3  sing N N 204 
LYS CG  CD   sing N N 205 
LYS CG  HG2  sing N N 206 
LYS CG  HG3  sing N N 207 
LYS CD  CE   sing N N 208 
LYS CD  HD2  sing N N 209 
LYS CD  HD3  sing N N 210 
LYS CE  NZ   sing N N 211 
LYS CE  HE2  sing N N 212 
LYS CE  HE3  sing N N 213 
LYS NZ  HZ1  sing N N 214 
LYS NZ  HZ2  sing N N 215 
LYS NZ  HZ3  sing N N 216 
LYS OXT HXT  sing N N 217 
MSE N   CA   sing N N 218 
MSE N   H    sing N N 219 
MSE N   H2   sing N N 220 
MSE CA  C    sing N N 221 
MSE CA  CB   sing N N 222 
MSE CA  HA   sing N N 223 
MSE C   O    doub N N 224 
MSE C   OXT  sing N N 225 
MSE OXT HXT  sing N N 226 
MSE CB  CG   sing N N 227 
MSE CB  HB2  sing N N 228 
MSE CB  HB3  sing N N 229 
MSE CG  SE   sing N N 230 
MSE CG  HG2  sing N N 231 
MSE CG  HG3  sing N N 232 
MSE SE  CE   sing N N 233 
MSE CE  HE1  sing N N 234 
MSE CE  HE2  sing N N 235 
MSE CE  HE3  sing N N 236 
PRO N   CA   sing N N 237 
PRO N   CD   sing N N 238 
PRO N   H    sing N N 239 
PRO CA  C    sing N N 240 
PRO CA  CB   sing N N 241 
PRO CA  HA   sing N N 242 
PRO C   O    doub N N 243 
PRO C   OXT  sing N N 244 
PRO CB  CG   sing N N 245 
PRO CB  HB2  sing N N 246 
PRO CB  HB3  sing N N 247 
PRO CG  CD   sing N N 248 
PRO CG  HG2  sing N N 249 
PRO CG  HG3  sing N N 250 
PRO CD  HD2  sing N N 251 
PRO CD  HD3  sing N N 252 
PRO OXT HXT  sing N N 253 
SER N   CA   sing N N 254 
SER N   H    sing N N 255 
SER N   H2   sing N N 256 
SER CA  C    sing N N 257 
SER CA  CB   sing N N 258 
SER CA  HA   sing N N 259 
SER C   O    doub N N 260 
SER C   OXT  sing N N 261 
SER CB  OG   sing N N 262 
SER CB  HB2  sing N N 263 
SER CB  HB3  sing N N 264 
SER OG  HG   sing N N 265 
SER OXT HXT  sing N N 266 
THR N   CA   sing N N 267 
THR N   H    sing N N 268 
THR N   H2   sing N N 269 
THR CA  C    sing N N 270 
THR CA  CB   sing N N 271 
THR CA  HA   sing N N 272 
THR C   O    doub N N 273 
THR C   OXT  sing N N 274 
THR CB  OG1  sing N N 275 
THR CB  CG2  sing N N 276 
THR CB  HB   sing N N 277 
THR OG1 HG1  sing N N 278 
THR CG2 HG21 sing N N 279 
THR CG2 HG22 sing N N 280 
THR CG2 HG23 sing N N 281 
THR OXT HXT  sing N N 282 
TYR N   CA   sing N N 283 
TYR N   H    sing N N 284 
TYR N   H2   sing N N 285 
TYR CA  C    sing N N 286 
TYR CA  CB   sing N N 287 
TYR CA  HA   sing N N 288 
TYR C   O    doub N N 289 
TYR C   OXT  sing N N 290 
TYR CB  CG   sing N N 291 
TYR CB  HB2  sing N N 292 
TYR CB  HB3  sing N N 293 
TYR CG  CD1  doub Y N 294 
TYR CG  CD2  sing Y N 295 
TYR CD1 CE1  sing Y N 296 
TYR CD1 HD1  sing N N 297 
TYR CD2 CE2  doub Y N 298 
TYR CD2 HD2  sing N N 299 
TYR CE1 CZ   doub Y N 300 
TYR CE1 HE1  sing N N 301 
TYR CE2 CZ   sing Y N 302 
TYR CE2 HE2  sing N N 303 
TYR CZ  OH   sing N N 304 
TYR OH  HH   sing N N 305 
TYR OXT HXT  sing N N 306 
VAL N   CA   sing N N 307 
VAL N   H    sing N N 308 
VAL N   H2   sing N N 309 
VAL CA  C    sing N N 310 
VAL CA  CB   sing N N 311 
VAL CA  HA   sing N N 312 
VAL C   O    doub N N 313 
VAL C   OXT  sing N N 314 
VAL CB  CG1  sing N N 315 
VAL CB  CG2  sing N N 316 
VAL CB  HB   sing N N 317 
VAL CG1 HG11 sing N N 318 
VAL CG1 HG12 sing N N 319 
VAL CG1 HG13 sing N N 320 
VAL CG2 HG21 sing N N 321 
VAL CG2 HG22 sing N N 322 
VAL CG2 HG23 sing N N 323 
VAL OXT HXT  sing N N 324 
# 
_atom_sites.entry_id                    1W2E 
_atom_sites.fract_transf_matrix[1][1]   -0.00118692 
_atom_sites.fract_transf_matrix[1][2]   0.00263562 
_atom_sites.fract_transf_matrix[1][3]   -0.00898446 
_atom_sites.fract_transf_matrix[2][1]   0.00176632 
_atom_sites.fract_transf_matrix[2][2]   -0.00883073 
_atom_sites.fract_transf_matrix[2][3]   -0.00282386 
_atom_sites.fract_transf_matrix[3][1]   -0.02686879 
_atom_sites.fract_transf_matrix[3][2]   -0.00595110 
_atom_sites.fract_transf_matrix[3][3]   0.00180382 
_atom_sites.fract_transf_vector[1]      0.303507 
_atom_sites.fract_transf_vector[2]      -0.101894 
_atom_sites.fract_transf_vector[3]      0.259474 
# 
loop_
_atom_type.symbol 
C  
N  
O  
S  
SE 
# 
loop_
_atom_site.group_PDB 
_atom_site.id 
_atom_site.type_symbol 
_atom_site.label_atom_id 
_atom_site.label_alt_id 
_atom_site.label_comp_id 
_atom_site.label_asym_id 
_atom_site.label_entity_id 
_atom_site.label_seq_id 
_atom_site.pdbx_PDB_ins_code 
_atom_site.Cartn_x 
_atom_site.Cartn_y 
_atom_site.Cartn_z 
_atom_site.occupancy 
_atom_site.B_iso_or_equiv 
_atom_site.pdbx_formal_charge 
_atom_site.auth_seq_id 
_atom_site.auth_comp_id 
_atom_site.auth_asym_id 
_atom_site.auth_atom_id 
_atom_site.pdbx_PDB_model_num 
ATOM   1    N  N   . ASN A 1 5  ? 11.125  22.218  10.006  1.00 74.44  ? 5    ASN A N   1 
ATOM   2    C  CA  . ASN A 1 5  ? 12.095  21.225  9.456   1.00 75.63  ? 5    ASN A CA  1 
ATOM   3    C  C   . ASN A 1 5  ? 11.723  20.747  8.067   1.00 73.92  ? 5    ASN A C   1 
ATOM   4    O  O   . ASN A 1 5  ? 10.604  20.309  7.824   1.00 74.95  ? 5    ASN A O   1 
ATOM   5    C  CB  . ASN A 1 5  ? 12.223  20.033  10.398  1.00 76.35  ? 5    ASN A CB  1 
ATOM   6    C  CG  . ASN A 1 5  ? 13.194  20.300  11.525  1.00 78.28  ? 5    ASN A CG  1 
ATOM   7    O  OD1 . ASN A 1 5  ? 13.223  21.395  12.082  1.00 79.96  ? 5    ASN A OD1 1 
ATOM   8    N  ND2 . ASN A 1 5  ? 13.991  19.297  11.873  1.00 78.72  ? 5    ASN A ND2 1 
ATOM   9    N  N   . THR A 1 6  ? 12.689  20.827  7.162   1.00 72.00  ? 6    THR A N   1 
ATOM   10   C  CA  . THR A 1 6  ? 12.493  20.450  5.775   1.00 68.98  ? 6    THR A CA  1 
ATOM   11   C  C   . THR A 1 6  ? 13.222  19.178  5.391   1.00 67.52  ? 6    THR A C   1 
ATOM   12   O  O   . THR A 1 6  ? 14.388  18.983  5.741   1.00 68.82  ? 6    THR A O   1 
ATOM   13   C  CB  . THR A 1 6  ? 12.977  21.587  4.841   1.00 70.44  ? 6    THR A CB  1 
ATOM   14   O  OG1 . THR A 1 6  ? 12.138  22.732  5.023   1.00 73.81  ? 6    THR A OG1 1 
ATOM   15   C  CG2 . THR A 1 6  ? 12.950  21.155  3.370   1.00 68.70  ? 6    THR A CG2 1 
ATOM   16   N  N   . LEU A 1 7  ? 12.521  18.312  4.671   1.00 62.42  ? 7    LEU A N   1 
ATOM   17   C  CA  . LEU A 1 7  ? 13.110  17.075  4.187   1.00 58.59  ? 7    LEU A CA  1 
ATOM   18   C  C   . LEU A 1 7  ? 13.147  17.284  2.688   1.00 56.72  ? 7    LEU A C   1 
ATOM   19   O  O   . LEU A 1 7  ? 12.194  17.801  2.112   1.00 57.67  ? 7    LEU A O   1 
ATOM   20   C  CB  . LEU A 1 7  ? 12.226  15.875  4.512   1.00 58.33  ? 7    LEU A CB  1 
ATOM   21   C  CG  . LEU A 1 7  ? 12.860  14.479  4.566   1.00 56.22  ? 7    LEU A CG  1 
ATOM   22   C  CD1 . LEU A 1 7  ? 11.761  13.472  4.277   1.00 60.39  ? 7    LEU A CD1 1 
ATOM   23   C  CD2 . LEU A 1 7  ? 13.977  14.314  3.555   1.00 55.18  ? 7    LEU A CD2 1 
ATOM   24   N  N   . THR A 1 8  ? 14.240  16.901  2.049   1.00 54.67  ? 8    THR A N   1 
ATOM   25   C  CA  . THR A 1 8  ? 14.333  17.082  0.617   1.00 54.41  ? 8    THR A CA  1 
ATOM   26   C  C   . THR A 1 8  ? 14.512  15.758  -0.084  1.00 53.95  ? 8    THR A C   1 
ATOM   27   O  O   . THR A 1 8  ? 15.618  15.238  -0.181  1.00 58.97  ? 8    THR A O   1 
ATOM   28   C  CB  . THR A 1 8  ? 15.494  18.007  0.255   1.00 54.97  ? 8    THR A CB  1 
ATOM   29   O  OG1 . THR A 1 8  ? 15.257  19.301  0.826   1.00 59.29  ? 8    THR A OG1 1 
ATOM   30   C  CG2 . THR A 1 8  ? 15.635  18.129  -1.257  1.00 50.03  ? 8    THR A CG2 1 
ATOM   31   N  N   . VAL A 1 9  ? 13.410  15.217  -0.579  1.00 51.41  ? 9    VAL A N   1 
ATOM   32   C  CA  . VAL A 1 9  ? 13.435  13.944  -1.276  1.00 46.66  ? 9    VAL A CA  1 
ATOM   33   C  C   . VAL A 1 9  ? 13.559  14.196  -2.770  1.00 44.31  ? 9    VAL A C   1 
ATOM   34   O  O   . VAL A 1 9  ? 13.330  15.306  -3.250  1.00 40.39  ? 9    VAL A O   1 
ATOM   35   C  CB  . VAL A 1 9  ? 12.133  13.141  -0.992  1.00 47.07  ? 9    VAL A CB  1 
ATOM   36   C  CG1 . VAL A 1 9  ? 12.031  12.839  0.493   1.00 45.22  ? 9    VAL A CG1 1 
ATOM   37   C  CG2 . VAL A 1 9  ? 10.905  13.946  -1.427  1.00 43.81  ? 9    VAL A CG2 1 
ATOM   38   N  N   . GLN A 1 10 ? 13.940  13.156  -3.496  1.00 44.68  ? 10   GLN A N   1 
ATOM   39   C  CA  . GLN A 1 10 ? 14.073  13.231  -4.944  1.00 47.24  ? 10   GLN A CA  1 
ATOM   40   C  C   . GLN A 1 10 ? 13.112  12.194  -5.481  1.00 49.47  ? 10   GLN A C   1 
ATOM   41   O  O   . GLN A 1 10 ? 13.212  11.013  -5.133  1.00 48.65  ? 10   GLN A O   1 
ATOM   42   C  CB  . GLN A 1 10 ? 15.490  12.860  -5.391  1.00 50.56  ? 10   GLN A CB  1 
ATOM   43   C  CG  . GLN A 1 10 ? 16.147  13.923  -6.231  1.00 51.10  ? 10   GLN A CG  1 
ATOM   44   C  CD  . GLN A 1 10 ? 16.492  15.137  -5.405  1.00 54.39  ? 10   GLN A CD  1 
ATOM   45   O  OE1 . GLN A 1 10 ? 16.444  16.271  -5.894  1.00 57.61  ? 10   GLN A OE1 1 
ATOM   46   N  NE2 . GLN A 1 10 ? 16.854  14.909  -4.136  1.00 46.84  ? 10   GLN A NE2 1 
ATOM   47   N  N   . ILE A 1 11 ? 12.167  12.623  -6.308  1.00 48.53  ? 11   ILE A N   1 
ATOM   48   C  CA  . ILE A 1 11 ? 11.215  11.682  -6.868  1.00 42.92  ? 11   ILE A CA  1 
ATOM   49   C  C   . ILE A 1 11 ? 11.148  11.894  -8.358  1.00 45.04  ? 11   ILE A C   1 
ATOM   50   O  O   . ILE A 1 11 ? 10.722  12.953  -8.818  1.00 43.24  ? 11   ILE A O   1 
ATOM   51   C  CB  . ILE A 1 11 ? 9.810   11.860  -6.262  1.00 37.17  ? 11   ILE A CB  1 
ATOM   52   C  CG1 . ILE A 1 11 ? 9.869   11.694  -4.745  1.00 33.27  ? 11   ILE A CG1 1 
ATOM   53   C  CG2 . ILE A 1 11 ? 8.870   10.828  -6.839  1.00 34.03  ? 11   ILE A CG2 1 
ATOM   54   C  CD1 . ILE A 1 11 ? 8.532   11.859  -4.051  1.00 31.09  ? 11   ILE A CD1 1 
ATOM   55   N  N   . LEU A 1 12 ? 11.595  10.884  -9.101  1.00 46.88  ? 12   LEU A N   1 
ATOM   56   C  CA  . LEU A 1 12 ? 11.595  10.911  -10.558 1.00 51.18  ? 12   LEU A CA  1 
ATOM   57   C  C   . LEU A 1 12 ? 12.316  12.138  -11.132 1.00 53.53  ? 12   LEU A C   1 
ATOM   58   O  O   . LEU A 1 12 ? 11.737  12.931  -11.889 1.00 54.32  ? 12   LEU A O   1 
ATOM   59   C  CB  . LEU A 1 12 ? 10.154  10.860  -11.077 1.00 53.56  ? 12   LEU A CB  1 
ATOM   60   C  CG  . LEU A 1 12 ? 9.943   10.474  -12.544 1.00 55.15  ? 12   LEU A CG  1 
ATOM   61   C  CD1 . LEU A 1 12 ? 10.357  9.028   -12.754 1.00 53.20  ? 12   LEU A CD1 1 
ATOM   62   C  CD2 . LEU A 1 12 ? 8.477   10.659  -12.926 1.00 58.29  ? 12   LEU A CD2 1 
ATOM   63   N  N   . ASP A 1 13 ? 13.579  12.295  -10.753 1.00 52.01  ? 13   ASP A N   1 
ATOM   64   C  CA  . ASP A 1 13 ? 14.417  13.390  -11.237 1.00 52.39  ? 13   ASP A CA  1 
ATOM   65   C  C   . ASP A 1 13 ? 13.987  14.815  -10.885 1.00 51.73  ? 13   ASP A C   1 
ATOM   66   O  O   . ASP A 1 13 ? 14.446  15.768  -11.502 1.00 57.35  ? 13   ASP A O   1 
ATOM   67   C  CB  . ASP A 1 13 ? 14.607  13.266  -12.752 1.00 51.15  ? 13   ASP A CB  1 
ATOM   68   C  CG  . ASP A 1 13 ? 15.029  11.862  -13.170 1.00 57.95  ? 13   ASP A CG  1 
ATOM   69   O  OD1 . ASP A 1 13 ? 15.921  11.279  -12.509 1.00 57.13  ? 13   ASP A OD1 1 
ATOM   70   O  OD2 . ASP A 1 13 ? 14.469  11.340  -14.159 1.00 60.94  ? 13   ASP A OD2 1 
ATOM   71   N  N   . LYS A 1 14 ? 13.107  14.964  -9.903  1.00 50.44  ? 14   LYS A N   1 
ATOM   72   C  CA  . LYS A 1 14 ? 12.677  16.285  -9.456  1.00 45.22  ? 14   LYS A CA  1 
ATOM   73   C  C   . LYS A 1 14 ? 12.821  16.361  -7.943  1.00 45.35  ? 14   LYS A C   1 
ATOM   74   O  O   . LYS A 1 14 ? 12.817  15.340  -7.247  1.00 48.65  ? 14   LYS A O   1 
ATOM   75   C  CB  . LYS A 1 14 ? 11.241  16.576  -9.868  1.00 41.90  ? 14   LYS A CB  1 
ATOM   76   C  CG  . LYS A 1 14 ? 11.086  16.853  -11.341 1.00 41.50  ? 14   LYS A CG  1 
ATOM   77   C  CD  . LYS A 1 14 ? 9.848   17.701  -11.598 1.00 43.31  ? 14   LYS A CD  1 
ATOM   78   C  CE  . LYS A 1 14 ? 9.717   18.063  -13.067 1.00 40.61  ? 14   LYS A CE  1 
ATOM   79   N  NZ  . LYS A 1 14 ? 8.543   18.942  -13.311 1.00 46.08  ? 14   LYS A NZ  1 
ATOM   80   N  N   . GLU A 1 15 ? 12.944  17.568  -7.423  1.00 44.44  ? 15   GLU A N   1 
ATOM   81   C  CA  . GLU A 1 15 ? 13.137  17.714  -5.995  1.00 44.93  ? 15   GLU A CA  1 
ATOM   82   C  C   . GLU A 1 15 ? 11.919  18.224  -5.249  1.00 43.64  ? 15   GLU A C   1 
ATOM   83   O  O   . GLU A 1 15 ? 11.102  18.968  -5.793  1.00 43.80  ? 15   GLU A O   1 
ATOM   84   C  CB  . GLU A 1 15 ? 14.319  18.639  -5.754  1.00 47.01  ? 15   GLU A CB  1 
ATOM   85   C  CG  . GLU A 1 15 ? 14.824  18.613  -4.344  1.00 58.96  ? 15   GLU A CG  1 
ATOM   86   C  CD  . GLU A 1 15 ? 16.057  19.465  -4.172  1.00 65.81  ? 15   GLU A CD  1 
ATOM   87   O  OE1 . GLU A 1 15 ? 15.927  20.707  -4.227  1.00 65.60  ? 15   GLU A OE1 1 
ATOM   88   O  OE2 . GLU A 1 15 ? 17.155  18.891  -3.993  1.00 70.95  ? 15   GLU A OE2 1 
ATOM   89   N  N   . TYR A 1 16 ? 11.791  17.813  -3.996  1.00 41.31  ? 16   TYR A N   1 
ATOM   90   C  CA  . TYR A 1 16 ? 10.667  18.258  -3.189  1.00 43.97  ? 16   TYR A CA  1 
ATOM   91   C  C   . TYR A 1 16 ? 11.108  18.564  -1.767  1.00 47.57  ? 16   TYR A C   1 
ATOM   92   O  O   . TYR A 1 16 ? 11.716  17.727  -1.092  1.00 48.21  ? 16   TYR A O   1 
ATOM   93   C  CB  . TYR A 1 16 ? 9.542   17.203  -3.176  1.00 37.08  ? 16   TYR A CB  1 
ATOM   94   C  CG  . TYR A 1 16 ? 8.988   16.884  -4.549  1.00 30.51  ? 16   TYR A CG  1 
ATOM   95   C  CD1 . TYR A 1 16 ? 9.652   16.001  -5.400  1.00 25.51  ? 16   TYR A CD1 1 
ATOM   96   C  CD2 . TYR A 1 16 ? 7.836   17.522  -5.029  1.00 27.51  ? 16   TYR A CD2 1 
ATOM   97   C  CE1 . TYR A 1 16 ? 9.189   15.759  -6.705  1.00 21.65  ? 16   TYR A CE1 1 
ATOM   98   C  CE2 . TYR A 1 16 ? 7.369   17.293  -6.333  1.00 23.96  ? 16   TYR A CE2 1 
ATOM   99   C  CZ  . TYR A 1 16 ? 8.056   16.408  -7.162  1.00 23.11  ? 16   TYR A CZ  1 
ATOM   100  O  OH  . TYR A 1 16 ? 7.619   16.172  -8.445  1.00 26.98  ? 16   TYR A OH  1 
ATOM   101  N  N   . CYS A 1 17 ? 10.830  19.783  -1.326  1.00 49.25  ? 17   CYS A N   1 
ATOM   102  C  CA  . CYS A 1 17 ? 11.176  20.180  0.026   1.00 57.52  ? 17   CYS A CA  1 
ATOM   103  C  C   . CYS A 1 17 ? 9.884   20.172  0.791   1.00 57.24  ? 17   CYS A C   1 
ATOM   104  O  O   . CYS A 1 17 ? 9.033   21.048  0.626   1.00 56.85  ? 17   CYS A O   1 
ATOM   105  C  CB  . CYS A 1 17 ? 11.822  21.562  0.051   1.00 62.76  ? 17   CYS A CB  1 
ATOM   106  S  SG  . CYS A 1 17 ? 13.433  21.564  -0.766  1.00 76.81  ? 17   CYS A SG  1 
ATOM   107  N  N   . ILE A 1 18 ? 9.754   19.158  1.632   1.00 56.16  ? 18   ILE A N   1 
ATOM   108  C  CA  . ILE A 1 18 ? 8.556   18.949  2.404   1.00 55.42  ? 18   ILE A CA  1 
ATOM   109  C  C   . ILE A 1 18 ? 8.747   19.234  3.871   1.00 56.54  ? 18   ILE A C   1 
ATOM   110  O  O   . ILE A 1 18 ? 9.699   18.761  4.478   1.00 61.21  ? 18   ILE A O   1 
ATOM   111  C  CB  . ILE A 1 18 ? 8.106   17.501  2.225   1.00 52.77  ? 18   ILE A CB  1 
ATOM   112  C  CG1 . ILE A 1 18 ? 8.110   17.169  0.732   1.00 46.21  ? 18   ILE A CG1 1 
ATOM   113  C  CG2 . ILE A 1 18 ? 6.735   17.291  2.842   1.00 51.05  ? 18   ILE A CG2 1 
ATOM   114  C  CD1 . ILE A 1 18 ? 8.024   15.719  0.441   1.00 46.50  ? 18   ILE A CD1 1 
ATOM   115  N  N   . ASN A 1 19 ? 7.841   20.021  4.439   1.00 60.62  ? 19   ASN A N   1 
ATOM   116  C  CA  . ASN A 1 19 ? 7.911   20.330  5.856   1.00 64.64  ? 19   ASN A CA  1 
ATOM   117  C  C   . ASN A 1 19 ? 7.516   19.033  6.556   1.00 66.19  ? 19   ASN A C   1 
ATOM   118  O  O   . ASN A 1 19 ? 6.355   18.625  6.545   1.00 66.73  ? 19   ASN A O   1 
ATOM   119  C  CB  . ASN A 1 19 ? 6.947   21.464  6.210   1.00 69.22  ? 19   ASN A CB  1 
ATOM   120  C  CG  . ASN A 1 19 ? 6.971   21.807  7.693   1.00 76.98  ? 19   ASN A CG  1 
ATOM   121  O  OD1 . ASN A 1 19 ? 8.035   22.038  8.273   1.00 78.11  ? 19   ASN A OD1 1 
ATOM   122  N  ND2 . ASN A 1 19 ? 5.793   21.842  8.314   1.00 81.22  ? 19   ASN A ND2 1 
ATOM   123  N  N   . CYS A 1 20 ? 8.502   18.380  7.156   1.00 67.55  ? 20   CYS A N   1 
ATOM   124  C  CA  . CYS A 1 20 ? 8.288   17.107  7.823   1.00 65.46  ? 20   CYS A CA  1 
ATOM   125  C  C   . CYS A 1 20 ? 8.909   17.048  9.221   1.00 67.52  ? 20   CYS A C   1 
ATOM   126  O  O   . CYS A 1 20 ? 10.094  17.343  9.401   1.00 68.16  ? 20   CYS A O   1 
ATOM   127  C  CB  . CYS A 1 20 ? 8.878   16.010  6.941   1.00 61.14  ? 20   CYS A CB  1 
ATOM   128  S  SG  . CYS A 1 20 ? 8.979   14.392  7.686   1.00 59.24  ? 20   CYS A SG  1 
ATOM   129  N  N   . PRO A 1 21 ? 8.113   16.673  10.236  1.00 67.95  ? 21   PRO A N   1 
ATOM   130  C  CA  . PRO A 1 21 ? 8.630   16.584  11.607  1.00 69.98  ? 21   PRO A CA  1 
ATOM   131  C  C   . PRO A 1 21 ? 9.641   15.446  11.717  1.00 73.00  ? 21   PRO A C   1 
ATOM   132  O  O   . PRO A 1 21 ? 9.402   14.363  11.193  1.00 73.24  ? 21   PRO A O   1 
ATOM   133  C  CB  . PRO A 1 21 ? 7.372   16.326  12.429  1.00 69.52  ? 21   PRO A CB  1 
ATOM   134  C  CG  . PRO A 1 21 ? 6.501   15.562  11.477  1.00 67.71  ? 21   PRO A CG  1 
ATOM   135  C  CD  . PRO A 1 21 ? 6.681   16.330  10.190  1.00 65.28  ? 21   PRO A CD  1 
ATOM   136  N  N   . ASP A 1 22 ? 10.767  15.696  12.386  1.00 78.00  ? 22   ASP A N   1 
ATOM   137  C  CA  . ASP A 1 22 ? 11.826  14.688  12.556  1.00 80.16  ? 22   ASP A CA  1 
ATOM   138  C  C   . ASP A 1 22 ? 11.236  13.298  12.767  1.00 78.04  ? 22   ASP A C   1 
ATOM   139  O  O   . ASP A 1 22 ? 11.802  12.285  12.350  1.00 76.84  ? 22   ASP A O   1 
ATOM   140  C  CB  . ASP A 1 22 ? 12.715  15.055  13.751  1.00 84.33  ? 22   ASP A CB  1 
ATOM   141  C  CG  . ASP A 1 22 ? 13.488  16.343  13.530  1.00 90.34  ? 22   ASP A CG  1 
ATOM   142  O  OD1 . ASP A 1 22 ? 14.450  16.337  12.725  1.00 92.01  ? 22   ASP A OD1 1 
ATOM   143  O  OD2 . ASP A 1 22 ? 13.125  17.364  14.156  1.00 92.59  ? 22   ASP A OD2 1 
ATOM   144  N  N   . ASP A 1 23 ? 10.084  13.286  13.423  1.00 76.43  ? 23   ASP A N   1 
ATOM   145  C  CA  . ASP A 1 23 ? 9.327   12.085  13.733  1.00 73.05  ? 23   ASP A CA  1 
ATOM   146  C  C   . ASP A 1 23 ? 9.057   11.200  12.501  1.00 69.00  ? 23   ASP A C   1 
ATOM   147  O  O   . ASP A 1 23 ? 9.205   9.981   12.554  1.00 64.63  ? 23   ASP A O   1 
ATOM   148  C  CB  . ASP A 1 23 ? 7.998   12.521  14.347  1.00 78.62  ? 23   ASP A CB  1 
ATOM   149  C  CG  . ASP A 1 23 ? 7.293   11.405  15.052  1.00 86.03  ? 23   ASP A CG  1 
ATOM   150  O  OD1 . ASP A 1 23 ? 6.072   11.540  15.293  1.00 90.33  ? 23   ASP A OD1 1 
ATOM   151  O  OD2 . ASP A 1 23 ? 7.960   10.399  15.375  1.00 90.06  ? 23   ASP A OD2 1 
ATOM   152  N  N   . GLU A 1 24 ? 8.668   11.833  11.397  1.00 66.01  ? 24   GLU A N   1 
ATOM   153  C  CA  . GLU A 1 24 ? 8.332   11.135  10.159  1.00 62.55  ? 24   GLU A CA  1 
ATOM   154  C  C   . GLU A 1 24 ? 9.385   11.088  9.054   1.00 61.15  ? 24   GLU A C   1 
ATOM   155  O  O   . GLU A 1 24 ? 9.128   10.506  8.002   1.00 62.56  ? 24   GLU A O   1 
ATOM   156  C  CB  . GLU A 1 24 ? 7.062   11.751  9.566   1.00 62.98  ? 24   GLU A CB  1 
ATOM   157  C  CG  . GLU A 1 24 ? 5.847   11.646  10.454  1.00 65.92  ? 24   GLU A CG  1 
ATOM   158  C  CD  . GLU A 1 24 ? 5.425   10.209  10.678  1.00 67.61  ? 24   GLU A CD  1 
ATOM   159  O  OE1 . GLU A 1 24 ? 4.529   9.978   11.518  1.00 71.45  ? 24   GLU A OE1 1 
ATOM   160  O  OE2 . GLU A 1 24 ? 5.989   9.312   10.011  1.00 62.31  ? 24   GLU A OE2 1 
ATOM   161  N  N   . ARG A 1 25 ? 10.555  11.683  9.274   1.00 60.07  ? 25   ARG A N   1 
ATOM   162  C  CA  . ARG A 1 25 ? 11.599  11.722  8.244   1.00 58.41  ? 25   ARG A CA  1 
ATOM   163  C  C   . ARG A 1 25 ? 11.903  10.397  7.550   1.00 57.21  ? 25   ARG A C   1 
ATOM   164  O  O   . ARG A 1 25 ? 11.801  10.292  6.326   1.00 54.05  ? 25   ARG A O   1 
ATOM   165  C  CB  . ARG A 1 25 ? 12.895  12.293  8.818   1.00 61.80  ? 25   ARG A CB  1 
ATOM   166  C  CG  . ARG A 1 25 ? 12.743  13.675  9.430   1.00 67.24  ? 25   ARG A CG  1 
ATOM   167  C  CD  . ARG A 1 25 ? 14.087  14.216  9.896   1.00 69.61  ? 25   ARG A CD  1 
ATOM   168  N  NE  . ARG A 1 25 ? 14.918  14.687  8.791   1.00 68.20  ? 25   ARG A NE  1 
ATOM   169  C  CZ  . ARG A 1 25 ? 14.685  15.804  8.110   1.00 66.31  ? 25   ARG A CZ  1 
ATOM   170  N  NH1 . ARG A 1 25 ? 15.494  16.157  7.120   1.00 63.18  ? 25   ARG A NH1 1 
ATOM   171  N  NH2 . ARG A 1 25 ? 13.644  16.570  8.423   1.00 61.80  ? 25   ARG A NH2 1 
ATOM   172  N  N   . ALA A 1 26 ? 12.290  9.390   8.325   1.00 55.17  ? 26   ALA A N   1 
ATOM   173  C  CA  . ALA A 1 26 ? 12.606  8.087   7.756   1.00 52.84  ? 26   ALA A CA  1 
ATOM   174  C  C   . ALA A 1 26 ? 11.412  7.566   6.959   1.00 52.82  ? 26   ALA A C   1 
ATOM   175  O  O   . ALA A 1 26 ? 11.541  7.174   5.793   1.00 53.22  ? 26   ALA A O   1 
ATOM   176  C  CB  . ALA A 1 26 ? 12.964  7.112   8.863   1.00 52.02  ? 26   ALA A CB  1 
ATOM   177  N  N   . ASN A 1 27 ? 10.247  7.572   7.596   1.00 49.44  ? 27   ASN A N   1 
ATOM   178  C  CA  . ASN A 1 27 ? 9.028   7.103   6.959   1.00 49.53  ? 27   ASN A CA  1 
ATOM   179  C  C   . ASN A 1 27 ? 8.783   7.788   5.619   1.00 50.08  ? 27   ASN A C   1 
ATOM   180  O  O   . ASN A 1 27 ? 8.556   7.125   4.605   1.00 50.27  ? 27   ASN A O   1 
ATOM   181  C  CB  . ASN A 1 27 ? 7.851   7.340   7.893   1.00 50.24  ? 27   ASN A CB  1 
ATOM   182  C  CG  . ASN A 1 27 ? 7.929   6.487   9.144   1.00 55.33  ? 27   ASN A CG  1 
ATOM   183  O  OD1 . ASN A 1 27 ? 7.246   6.753   10.137  1.00 57.90  ? 27   ASN A OD1 1 
ATOM   184  N  ND2 . ASN A 1 27 ? 8.759   5.446   9.100   1.00 55.45  ? 27   ASN A ND2 1 
ATOM   185  N  N   . LEU A 1 28 ? 8.842   9.118   5.620   1.00 47.97  ? 28   LEU A N   1 
ATOM   186  C  CA  . LEU A 1 28 ? 8.618   9.900   4.413   1.00 44.88  ? 28   LEU A CA  1 
ATOM   187  C  C   . LEU A 1 28 ? 9.690   9.625   3.368   1.00 45.29  ? 28   LEU A C   1 
ATOM   188  O  O   . LEU A 1 28 ? 9.418   9.595   2.171   1.00 39.78  ? 28   LEU A O   1 
ATOM   189  C  CB  . LEU A 1 28 ? 8.614   11.388  4.748   1.00 46.26  ? 28   LEU A CB  1 
ATOM   190  C  CG  . LEU A 1 28 ? 7.603   12.309  4.055   1.00 48.29  ? 28   LEU A CG  1 
ATOM   191  C  CD1 . LEU A 1 28 ? 8.110   13.728  4.173   1.00 51.26  ? 28   LEU A CD1 1 
ATOM   192  C  CD2 . LEU A 1 28 ? 7.423   11.962  2.599   1.00 44.84  ? 28   LEU A CD2 1 
ATOM   193  N  N   . GLU A 1 29 ? 10.917  9.414   3.819   1.00 49.29  ? 29   GLU A N   1 
ATOM   194  C  CA  . GLU A 1 29 ? 12.001  9.168   2.887   1.00 51.77  ? 29   GLU A CA  1 
ATOM   195  C  C   . GLU A 1 29 ? 11.856  7.821   2.187   1.00 50.20  ? 29   GLU A C   1 
ATOM   196  O  O   . GLU A 1 29 ? 12.141  7.712   0.987   1.00 49.75  ? 29   GLU A O   1 
ATOM   197  C  CB  . GLU A 1 29 ? 13.345  9.265   3.604   1.00 59.25  ? 29   GLU A CB  1 
ATOM   198  C  CG  . GLU A 1 29 ? 14.515  9.473   2.666   1.00 69.92  ? 29   GLU A CG  1 
ATOM   199  C  CD  . GLU A 1 29 ? 15.706  10.124  3.350   1.00 77.67  ? 29   GLU A CD  1 
ATOM   200  O  OE1 . GLU A 1 29 ? 16.678  10.480  2.639   1.00 78.73  ? 29   GLU A OE1 1 
ATOM   201  O  OE2 . GLU A 1 29 ? 15.670  10.279  4.595   1.00 75.89  ? 29   GLU A OE2 1 
ATOM   202  N  N   . SER A 1 30 ? 11.409  6.799   2.917   1.00 47.13  ? 30   SER A N   1 
ATOM   203  C  CA  . SER A 1 30 ? 11.238  5.487   2.290   1.00 47.20  ? 30   SER A CA  1 
ATOM   204  C  C   . SER A 1 30 ? 9.978   5.475   1.425   1.00 45.39  ? 30   SER A C   1 
ATOM   205  O  O   . SER A 1 30 ? 9.919   4.768   0.415   1.00 43.72  ? 30   SER A O   1 
ATOM   206  C  CB  . SER A 1 30 ? 11.182  4.373   3.338   1.00 43.65  ? 30   SER A CB  1 
ATOM   207  O  OG  . SER A 1 30 ? 10.178  4.633   4.286   1.00 52.11  ? 30   SER A OG  1 
ATOM   208  N  N   . ALA A 1 31 ? 8.980   6.271   1.813   1.00 42.14  ? 31   ALA A N   1 
ATOM   209  C  CA  . ALA A 1 31 ? 7.749   6.373   1.040   1.00 40.87  ? 31   ALA A CA  1 
ATOM   210  C  C   . ALA A 1 31 ? 8.101   6.990   -0.313  1.00 41.97  ? 31   ALA A C   1 
ATOM   211  O  O   . ALA A 1 31 ? 7.600   6.561   -1.360  1.00 39.83  ? 31   ALA A O   1 
ATOM   212  C  CB  . ALA A 1 31 ? 6.739   7.249   1.765   1.00 39.92  ? 31   ALA A CB  1 
ATOM   213  N  N   . ALA A 1 32 ? 8.971   7.998   -0.276  1.00 41.87  ? 32   ALA A N   1 
ATOM   214  C  CA  . ALA A 1 32 ? 9.418   8.693   -1.479  1.00 43.55  ? 32   ALA A CA  1 
ATOM   215  C  C   . ALA A 1 32 ? 10.226  7.748   -2.351  1.00 44.01  ? 32   ALA A C   1 
ATOM   216  O  O   . ALA A 1 32 ? 10.102  7.736   -3.582  1.00 43.67  ? 32   ALA A O   1 
ATOM   217  C  CB  . ALA A 1 32 ? 10.265  9.886   -1.096  1.00 43.17  ? 32   ALA A CB  1 
ATOM   218  N  N   . ARG A 1 33 ? 11.057  6.951   -1.694  1.00 45.12  ? 33   ARG A N   1 
ATOM   219  C  CA  . ARG A 1 33 ? 11.903  5.983   -2.373  1.00 44.53  ? 33   ARG A CA  1 
ATOM   220  C  C   . ARG A 1 33 ? 11.001  4.960   -3.054  1.00 42.67  ? 33   ARG A C   1 
ATOM   221  O  O   . ARG A 1 33 ? 11.185  4.636   -4.222  1.00 43.52  ? 33   ARG A O   1 
ATOM   222  C  CB  . ARG A 1 33 ? 12.801  5.317   -1.342  1.00 48.99  ? 33   ARG A CB  1 
ATOM   223  C  CG  . ARG A 1 33 ? 14.045  4.658   -1.880  1.00 53.62  ? 33   ARG A CG  1 
ATOM   224  C  CD  . ARG A 1 33 ? 14.804  4.028   -0.712  1.00 62.98  ? 33   ARG A CD  1 
ATOM   225  N  NE  . ARG A 1 33 ? 15.057  4.984   0.372   1.00 64.60  ? 33   ARG A NE  1 
ATOM   226  C  CZ  . ARG A 1 33 ? 14.740  4.780   1.651   1.00 67.11  ? 33   ARG A CZ  1 
ATOM   227  N  NH1 . ARG A 1 33 ? 15.013  5.707   2.566   1.00 67.71  ? 33   ARG A NH1 1 
ATOM   228  N  NH2 . ARG A 1 33 ? 14.138  3.655   2.023   1.00 68.16  ? 33   ARG A NH2 1 
ATOM   229  N  N   . TYR A 1 34 ? 10.014  4.468   -2.310  1.00 44.58  ? 34   TYR A N   1 
ATOM   230  C  CA  . TYR A 1 34 ? 9.048   3.490   -2.812  1.00 43.10  ? 34   TYR A CA  1 
ATOM   231  C  C   . TYR A 1 34 ? 8.272   4.082   -3.990  1.00 42.68  ? 34   TYR A C   1 
ATOM   232  O  O   . TYR A 1 34 ? 8.123   3.441   -5.027  1.00 44.09  ? 34   TYR A O   1 
ATOM   233  C  CB  . TYR A 1 34 ? 8.088   3.104   -1.686  1.00 48.49  ? 34   TYR A CB  1 
ATOM   234  C  CG  . TYR A 1 34 ? 7.105   1.987   -1.993  1.00 54.49  ? 34   TYR A CG  1 
ATOM   235  C  CD1 . TYR A 1 34 ? 6.060   1.700   -1.109  1.00 57.71  ? 34   TYR A CD1 1 
ATOM   236  C  CD2 . TYR A 1 34 ? 7.217   1.213   -3.147  1.00 58.12  ? 34   TYR A CD2 1 
ATOM   237  C  CE1 . TYR A 1 34 ? 5.148   0.670   -1.366  1.00 58.32  ? 34   TYR A CE1 1 
ATOM   238  C  CE2 . TYR A 1 34 ? 6.309   0.179   -3.416  1.00 59.16  ? 34   TYR A CE2 1 
ATOM   239  C  CZ  . TYR A 1 34 ? 5.276   -0.085  -2.521  1.00 59.46  ? 34   TYR A CZ  1 
ATOM   240  O  OH  . TYR A 1 34 ? 4.362   -1.086  -2.789  1.00 56.99  ? 34   TYR A OH  1 
ATOM   241  N  N   . LEU A 1 35 ? 7.775   5.308   -3.837  1.00 41.75  ? 35   LEU A N   1 
ATOM   242  C  CA  . LEU A 1 35 ? 7.031   5.945   -4.919  1.00 39.39  ? 35   LEU A CA  1 
ATOM   243  C  C   . LEU A 1 35 ? 7.925   6.127   -6.132  1.00 41.48  ? 35   LEU A C   1 
ATOM   244  O  O   . LEU A 1 35 ? 7.517   5.848   -7.256  1.00 39.99  ? 35   LEU A O   1 
ATOM   245  C  CB  . LEU A 1 35 ? 6.475   7.308   -4.484  1.00 35.38  ? 35   LEU A CB  1 
ATOM   246  C  CG  . LEU A 1 35 ? 5.752   8.126   -5.565  1.00 29.13  ? 35   LEU A CG  1 
ATOM   247  C  CD1 . LEU A 1 35 ? 4.655   7.299   -6.201  1.00 29.55  ? 35   LEU A CD1 1 
ATOM   248  C  CD2 . LEU A 1 35 ? 5.168   9.387   -4.956  1.00 28.84  ? 35   LEU A CD2 1 
ATOM   249  N  N   . ASP A 1 36 ? 9.148   6.599   -5.903  1.00 43.68  ? 36   ASP A N   1 
ATOM   250  C  CA  . ASP A 1 36 ? 10.086  6.811   -6.999  1.00 46.03  ? 36   ASP A CA  1 
ATOM   251  C  C   . ASP A 1 36 ? 10.263  5.514   -7.783  1.00 46.99  ? 36   ASP A C   1 
ATOM   252  O  O   . ASP A 1 36 ? 10.108  5.495   -9.007  1.00 44.58  ? 36   ASP A O   1 
ATOM   253  C  CB  . ASP A 1 36 ? 11.441  7.297   -6.462  1.00 49.52  ? 36   ASP A CB  1 
ATOM   254  C  CG  . ASP A 1 36 ? 12.526  7.315   -7.534  1.00 52.41  ? 36   ASP A CG  1 
ATOM   255  O  OD1 . ASP A 1 36 ? 13.334  6.361   -7.581  1.00 53.89  ? 36   ASP A OD1 1 
ATOM   256  O  OD2 . ASP A 1 36 ? 12.562  8.272   -8.338  1.00 51.98  ? 36   ASP A OD2 1 
ATOM   257  N  N   . GLY A 1 37 ? 10.577  4.435   -7.070  1.00 46.59  ? 37   GLY A N   1 
ATOM   258  C  CA  . GLY A 1 37 ? 10.759  3.153   -7.716  1.00 46.95  ? 37   GLY A CA  1 
ATOM   259  C  C   . GLY A 1 37 ? 9.567   2.753   -8.569  1.00 51.55  ? 37   GLY A C   1 
ATOM   260  O  O   . GLY A 1 37 ? 9.722   2.379   -9.735  1.00 50.91  ? 37   GLY A O   1 
ATOM   261  N  N   . LYS A 1 38 ? 8.370   2.841   -7.999  1.00 51.74  ? 38   LYS A N   1 
ATOM   262  C  CA  . LYS A 1 38 ? 7.176   2.461   -8.736  1.00 53.09  ? 38   LYS A CA  1 
ATOM   263  C  C   . LYS A 1 38 ? 6.938   3.353   -9.950  1.00 53.13  ? 38   LYS A C   1 
ATOM   264  O  O   . LYS A 1 38 ? 6.449   2.887   -10.981 1.00 52.86  ? 38   LYS A O   1 
ATOM   265  C  CB  . LYS A 1 38 ? 5.954   2.485   -7.822  1.00 57.11  ? 38   LYS A CB  1 
ATOM   266  C  CG  . LYS A 1 38 ? 4.709   1.907   -8.475  1.00 65.81  ? 38   LYS A CG  1 
ATOM   267  C  CD  . LYS A 1 38 ? 4.411   0.486   -7.998  1.00 73.36  ? 38   LYS A CD  1 
ATOM   268  C  CE  . LYS A 1 38 ? 5.580   -0.463  -8.213  1.00 73.52  ? 38   LYS A CE  1 
ATOM   269  N  NZ  . LYS A 1 38 ? 5.279   -1.803  -7.640  1.00 73.45  ? 38   LYS A NZ  1 
HETATM 270  N  N   . MSE A 1 39 ? 7.274   4.635   -9.835  1.00 54.08  ? 39   MSE A N   1 
HETATM 271  C  CA  . MSE A 1 39 ? 7.100   5.555   -10.957 1.00 56.19  ? 39   MSE A CA  1 
HETATM 272  C  C   . MSE A 1 39 ? 8.109   5.275   -12.066 1.00 58.30  ? 39   MSE A C   1 
HETATM 273  O  O   . MSE A 1 39 ? 7.819   5.490   -13.246 1.00 54.66  ? 39   MSE A O   1 
HETATM 274  C  CB  . MSE A 1 39 ? 7.239   7.004   -10.500 1.00 55.70  ? 39   MSE A CB  1 
HETATM 275  C  CG  . MSE A 1 39 ? 6.026   7.524   -9.761  1.00 58.05  ? 39   MSE A CG  1 
HETATM 276  SE SE  . MSE A 1 39 ? 6.206   9.380   -9.269  1.00 53.63  ? 39   MSE A SE  1 
HETATM 277  C  CE  . MSE A 1 39 ? 5.744   10.190  -10.972 1.00 52.32  ? 39   MSE A CE  1 
ATOM   278  N  N   . ARG A 1 40 ? 9.293   4.795   -11.684 1.00 59.18  ? 40   ARG A N   1 
ATOM   279  C  CA  . ARG A 1 40 ? 10.326  4.476   -12.659 1.00 61.38  ? 40   ARG A CA  1 
ATOM   280  C  C   . ARG A 1 40 ? 9.904   3.294   -13.527 1.00 63.72  ? 40   ARG A C   1 
ATOM   281  O  O   . ARG A 1 40 ? 10.063  3.331   -14.746 1.00 65.55  ? 40   ARG A O   1 
ATOM   282  C  CB  . ARG A 1 40 ? 11.652  4.183   -11.958 1.00 60.98  ? 40   ARG A CB  1 
ATOM   283  C  CG  . ARG A 1 40 ? 12.301  5.428   -11.371 1.00 64.07  ? 40   ARG A CG  1 
ATOM   284  C  CD  . ARG A 1 40 ? 13.670  5.149   -10.750 1.00 66.77  ? 40   ARG A CD  1 
ATOM   285  N  NE  . ARG A 1 40 ? 14.265  6.366   -10.195 1.00 71.89  ? 40   ARG A NE  1 
ATOM   286  C  CZ  . ARG A 1 40 ? 14.593  7.442   -10.910 1.00 77.25  ? 40   ARG A CZ  1 
ATOM   287  N  NH1 . ARG A 1 40 ? 14.389  7.468   -12.225 1.00 78.15  ? 40   ARG A NH1 1 
ATOM   288  N  NH2 . ARG A 1 40 ? 15.114  8.507   -10.311 1.00 78.95  ? 40   ARG A NH2 1 
ATOM   289  N  N   . GLU A 1 41 ? 9.359   2.255   -12.898 1.00 66.18  ? 41   GLU A N   1 
ATOM   290  C  CA  . GLU A 1 41 ? 8.875   1.072   -13.618 1.00 68.00  ? 41   GLU A CA  1 
ATOM   291  C  C   . GLU A 1 41 ? 7.819   1.484   -14.637 1.00 66.74  ? 41   GLU A C   1 
ATOM   292  O  O   . GLU A 1 41 ? 7.924   1.185   -15.822 1.00 66.40  ? 41   GLU A O   1 
ATOM   293  C  CB  . GLU A 1 41 ? 8.223   0.082   -12.656 1.00 71.62  ? 41   GLU A CB  1 
ATOM   294  C  CG  . GLU A 1 41 ? 9.149   -0.589  -11.670 1.00 77.15  ? 41   GLU A CG  1 
ATOM   295  C  CD  . GLU A 1 41 ? 8.372   -1.355  -10.617 1.00 81.00  ? 41   GLU A CD  1 
ATOM   296  O  OE1 . GLU A 1 41 ? 7.375   -2.019  -10.988 1.00 80.18  ? 41   GLU A OE1 1 
ATOM   297  O  OE2 . GLU A 1 41 ? 8.758   -1.296  -9.427  1.00 80.97  ? 41   GLU A OE2 1 
ATOM   298  N  N   . ILE A 1 42 ? 6.787   2.162   -14.153 1.00 66.80  ? 42   ILE A N   1 
ATOM   299  C  CA  . ILE A 1 42 ? 5.700   2.618   -15.003 1.00 67.74  ? 42   ILE A CA  1 
ATOM   300  C  C   . ILE A 1 42 ? 6.184   3.455   -16.183 1.00 71.01  ? 42   ILE A C   1 
ATOM   301  O  O   . ILE A 1 42 ? 5.753   3.245   -17.314 1.00 71.08  ? 42   ILE A O   1 
ATOM   302  C  CB  . ILE A 1 42 ? 4.670   3.455   -14.193 1.00 65.07  ? 42   ILE A CB  1 
ATOM   303  C  CG1 . ILE A 1 42 ? 4.045   2.601   -13.087 1.00 64.79  ? 42   ILE A CG1 1 
ATOM   304  C  CG2 . ILE A 1 42 ? 3.595   3.993   -15.119 1.00 60.45  ? 42   ILE A CG2 1 
ATOM   305  C  CD1 . ILE A 1 42 ? 3.053   3.351   -12.219 1.00 65.61  ? 42   ILE A CD1 1 
ATOM   306  N  N   . ARG A 1 43 ? 7.075   4.407   -15.923 1.00 76.14  ? 43   ARG A N   1 
ATOM   307  C  CA  . ARG A 1 43 ? 7.583   5.283   -16.981 1.00 81.30  ? 43   ARG A CA  1 
ATOM   308  C  C   . ARG A 1 43 ? 8.399   4.480   -17.993 1.00 83.73  ? 43   ARG A C   1 
ATOM   309  O  O   . ARG A 1 43 ? 8.351   4.745   -19.195 1.00 84.18  ? 43   ARG A O   1 
ATOM   310  C  CB  . ARG A 1 43 ? 8.448   6.400   -16.379 1.00 82.73  ? 43   ARG A CB  1 
ATOM   311  C  CG  . ARG A 1 43 ? 8.498   7.678   -17.212 1.00 83.07  ? 43   ARG A CG  1 
ATOM   312  C  CD  . ARG A 1 43 ? 9.918   7.997   -17.633 1.00 85.04  ? 43   ARG A CD  1 
ATOM   313  N  NE  . ARG A 1 43 ? 10.706  8.682   -16.608 1.00 84.71  ? 43   ARG A NE  1 
ATOM   314  C  CZ  . ARG A 1 43 ? 11.845  8.215   -16.099 1.00 84.00  ? 43   ARG A CZ  1 
ATOM   315  N  NH1 . ARG A 1 43 ? 12.498  8.918   -15.180 1.00 80.79  ? 43   ARG A NH1 1 
ATOM   316  N  NH2 . ARG A 1 43 ? 12.323  7.037   -16.493 1.00 83.12  ? 43   ARG A NH2 1 
ATOM   317  N  N   . SER A 1 44 ? 9.132   3.488   -17.492 1.00 85.59  ? 44   SER A N   1 
ATOM   318  C  CA  . SER A 1 44 ? 9.970   2.635   -18.325 1.00 86.55  ? 44   SER A CA  1 
ATOM   319  C  C   . SER A 1 44 ? 9.189   1.518   -19.019 1.00 87.03  ? 44   SER A C   1 
ATOM   320  O  O   . SER A 1 44 ? 9.623   0.378   -19.032 1.00 89.03  ? 44   SER A O   1 
ATOM   321  C  CB  . SER A 1 44 ? 11.093  2.021   -17.477 1.00 88.55  ? 44   SER A CB  1 
ATOM   322  O  OG  . SER A 1 44 ? 11.899  3.016   -16.854 1.00 92.96  ? 44   SER A OG  1 
ATOM   323  N  N   . SER A 1 45 ? 8.026   1.842   -19.571 1.00 87.01  ? 45   SER A N   1 
ATOM   324  C  CA  . SER A 1 45 ? 7.205   0.871   -20.295 1.00 87.37  ? 45   SER A CA  1 
ATOM   325  C  C   . SER A 1 45 ? 6.624   1.619   -21.480 1.00 88.24  ? 45   SER A C   1 
ATOM   326  O  O   . SER A 1 45 ? 7.015   1.391   -22.620 1.00 92.56  ? 45   SER A O   1 
ATOM   327  C  CB  . SER A 1 45 ? 6.067   0.324   -19.422 1.00 85.61  ? 45   SER A CB  1 
ATOM   328  O  OG  . SER A 1 45 ? 5.100   1.320   -19.136 1.00 87.68  ? 45   SER A OG  1 
ATOM   329  N  N   . GLY A 1 46 ? 5.693   2.524   -21.204 1.00 87.47  ? 46   GLY A N   1 
ATOM   330  C  CA  . GLY A 1 46 ? 5.106   3.303   -22.272 1.00 86.40  ? 46   GLY A CA  1 
ATOM   331  C  C   . GLY A 1 46 ? 3.602   3.434   -22.259 1.00 87.43  ? 46   GLY A C   1 
ATOM   332  O  O   . GLY A 1 46 ? 3.043   4.253   -22.981 1.00 88.85  ? 46   GLY A O   1 
ATOM   333  N  N   . LYS A 1 47 ? 2.942   2.618   -21.450 1.00 88.32  ? 47   LYS A N   1 
ATOM   334  C  CA  . LYS A 1 47 ? 1.489   2.654   -21.362 1.00 89.87  ? 47   LYS A CA  1 
ATOM   335  C  C   . LYS A 1 47 ? 0.997   4.021   -20.921 1.00 90.18  ? 47   LYS A C   1 
ATOM   336  O  O   . LYS A 1 47 ? 0.013   4.538   -21.453 1.00 90.74  ? 47   LYS A O   1 
ATOM   337  C  CB  . LYS A 1 47 ? 0.986   1.608   -20.366 1.00 93.18  ? 47   LYS A CB  1 
ATOM   338  C  CG  . LYS A 1 47 ? 1.315   0.178   -20.736 1.00 98.64  ? 47   LYS A CG  1 
ATOM   339  C  CD  . LYS A 1 47 ? 0.130   -0.547  -21.361 1.00 100.91 ? 47   LYS A CD  1 
ATOM   340  C  CE  . LYS A 1 47 ? 0.479   -2.006  -21.630 1.00 102.36 ? 47   LYS A CE  1 
ATOM   341  N  NZ  . LYS A 1 47 ? -0.680  -2.792  -22.143 1.00 103.77 ? 47   LYS A NZ  1 
ATOM   342  N  N   . VAL A 1 48 ? 1.688   4.597   -19.942 1.00 88.77  ? 48   VAL A N   1 
ATOM   343  C  CA  . VAL A 1 48 ? 1.314   5.897   -19.394 1.00 86.88  ? 48   VAL A CA  1 
ATOM   344  C  C   . VAL A 1 48 ? 2.180   7.049   -19.884 1.00 84.55  ? 48   VAL A C   1 
ATOM   345  O  O   . VAL A 1 48 ? 3.396   7.054   -19.688 1.00 84.48  ? 48   VAL A O   1 
ATOM   346  C  CB  . VAL A 1 48 ? 1.356   5.873   -17.833 1.00 88.91  ? 48   VAL A CB  1 
ATOM   347  C  CG1 . VAL A 1 48 ? 1.129   7.279   -17.272 1.00 89.24  ? 48   VAL A CG1 1 
ATOM   348  C  CG2 . VAL A 1 48 ? 0.297   4.915   -17.287 1.00 87.32  ? 48   VAL A CG2 1 
ATOM   349  N  N   . ILE A 1 49 ? 1.538   8.018   -20.527 1.00 80.10  ? 49   ILE A N   1 
ATOM   350  C  CA  . ILE A 1 49 ? 2.231   9.192   -21.034 1.00 76.60  ? 49   ILE A CA  1 
ATOM   351  C  C   . ILE A 1 49 ? 1.678   10.418  -20.318 1.00 72.00  ? 49   ILE A C   1 
ATOM   352  O  O   . ILE A 1 49 ? 0.487   10.736  -20.412 1.00 67.57  ? 49   ILE A O   1 
ATOM   353  C  CB  . ILE A 1 49 ? 2.036   9.339   -22.562 1.00 79.67  ? 49   ILE A CB  1 
ATOM   354  C  CG1 . ILE A 1 49 ? 2.721   8.177   -23.287 1.00 81.72  ? 49   ILE A CG1 1 
ATOM   355  C  CG2 . ILE A 1 49 ? 2.614   10.663  -23.049 1.00 80.41  ? 49   ILE A CG2 1 
ATOM   356  C  CD1 . ILE A 1 49 ? 2.579   8.202   -24.805 1.00 84.85  ? 49   ILE A CD1 1 
ATOM   357  N  N   . GLY A 1 50 ? 2.557   11.095  -19.588 1.00 67.78  ? 50   GLY A N   1 
ATOM   358  C  CA  . GLY A 1 50 ? 2.158   12.265  -18.827 1.00 63.15  ? 50   GLY A CA  1 
ATOM   359  C  C   . GLY A 1 50 ? 2.647   12.095  -17.402 1.00 59.36  ? 50   GLY A C   1 
ATOM   360  O  O   . GLY A 1 50 ? 2.154   11.240  -16.669 1.00 56.74  ? 50   GLY A O   1 
ATOM   361  N  N   . ALA A 1 51 ? 3.625   12.909  -17.017 1.00 56.94  ? 51   ALA A N   1 
ATOM   362  C  CA  . ALA A 1 51 ? 4.220   12.845  -15.685 1.00 53.26  ? 51   ALA A CA  1 
ATOM   363  C  C   . ALA A 1 51 ? 3.202   12.822  -14.547 1.00 50.57  ? 51   ALA A C   1 
ATOM   364  O  O   . ALA A 1 51 ? 3.438   12.199  -13.508 1.00 47.75  ? 51   ALA A O   1 
ATOM   365  C  CB  . ALA A 1 51 ? 5.172   13.999  -15.496 1.00 52.06  ? 51   ALA A CB  1 
ATOM   366  N  N   . ASP A 1 52 ? 2.073   13.494  -14.724 1.00 44.65  ? 52   ASP A N   1 
ATOM   367  C  CA  . ASP A 1 52 ? 1.085   13.484  -13.668 1.00 46.40  ? 52   ASP A CA  1 
ATOM   368  C  C   . ASP A 1 52 ? 0.359   12.128  -13.608 1.00 49.44  ? 52   ASP A C   1 
ATOM   369  O  O   . ASP A 1 52 ? 0.064   11.624  -12.520 1.00 52.74  ? 52   ASP A O   1 
ATOM   370  C  CB  . ASP A 1 52 ? 0.114   14.658  -13.846 1.00 41.95  ? 52   ASP A CB  1 
ATOM   371  C  CG  . ASP A 1 52 ? -0.709  14.568  -15.117 1.00 42.09  ? 52   ASP A CG  1 
ATOM   372  O  OD1 . ASP A 1 52 ? -0.181  14.111  -16.160 1.00 40.45  ? 52   ASP A OD1 1 
ATOM   373  O  OD2 . ASP A 1 52 ? -1.889  14.989  -15.068 1.00 37.19  ? 52   ASP A OD2 1 
ATOM   374  N  N   . ARG A 1 53 ? 0.105   11.521  -14.767 1.00 49.16  ? 53   ARG A N   1 
ATOM   375  C  CA  . ARG A 1 53 ? -0.566  10.225  -14.812 1.00 48.45  ? 53   ARG A CA  1 
ATOM   376  C  C   . ARG A 1 53 ? 0.342   9.138   -14.252 1.00 48.00  ? 53   ARG A C   1 
ATOM   377  O  O   . ARG A 1 53 ? -0.120  8.214   -13.593 1.00 53.77  ? 53   ARG A O   1 
ATOM   378  C  CB  . ARG A 1 53 ? -0.957  9.868   -16.246 1.00 48.89  ? 53   ARG A CB  1 
ATOM   379  C  CG  . ARG A 1 53 ? -1.923  10.844  -16.892 1.00 51.97  ? 53   ARG A CG  1 
ATOM   380  C  CD  . ARG A 1 53 ? -2.276  10.389  -18.291 1.00 54.68  ? 53   ARG A CD  1 
ATOM   381  N  NE  . ARG A 1 53 ? -3.273  9.327   -18.263 1.00 59.06  ? 53   ARG A NE  1 
ATOM   382  C  CZ  . ARG A 1 53 ? -4.579  9.531   -18.382 1.00 58.82  ? 53   ARG A CZ  1 
ATOM   383  N  NH1 . ARG A 1 53 ? -5.413  8.501   -18.333 1.00 59.56  ? 53   ARG A NH1 1 
ATOM   384  N  NH2 . ARG A 1 53 ? -5.051  10.759  -18.572 1.00 55.15  ? 53   ARG A NH2 1 
ATOM   385  N  N   . VAL A 1 54 ? 1.635   9.247   -14.525 1.00 45.86  ? 54   VAL A N   1 
ATOM   386  C  CA  . VAL A 1 54 ? 2.610   8.282   -14.038 1.00 41.93  ? 54   VAL A CA  1 
ATOM   387  C  C   . VAL A 1 54 ? 2.523   8.222   -12.508 1.00 45.18  ? 54   VAL A C   1 
ATOM   388  O  O   . VAL A 1 54 ? 2.509   7.142   -11.916 1.00 42.79  ? 54   VAL A O   1 
ATOM   389  C  CB  . VAL A 1 54 ? 4.030   8.723   -14.450 1.00 42.46  ? 54   VAL A CB  1 
ATOM   390  C  CG1 . VAL A 1 54 ? 5.076   7.682   -14.033 1.00 38.30  ? 54   VAL A CG1 1 
ATOM   391  C  CG2 . VAL A 1 54 ? 4.057   8.968   -15.937 1.00 41.90  ? 54   VAL A CG2 1 
ATOM   392  N  N   . ALA A 1 55 ? 2.466   9.395   -11.877 1.00 44.02  ? 55   ALA A N   1 
ATOM   393  C  CA  . ALA A 1 55 ? 2.387   9.481   -10.427 1.00 39.18  ? 55   ALA A CA  1 
ATOM   394  C  C   . ALA A 1 55 ? 1.079   8.881   -9.920  1.00 41.34  ? 55   ALA A C   1 
ATOM   395  O  O   . ALA A 1 55 ? 1.059   8.129   -8.946  1.00 42.58  ? 55   ALA A O   1 
ATOM   396  C  CB  . ALA A 1 55 ? 2.494   10.924  -9.988  1.00 32.78  ? 55   ALA A CB  1 
ATOM   397  N  N   . VAL A 1 56 ? -0.020  9.225   -10.575 1.00 37.96  ? 56   VAL A N   1 
ATOM   398  C  CA  . VAL A 1 56 ? -1.309  8.705   -10.164 1.00 38.05  ? 56   VAL A CA  1 
ATOM   399  C  C   . VAL A 1 56 ? -1.362  7.184   -10.328 1.00 42.15  ? 56   VAL A C   1 
ATOM   400  O  O   . VAL A 1 56 ? -1.833  6.473   -9.436  1.00 41.70  ? 56   VAL A O   1 
ATOM   401  C  CB  . VAL A 1 56 ? -2.447  9.380   -10.963 1.00 34.98  ? 56   VAL A CB  1 
ATOM   402  C  CG1 . VAL A 1 56 ? -3.674  8.503   -10.977 1.00 32.57  ? 56   VAL A CG1 1 
ATOM   403  C  CG2 . VAL A 1 56 ? -2.782  10.732  -10.329 1.00 32.73  ? 56   VAL A CG2 1 
HETATM 404  N  N   . MSE A 1 57 ? -0.863  6.689   -11.456 1.00 41.09  ? 57   MSE A N   1 
HETATM 405  C  CA  . MSE A 1 57 ? -0.860  5.264   -11.728 1.00 41.23  ? 57   MSE A CA  1 
HETATM 406  C  C   . MSE A 1 57 ? -0.030  4.531   -10.676 1.00 42.09  ? 57   MSE A C   1 
HETATM 407  O  O   . MSE A 1 57 ? -0.410  3.457   -10.205 1.00 46.62  ? 57   MSE A O   1 
HETATM 408  C  CB  . MSE A 1 57 ? -0.305  5.000   -13.128 1.00 45.71  ? 57   MSE A CB  1 
HETATM 409  C  CG  . MSE A 1 57 ? -0.950  3.812   -13.833 1.00 62.85  ? 57   MSE A CG  1 
HETATM 410  SE SE  . MSE A 1 57 ? -2.918  3.872   -13.904 1.00 73.95  ? 57   MSE A SE  1 
HETATM 411  C  CE  . MSE A 1 57 ? -3.130  5.045   -15.432 1.00 79.18  ? 57   MSE A CE  1 
ATOM   412  N  N   . ALA A 1 58 ? 1.096   5.125   -10.301 1.00 38.33  ? 58   ALA A N   1 
ATOM   413  C  CA  . ALA A 1 58 ? 1.975   4.540   -9.298  1.00 34.93  ? 58   ALA A CA  1 
ATOM   414  C  C   . ALA A 1 58 ? 1.254   4.410   -7.952  1.00 35.60  ? 58   ALA A C   1 
ATOM   415  O  O   . ALA A 1 58 ? 1.324   3.368   -7.294  1.00 36.60  ? 58   ALA A O   1 
ATOM   416  C  CB  . ALA A 1 58 ? 3.235   5.403   -9.139  1.00 34.40  ? 58   ALA A CB  1 
ATOM   417  N  N   . ALA A 1 59 ? 0.570   5.473   -7.540  1.00 30.04  ? 59   ALA A N   1 
ATOM   418  C  CA  . ALA A 1 59 ? -0.143  5.455   -6.272  1.00 30.47  ? 59   ALA A CA  1 
ATOM   419  C  C   . ALA A 1 59 ? -1.198  4.346   -6.297  1.00 34.49  ? 59   ALA A C   1 
ATOM   420  O  O   . ALA A 1 59 ? -1.433  3.680   -5.286  1.00 32.57  ? 59   ALA A O   1 
ATOM   421  C  CB  . ALA A 1 59 ? -0.794  6.816   -6.002  1.00 24.76  ? 59   ALA A CB  1 
ATOM   422  N  N   . LEU A 1 60 ? -1.819  4.136   -7.457  1.00 35.71  ? 60   LEU A N   1 
ATOM   423  C  CA  . LEU A 1 60 ? -2.827  3.098   -7.584  1.00 35.30  ? 60   LEU A CA  1 
ATOM   424  C  C   . LEU A 1 60 ? -2.210  1.701   -7.496  1.00 38.68  ? 60   LEU A C   1 
ATOM   425  O  O   . LEU A 1 60 ? -2.786  0.809   -6.867  1.00 40.88  ? 60   LEU A O   1 
ATOM   426  C  CB  . LEU A 1 60 ? -3.608  3.268   -8.888  1.00 30.05  ? 60   LEU A CB  1 
ATOM   427  C  CG  . LEU A 1 60 ? -4.511  4.513   -8.938  1.00 33.37  ? 60   LEU A CG  1 
ATOM   428  C  CD1 . LEU A 1 60 ? -5.151  4.621   -10.306 1.00 30.21  ? 60   LEU A CD1 1 
ATOM   429  C  CD2 . LEU A 1 60 ? -5.579  4.457   -7.854  1.00 21.36  ? 60   LEU A CD2 1 
ATOM   430  N  N   . ASN A 1 61 ? -1.042  1.501   -8.106  1.00 37.51  ? 61   ASN A N   1 
ATOM   431  C  CA  . ASN A 1 61 ? -0.393  0.190   -8.044  1.00 40.94  ? 61   ASN A CA  1 
ATOM   432  C  C   . ASN A 1 61 ? 0.092   -0.093  -6.632  1.00 42.50  ? 61   ASN A C   1 
ATOM   433  O  O   . ASN A 1 61 ? -0.035  -1.208  -6.130  1.00 40.51  ? 61   ASN A O   1 
ATOM   434  C  CB  . ASN A 1 61 ? 0.787   0.119   -9.011  1.00 46.77  ? 61   ASN A CB  1 
ATOM   435  C  CG  . ASN A 1 61 ? 0.342   0.002   -10.453 1.00 55.87  ? 61   ASN A CG  1 
ATOM   436  O  OD1 . ASN A 1 61 ? 1.162   0.024   -11.370 1.00 60.88  ? 61   ASN A OD1 1 
ATOM   437  N  ND2 . ASN A 1 61 ? -0.967  -0.125  -10.661 1.00 62.94  ? 61   ASN A ND2 1 
ATOM   438  N  N   . ILE A 1 62 ? 0.662   0.925   -5.997  1.00 43.73  ? 62   ILE A N   1 
ATOM   439  C  CA  . ILE A 1 62 ? 1.138   0.795   -4.632  1.00 38.28  ? 62   ILE A CA  1 
ATOM   440  C  C   . ILE A 1 62 ? -0.062  0.404   -3.779  1.00 38.93  ? 62   ILE A C   1 
ATOM   441  O  O   . ILE A 1 62 ? 0.048   -0.429  -2.889  1.00 42.81  ? 62   ILE A O   1 
ATOM   442  C  CB  . ILE A 1 62 ? 1.740   2.121   -4.157  1.00 37.01  ? 62   ILE A CB  1 
ATOM   443  C  CG1 . ILE A 1 62 ? 3.081   2.338   -4.868  1.00 35.81  ? 62   ILE A CG1 1 
ATOM   444  C  CG2 . ILE A 1 62 ? 1.860   2.145   -2.642  1.00 27.78  ? 62   ILE A CG2 1 
ATOM   445  C  CD1 . ILE A 1 62 ? 3.711   3.684   -4.600  1.00 33.44  ? 62   ILE A CD1 1 
ATOM   446  N  N   . THR A 1 63 ? -1.215  0.996   -4.065  1.00 37.27  ? 63   THR A N   1 
ATOM   447  C  CA  . THR A 1 63 ? -2.428  0.668   -3.329  1.00 36.78  ? 63   THR A CA  1 
ATOM   448  C  C   . THR A 1 63 ? -2.807  -0.785  -3.615  1.00 38.48  ? 63   THR A C   1 
ATOM   449  O  O   . THR A 1 63 ? -3.236  -1.513  -2.718  1.00 39.19  ? 63   THR A O   1 
ATOM   450  C  CB  . THR A 1 63 ? -3.586  1.590   -3.732  1.00 34.60  ? 63   THR A CB  1 
ATOM   451  O  OG1 . THR A 1 63 ? -3.211  2.944   -3.472  1.00 42.06  ? 63   THR A OG1 1 
ATOM   452  C  CG2 . THR A 1 63 ? -4.843  1.273   -2.923  1.00 34.80  ? 63   THR A CG2 1 
ATOM   453  N  N   . HIS A 1 64 ? -2.655  -1.205  -4.866  1.00 37.65  ? 64   HIS A N   1 
ATOM   454  C  CA  . HIS A 1 64 ? -2.950  -2.582  -5.224  1.00 38.64  ? 64   HIS A CA  1 
ATOM   455  C  C   . HIS A 1 64 ? -1.986  -3.517  -4.483  1.00 37.83  ? 64   HIS A C   1 
ATOM   456  O  O   . HIS A 1 64 ? -2.414  -4.444  -3.809  1.00 37.19  ? 64   HIS A O   1 
ATOM   457  C  CB  . HIS A 1 64 ? -2.787  -2.808  -6.721  1.00 41.21  ? 64   HIS A CB  1 
ATOM   458  C  CG  . HIS A 1 64 ? -2.634  -4.251  -7.081  1.00 50.31  ? 64   HIS A CG  1 
ATOM   459  N  ND1 . HIS A 1 64 ? -3.660  -5.162  -6.947  1.00 54.26  ? 64   HIS A ND1 1 
ATOM   460  C  CD2 . HIS A 1 64 ? -1.550  -4.961  -7.472  1.00 52.56  ? 64   HIS A CD2 1 
ATOM   461  C  CE1 . HIS A 1 64 ? -3.213  -6.370  -7.237  1.00 54.00  ? 64   HIS A CE1 1 
ATOM   462  N  NE2 . HIS A 1 64 ? -1.935  -6.276  -7.557  1.00 52.57  ? 64   HIS A NE2 1 
ATOM   463  N  N   . ASP A 1 65 ? -0.687  -3.271  -4.630  1.00 36.47  ? 65   ASP A N   1 
ATOM   464  C  CA  . ASP A 1 65 ? 0.341   -4.071  -3.977  1.00 37.86  ? 65   ASP A CA  1 
ATOM   465  C  C   . ASP A 1 65 ? -0.022  -4.385  -2.527  1.00 39.32  ? 65   ASP A C   1 
ATOM   466  O  O   . ASP A 1 65 ? 0.062   -5.537  -2.080  1.00 36.63  ? 65   ASP A O   1 
ATOM   467  C  CB  . ASP A 1 65 ? 1.686   -3.333  -3.975  1.00 42.00  ? 65   ASP A CB  1 
ATOM   468  C  CG  . ASP A 1 65 ? 2.377   -3.332  -5.333  1.00 48.26  ? 65   ASP A CG  1 
ATOM   469  O  OD1 . ASP A 1 65 ? 3.483   -2.743  -5.412  1.00 49.72  ? 65   ASP A OD1 1 
ATOM   470  O  OD2 . ASP A 1 65 ? 1.835   -3.906  -6.309  1.00 50.18  ? 65   ASP A OD2 1 
ATOM   471  N  N   . LEU A 1 66 ? -0.413  -3.354  -1.790  1.00 38.16  ? 66   LEU A N   1 
ATOM   472  C  CA  . LEU A 1 66 ? -0.752  -3.528  -0.389  1.00 41.65  ? 66   LEU A CA  1 
ATOM   473  C  C   . LEU A 1 66 ? -2.070  -4.268  -0.179  1.00 43.74  ? 66   LEU A C   1 
ATOM   474  O  O   . LEU A 1 66 ? -2.190  -5.060  0.758   1.00 45.84  ? 66   LEU A O   1 
ATOM   475  C  CB  . LEU A 1 66 ? -0.749  -2.165  0.313   1.00 40.57  ? 66   LEU A CB  1 
ATOM   476  C  CG  . LEU A 1 66 ? 0.653   -1.607  0.674   1.00 51.67  ? 66   LEU A CG  1 
ATOM   477  C  CD1 . LEU A 1 66 ? 1.708   -1.997  -0.359  1.00 50.81  ? 66   LEU A CD1 1 
ATOM   478  C  CD2 . LEU A 1 66 ? 0.594   -0.089  0.795   1.00 54.58  ? 66   LEU A CD2 1 
ATOM   479  N  N   . LEU A 1 67 ? -3.052  -4.032  -1.049  1.00 43.07  ? 67   LEU A N   1 
ATOM   480  C  CA  . LEU A 1 67 ? -4.341  -4.713  -0.930  1.00 39.36  ? 67   LEU A CA  1 
ATOM   481  C  C   . LEU A 1 67 ? -4.163  -6.192  -1.207  1.00 41.12  ? 67   LEU A C   1 
ATOM   482  O  O   . LEU A 1 67 ? -4.799  -7.031  -0.579  1.00 41.37  ? 67   LEU A O   1 
ATOM   483  C  CB  . LEU A 1 67 ? -5.362  -4.144  -1.918  1.00 32.00  ? 67   LEU A CB  1 
ATOM   484  C  CG  . LEU A 1 67 ? -5.931  -2.771  -1.578  1.00 33.21  ? 67   LEU A CG  1 
ATOM   485  C  CD1 . LEU A 1 67 ? -6.951  -2.352  -2.616  1.00 35.61  ? 67   LEU A CD1 1 
ATOM   486  C  CD2 . LEU A 1 67 ? -6.578  -2.828  -0.221  1.00 32.14  ? 67   LEU A CD2 1 
ATOM   487  N  N   . HIS A 1 68 ? -3.288  -6.493  -2.155  1.00 43.19  ? 68   HIS A N   1 
ATOM   488  C  CA  . HIS A 1 68 ? -3.007  -7.862  -2.549  1.00 48.66  ? 68   HIS A CA  1 
ATOM   489  C  C   . HIS A 1 68 ? -2.201  -8.599  -1.486  1.00 50.06  ? 68   HIS A C   1 
ATOM   490  O  O   . HIS A 1 68 ? -2.364  -9.797  -1.279  1.00 52.46  ? 68   HIS A O   1 
ATOM   491  C  CB  . HIS A 1 68 ? -2.232  -7.871  -3.858  1.00 51.30  ? 68   HIS A CB  1 
ATOM   492  C  CG  . HIS A 1 68 ? -2.024  -9.240  -4.415  1.00 61.18  ? 68   HIS A CG  1 
ATOM   493  N  ND1 . HIS A 1 68 ? -3.064  -10.023 -4.867  1.00 65.77  ? 68   HIS A ND1 1 
ATOM   494  C  CD2 . HIS A 1 68 ? -0.895  -9.965  -4.600  1.00 64.04  ? 68   HIS A CD2 1 
ATOM   495  C  CE1 . HIS A 1 68 ? -2.585  -11.172 -5.310  1.00 68.02  ? 68   HIS A CE1 1 
ATOM   496  N  NE2 . HIS A 1 68 ? -1.272  -11.162 -5.160  1.00 68.54  ? 68   HIS A NE2 1 
ATOM   497  N  N   . ARG A 1 69 ? -1.314  -7.878  -0.822  1.00 50.49  ? 69   ARG A N   1 
ATOM   498  C  CA  . ARG A 1 69 ? -0.505  -8.480  0.210   1.00 49.27  ? 69   ARG A CA  1 
ATOM   499  C  C   . ARG A 1 69 ? -1.428  -8.894  1.342   1.00 48.23  ? 69   ARG A C   1 
ATOM   500  O  O   . ARG A 1 69 ? -1.274  -9.966  1.920   1.00 52.72  ? 69   ARG A O   1 
ATOM   501  C  CB  . ARG A 1 69 ? 0.541   -7.477  0.700   1.00 53.60  ? 69   ARG A CB  1 
ATOM   502  C  CG  . ARG A 1 69 ? 1.490   -8.005  1.744   1.00 56.14  ? 69   ARG A CG  1 
ATOM   503  C  CD  . ARG A 1 69 ? 2.811   -7.266  1.665   1.00 65.76  ? 69   ARG A CD  1 
ATOM   504  N  NE  . ARG A 1 69 ? 3.626   -7.459  2.862   1.00 74.16  ? 69   ARG A NE  1 
ATOM   505  C  CZ  . ARG A 1 69 ? 3.271   -7.060  4.080   1.00 75.37  ? 69   ARG A CZ  1 
ATOM   506  N  NH1 . ARG A 1 69 ? 2.110   -6.447  4.265   1.00 77.72  ? 69   ARG A NH1 1 
ATOM   507  N  NH2 . ARG A 1 69 ? 4.078   -7.267  5.111   1.00 76.46  ? 69   ARG A NH2 1 
ATOM   508  N  N   . LYS A 1 70 ? -2.403  -8.053  1.654   1.00 44.19  ? 70   LYS A N   1 
ATOM   509  C  CA  . LYS A 1 70 ? -3.322  -8.376  2.725   1.00 42.71  ? 70   LYS A CA  1 
ATOM   510  C  C   . LYS A 1 70 ? -4.247  -9.533  2.338   1.00 45.88  ? 70   LYS A C   1 
ATOM   511  O  O   . LYS A 1 70 ? -4.659  -10.320 3.192   1.00 47.12  ? 70   LYS A O   1 
ATOM   512  C  CB  . LYS A 1 70 ? -4.153  -7.159  3.101   1.00 37.10  ? 70   LYS A CB  1 
ATOM   513  C  CG  . LYS A 1 70 ? -5.066  -7.438  4.263   1.00 42.02  ? 70   LYS A CG  1 
ATOM   514  C  CD  . LYS A 1 70 ? -6.126  -6.381  4.427   1.00 50.72  ? 70   LYS A CD  1 
ATOM   515  C  CE  . LYS A 1 70 ? -7.398  -7.013  4.964   1.00 57.05  ? 70   LYS A CE  1 
ATOM   516  N  NZ  . LYS A 1 70 ? -7.099  -7.901  6.124   1.00 62.17  ? 70   LYS A NZ  1 
ATOM   517  N  N   . GLU A 1 71 ? -4.575  -9.634  1.053   1.00 46.24  ? 71   GLU A N   1 
ATOM   518  C  CA  . GLU A 1 71 ? -5.447  -10.697 0.568   1.00 45.52  ? 71   GLU A CA  1 
ATOM   519  C  C   . GLU A 1 71 ? -4.728  -12.034 0.653   1.00 44.92  ? 71   GLU A C   1 
ATOM   520  O  O   . GLU A 1 71 ? -5.319  -13.049 1.006   1.00 42.55  ? 71   GLU A O   1 
ATOM   521  C  CB  . GLU A 1 71 ? -5.832  -10.443 -0.887  1.00 50.04  ? 71   GLU A CB  1 
ATOM   522  C  CG  . GLU A 1 71 ? -7.328  -10.500 -1.170  1.00 60.26  ? 71   GLU A CG  1 
ATOM   523  C  CD  . GLU A 1 71 ? -7.996  -11.725 -0.578  1.00 65.20  ? 71   GLU A CD  1 
ATOM   524  O  OE1 . GLU A 1 71 ? -8.311  -11.714 0.633   1.00 70.85  ? 71   GLU A OE1 1 
ATOM   525  O  OE2 . GLU A 1 71 ? -8.200  -12.705 -1.322  1.00 67.84  ? 71   GLU A OE2 1 
ATOM   526  N  N   . ARG A 1 72 ? -3.444  -12.011 0.316   1.00 46.01  ? 72   ARG A N   1 
ATOM   527  C  CA  . ARG A 1 72 ? -2.599  -13.195 0.325   1.00 45.91  ? 72   ARG A CA  1 
ATOM   528  C  C   . ARG A 1 72 ? -2.397  -13.680 1.758   1.00 44.26  ? 72   ARG A C   1 
ATOM   529  O  O   . ARG A 1 72 ? -2.393  -14.876 2.030   1.00 43.50  ? 72   ARG A O   1 
ATOM   530  C  CB  . ARG A 1 72 ? -1.250  -12.852 -0.299  1.00 50.75  ? 72   ARG A CB  1 
ATOM   531  C  CG  . ARG A 1 72 ? -0.656  -13.938 -1.170  1.00 62.54  ? 72   ARG A CG  1 
ATOM   532  C  CD  . ARG A 1 72 ? -1.416  -14.055 -2.478  1.00 70.72  ? 72   ARG A CD  1 
ATOM   533  N  NE  . ARG A 1 72 ? -0.768  -14.991 -3.393  1.00 83.12  ? 72   ARG A NE  1 
ATOM   534  C  CZ  . ARG A 1 72 ? -1.067  -15.103 -4.688  1.00 91.41  ? 72   ARG A CZ  1 
ATOM   535  N  NH1 . ARG A 1 72 ? -0.417  -15.980 -5.449  1.00 92.96  ? 72   ARG A NH1 1 
ATOM   536  N  NH2 . ARG A 1 72 ? -2.003  -14.325 -5.236  1.00 92.87  ? 72   ARG A NH2 1 
ATOM   537  N  N   . LEU A 1 73 ? -2.234  -12.737 2.671   1.00 41.86  ? 73   LEU A N   1 
ATOM   538  C  CA  . LEU A 1 73 ? -2.033  -13.066 4.069   1.00 41.53  ? 73   LEU A CA  1 
ATOM   539  C  C   . LEU A 1 73 ? -3.307  -13.668 4.633   1.00 41.78  ? 73   LEU A C   1 
ATOM   540  O  O   . LEU A 1 73 ? -3.269  -14.660 5.353   1.00 47.02  ? 73   LEU A O   1 
ATOM   541  C  CB  . LEU A 1 73 ? -1.665  -11.805 4.841   1.00 48.50  ? 73   LEU A CB  1 
ATOM   542  C  CG  . LEU A 1 73 ? -0.395  -11.854 5.693   1.00 54.03  ? 73   LEU A CG  1 
ATOM   543  C  CD1 . LEU A 1 73 ? -0.018  -10.447 6.133   1.00 57.50  ? 73   LEU A CD1 1 
ATOM   544  C  CD2 . LEU A 1 73 ? -0.627  -12.763 6.898   1.00 59.62  ? 73   LEU A CD2 1 
ATOM   545  N  N   . ASP A 1 74 ? -4.442  -13.063 4.313   1.00 42.40  ? 74   ASP A N   1 
ATOM   546  C  CA  . ASP A 1 74 ? -5.725  -13.569 4.787   1.00 40.01  ? 74   ASP A CA  1 
ATOM   547  C  C   . ASP A 1 74 ? -5.949  -14.989 4.296   1.00 37.48  ? 74   ASP A C   1 
ATOM   548  O  O   . ASP A 1 74 ? -6.466  -15.827 5.022   1.00 34.93  ? 74   ASP A O   1 
ATOM   549  C  CB  . ASP A 1 74 ? -6.860  -12.674 4.301   1.00 41.85  ? 74   ASP A CB  1 
ATOM   550  C  CG  . ASP A 1 74 ? -6.919  -11.360 5.047   1.00 50.38  ? 74   ASP A CG  1 
ATOM   551  O  OD1 . ASP A 1 74 ? -7.869  -10.582 4.802   1.00 56.20  ? 74   ASP A OD1 1 
ATOM   552  O  OD2 . ASP A 1 74 ? -6.019  -11.104 5.879   1.00 51.25  ? 74   ASP A OD2 1 
ATOM   553  N  N   . GLN A 1 75 ? -5.558  -15.248 3.054   1.00 35.02  ? 75   GLN A N   1 
ATOM   554  C  CA  . GLN A 1 75 ? -5.701  -16.565 2.468   1.00 34.56  ? 75   GLN A CA  1 
ATOM   555  C  C   . GLN A 1 75 ? -4.773  -17.555 3.154   1.00 38.80  ? 75   GLN A C   1 
ATOM   556  O  O   . GLN A 1 75 ? -5.148  -18.706 3.411   1.00 39.85  ? 75   GLN A O   1 
ATOM   557  C  CB  . GLN A 1 75 ? -5.399  -16.512 0.976   1.00 31.94  ? 75   GLN A CB  1 
ATOM   558  C  CG  . GLN A 1 75 ? -6.585  -16.078 0.133   1.00 42.22  ? 75   GLN A CG  1 
ATOM   559  C  CD  . GLN A 1 75 ? -6.264  -16.040 -1.355  1.00 50.12  ? 75   GLN A CD  1 
ATOM   560  O  OE1 . GLN A 1 75 ? -5.638  -16.959 -1.892  1.00 53.02  ? 75   GLN A OE1 1 
ATOM   561  N  NE2 . GLN A 1 75 ? -6.702  -14.981 -2.029  1.00 51.97  ? 75   GLN A NE2 1 
ATOM   562  N  N   . GLU A 1 76 ? -3.559  -17.104 3.457   1.00 40.25  ? 76   GLU A N   1 
ATOM   563  C  CA  . GLU A 1 76 ? -2.588  -17.952 4.126   1.00 39.13  ? 76   GLU A CA  1 
ATOM   564  C  C   . GLU A 1 76 ? -3.094  -18.361 5.510   1.00 38.55  ? 76   GLU A C   1 
ATOM   565  O  O   . GLU A 1 76 ? -2.914  -19.500 5.919   1.00 39.86  ? 76   GLU A O   1 
ATOM   566  C  CB  . GLU A 1 76 ? -1.255  -17.221 4.246   1.00 44.61  ? 76   GLU A CB  1 
ATOM   567  C  CG  . GLU A 1 76 ? -0.109  -18.070 4.783   1.00 57.07  ? 76   GLU A CG  1 
ATOM   568  C  CD  . GLU A 1 76 ? 0.047   -19.403 4.045   1.00 64.80  ? 76   GLU A CD  1 
ATOM   569  O  OE1 . GLU A 1 76 ? -0.204  -19.456 2.816   1.00 65.02  ? 76   GLU A OE1 1 
ATOM   570  O  OE2 . GLU A 1 76 ? 0.437   -20.397 4.699   1.00 65.33  ? 76   GLU A OE2 1 
ATOM   571  N  N   . SER A 1 77 ? -3.743  -17.442 6.220   1.00 34.50  ? 77   SER A N   1 
ATOM   572  C  CA  . SER A 1 77 ? -4.256  -17.739 7.553   1.00 35.42  ? 77   SER A CA  1 
ATOM   573  C  C   . SER A 1 77 ? -5.404  -18.710 7.512   1.00 36.84  ? 77   SER A C   1 
ATOM   574  O  O   . SER A 1 77 ? -5.481  -19.644 8.307   1.00 39.38  ? 77   SER A O   1 
ATOM   575  C  CB  . SER A 1 77 ? -4.738  -16.469 8.244   1.00 36.36  ? 77   SER A CB  1 
ATOM   576  O  OG  . SER A 1 77 ? -3.647  -15.627 8.557   1.00 50.08  ? 77   SER A OG  1 
ATOM   577  N  N   . SER A 1 78 ? -6.314  -18.464 6.581   1.00 39.27  ? 78   SER A N   1 
ATOM   578  C  CA  . SER A 1 78 ? -7.489  -19.288 6.424   1.00 35.40  ? 78   SER A CA  1 
ATOM   579  C  C   . SER A 1 78 ? -7.067  -20.724 6.122   1.00 34.34  ? 78   SER A C   1 
ATOM   580  O  O   . SER A 1 78 ? -7.628  -21.688 6.646   1.00 30.37  ? 78   SER A O   1 
ATOM   581  C  CB  . SER A 1 78 ? -8.338  -18.727 5.291   1.00 31.89  ? 78   SER A CB  1 
ATOM   582  O  OG  . SER A 1 78 ? -9.706  -19.039 5.495   1.00 44.74  ? 78   SER A OG  1 
ATOM   583  N  N   . SER A 1 79 ? -6.054  -20.858 5.283   1.00 32.47  ? 79   SER A N   1 
ATOM   584  C  CA  . SER A 1 79 ? -5.574  -22.165 4.912   1.00 31.91  ? 79   SER A CA  1 
ATOM   585  C  C   . SER A 1 79 ? -5.010  -22.915 6.115   1.00 32.86  ? 79   SER A C   1 
ATOM   586  O  O   . SER A 1 79 ? -5.372  -24.072 6.354   1.00 32.40  ? 79   SER A O   1 
ATOM   587  C  CB  . SER A 1 79 ? -4.520  -22.031 3.821   1.00 34.68  ? 79   SER A CB  1 
ATOM   588  O  OG  . SER A 1 79 ? -4.007  -23.305 3.477   1.00 46.52  ? 79   SER A OG  1 
ATOM   589  N  N   . THR A 1 80 ? -4.131  -22.275 6.885   1.00 30.14  ? 80   THR A N   1 
ATOM   590  C  CA  . THR A 1 80 ? -3.593  -22.963 8.045   1.00 30.98  ? 80   THR A CA  1 
ATOM   591  C  C   . THR A 1 80 ? -4.731  -23.277 9.018   1.00 28.98  ? 80   THR A C   1 
ATOM   592  O  O   . THR A 1 80 ? -4.628  -24.213 9.800   1.00 31.90  ? 80   THR A O   1 
ATOM   593  C  CB  . THR A 1 80 ? -2.475  -22.163 8.767   1.00 30.19  ? 80   THR A CB  1 
ATOM   594  O  OG1 . THR A 1 80 ? -3.056  -21.258 9.697   1.00 44.47  ? 80   THR A OG1 1 
ATOM   595  C  CG2 . THR A 1 80 ? -1.647  -21.385 7.783   1.00 24.62  ? 80   THR A CG2 1 
ATOM   596  N  N   . ARG A 1 81 ? -5.820  -22.512 8.972   1.00 28.02  ? 81   ARG A N   1 
ATOM   597  C  CA  . ARG A 1 81 ? -6.953  -22.814 9.845   1.00 31.73  ? 81   ARG A CA  1 
ATOM   598  C  C   . ARG A 1 81 ? -7.598  -24.108 9.401   1.00 31.35  ? 81   ARG A C   1 
ATOM   599  O  O   . ARG A 1 81 ? -8.047  -24.903 10.229  1.00 31.91  ? 81   ARG A O   1 
ATOM   600  C  CB  . ARG A 1 81 ? -8.019  -21.736 9.796   1.00 37.96  ? 81   ARG A CB  1 
ATOM   601  C  CG  . ARG A 1 81 ? -7.674  -20.497 10.549  1.00 47.98  ? 81   ARG A CG  1 
ATOM   602  C  CD  . ARG A 1 81 ? -8.897  -19.647 10.658  1.00 49.85  ? 81   ARG A CD  1 
ATOM   603  N  NE  . ARG A 1 81 ? -9.888  -20.252 11.533  1.00 47.29  ? 81   ARG A NE  1 
ATOM   604  C  CZ  . ARG A 1 81 ? -11.162 -19.882 11.570  1.00 52.33  ? 81   ARG A CZ  1 
ATOM   605  N  NH1 . ARG A 1 81 ? -11.999 -20.480 12.407  1.00 55.90  ? 81   ARG A NH1 1 
ATOM   606  N  NH2 . ARG A 1 81 ? -11.608 -18.934 10.751  1.00 44.39  ? 81   ARG A NH2 1 
ATOM   607  N  N   . GLU A 1 82 ? -7.662  -24.314 8.092   1.00 28.96  ? 82   GLU A N   1 
ATOM   608  C  CA  . GLU A 1 82 ? -8.258  -25.526 7.571   1.00 31.25  ? 82   GLU A CA  1 
ATOM   609  C  C   . GLU A 1 82 ? -7.397  -26.713 7.967   1.00 33.61  ? 82   GLU A C   1 
ATOM   610  O  O   . GLU A 1 82 ? -7.912  -27.770 8.344   1.00 32.03  ? 82   GLU A O   1 
ATOM   611  C  CB  . GLU A 1 82 ? -8.393  -25.443 6.053   1.00 30.96  ? 82   GLU A CB  1 
ATOM   612  C  CG  . GLU A 1 82 ? -9.218  -24.265 5.611   1.00 39.39  ? 82   GLU A CG  1 
ATOM   613  C  CD  . GLU A 1 82 ? -9.547  -24.298 4.138   1.00 40.60  ? 82   GLU A CD  1 
ATOM   614  O  OE1 . GLU A 1 82 ? -8.665  -24.684 3.345   1.00 40.18  ? 82   GLU A OE1 1 
ATOM   615  O  OE2 . GLU A 1 82 ? -10.682 -23.921 3.778   1.00 42.78  ? 82   GLU A OE2 1 
ATOM   616  N  N   . ARG A 1 83 ? -6.080  -26.527 7.894   1.00 34.61  ? 83   ARG A N   1 
ATOM   617  C  CA  . ARG A 1 83 ? -5.146  -27.584 8.258   1.00 37.29  ? 83   ARG A CA  1 
ATOM   618  C  C   . ARG A 1 83 ? -5.209  -27.896 9.748   1.00 36.11  ? 83   ARG A C   1 
ATOM   619  O  O   . ARG A 1 83 ? -5.039  -29.051 10.151  1.00 35.86  ? 83   ARG A O   1 
ATOM   620  C  CB  . ARG A 1 83 ? -3.725  -27.198 7.874   1.00 42.64  ? 83   ARG A CB  1 
ATOM   621  C  CG  . ARG A 1 83 ? -3.441  -27.327 6.388   1.00 50.85  ? 83   ARG A CG  1 
ATOM   622  C  CD  . ARG A 1 83 ? -1.975  -27.065 6.131   1.00 70.77  ? 83   ARG A CD  1 
ATOM   623  N  NE  . ARG A 1 83 ? -1.640  -26.951 4.712   1.00 85.91  ? 83   ARG A NE  1 
ATOM   624  C  CZ  . ARG A 1 83 ? -0.396  -26.954 4.233   1.00 95.19  ? 83   ARG A CZ  1 
ATOM   625  N  NH1 . ARG A 1 83 ? 0.638   -27.070 5.059   1.00 95.64  ? 83   ARG A NH1 1 
ATOM   626  N  NH2 . ARG A 1 83 ? -0.186  -26.834 2.925   1.00 96.81  ? 83   ARG A NH2 1 
ATOM   627  N  N   . VAL A 1 84 ? -5.461  -26.873 10.564  1.00 34.26  ? 84   VAL A N   1 
ATOM   628  C  CA  . VAL A 1 84 ? -5.573  -27.056 12.005  1.00 31.91  ? 84   VAL A CA  1 
ATOM   629  C  C   . VAL A 1 84 ? -6.857  -27.813 12.323  1.00 34.13  ? 84   VAL A C   1 
ATOM   630  O  O   . VAL A 1 84 ? -6.902  -28.607 13.257  1.00 37.90  ? 84   VAL A O   1 
ATOM   631  C  CB  . VAL A 1 84 ? -5.592  -25.704 12.751  1.00 29.02  ? 84   VAL A CB  1 
ATOM   632  C  CG1 . VAL A 1 84 ? -6.119  -25.884 14.182  1.00 19.26  ? 84   VAL A CG1 1 
ATOM   633  C  CG2 . VAL A 1 84 ? -4.199  -25.131 12.785  1.00 24.30  ? 84   VAL A CG2 1 
ATOM   634  N  N   . ARG A 1 85 ? -7.910  -27.565 11.559  1.00 34.43  ? 85   ARG A N   1 
ATOM   635  C  CA  . ARG A 1 85 ? -9.156  -28.265 11.810  1.00 37.79  ? 85   ARG A CA  1 
ATOM   636  C  C   . ARG A 1 85 ? -9.023  -29.703 11.333  1.00 38.62  ? 85   ARG A C   1 
ATOM   637  O  O   . ARG A 1 85 ? -9.655  -30.608 11.863  1.00 38.20  ? 85   ARG A O   1 
ATOM   638  C  CB  . ARG A 1 85 ? -10.299 -27.518 11.129  1.00 41.40  ? 85   ARG A CB  1 
ATOM   639  C  CG  . ARG A 1 85 ? -10.601 -26.206 11.870  1.00 46.29  ? 85   ARG A CG  1 
ATOM   640  C  CD  . ARG A 1 85 ? -11.025 -25.093 10.952  1.00 51.58  ? 85   ARG A CD  1 
ATOM   641  N  NE  . ARG A 1 85 ? -12.458 -25.107 10.701  1.00 60.90  ? 85   ARG A NE  1 
ATOM   642  C  CZ  . ARG A 1 85 ? -13.334 -24.336 11.335  1.00 64.66  ? 85   ARG A CZ  1 
ATOM   643  N  NH1 . ARG A 1 85 ? -14.626 -24.423 11.034  1.00 68.85  ? 85   ARG A NH1 1 
ATOM   644  N  NH2 . ARG A 1 85 ? -12.921 -23.471 12.254  1.00 61.14  ? 85   ARG A NH2 1 
ATOM   645  N  N   . GLU A 1 86 ? -8.169  -29.914 10.343  1.00 41.71  ? 86   GLU A N   1 
ATOM   646  C  CA  . GLU A 1 86 ? -7.927  -31.253 9.833   1.00 42.49  ? 86   GLU A CA  1 
ATOM   647  C  C   . GLU A 1 86 ? -7.185  -32.006 10.941  1.00 42.33  ? 86   GLU A C   1 
ATOM   648  O  O   . GLU A 1 86 ? -7.426  -33.186 11.176  1.00 44.38  ? 86   GLU A O   1 
ATOM   649  C  CB  . GLU A 1 86 ? -7.063  -31.172 8.587   1.00 46.64  ? 86   GLU A CB  1 
ATOM   650  C  CG  . GLU A 1 86 ? -6.746  -32.499 7.945   1.00 61.87  ? 86   GLU A CG  1 
ATOM   651  C  CD  . GLU A 1 86 ? -5.714  -32.350 6.834   1.00 73.35  ? 86   GLU A CD  1 
ATOM   652  O  OE1 . GLU A 1 86 ? -4.537  -32.039 7.141   1.00 77.98  ? 86   GLU A OE1 1 
ATOM   653  O  OE2 . GLU A 1 86 ? -6.082  -32.528 5.652   1.00 81.33  ? 86   GLU A OE2 1 
ATOM   654  N  N   . LEU A 1 87 ? -6.289  -31.306 11.630  1.00 39.35  ? 87   LEU A N   1 
ATOM   655  C  CA  . LEU A 1 87 ? -5.534  -31.907 12.716  1.00 38.47  ? 87   LEU A CA  1 
ATOM   656  C  C   . LEU A 1 87 ? -6.491  -32.268 13.839  1.00 39.37  ? 87   LEU A C   1 
ATOM   657  O  O   . LEU A 1 87 ? -6.426  -33.363 14.393  1.00 40.12  ? 87   LEU A O   1 
ATOM   658  C  CB  . LEU A 1 87 ? -4.482  -30.937 13.242  1.00 40.12  ? 87   LEU A CB  1 
ATOM   659  C  CG  . LEU A 1 87 ? -3.092  -31.540 13.427  1.00 41.50  ? 87   LEU A CG  1 
ATOM   660  C  CD1 . LEU A 1 87 ? -2.218  -30.561 14.168  1.00 47.02  ? 87   LEU A CD1 1 
ATOM   661  C  CD2 . LEU A 1 87 ? -3.191  -32.841 14.197  1.00 46.84  ? 87   LEU A CD2 1 
ATOM   662  N  N   . LEU A 1 88 ? -7.378  -31.340 14.175  1.00 39.07  ? 88   LEU A N   1 
ATOM   663  C  CA  . LEU A 1 88 ? -8.356  -31.580 15.222  1.00 41.08  ? 88   LEU A CA  1 
ATOM   664  C  C   . LEU A 1 88 ? -9.178  -32.833 14.958  1.00 42.96  ? 88   LEU A C   1 
ATOM   665  O  O   . LEU A 1 88 ? -9.371  -33.637 15.865  1.00 46.15  ? 88   LEU A O   1 
ATOM   666  C  CB  . LEU A 1 88 ? -9.279  -30.377 15.375  1.00 40.49  ? 88   LEU A CB  1 
ATOM   667  C  CG  . LEU A 1 88 ? -8.847  -29.424 16.488  1.00 42.30  ? 88   LEU A CG  1 
ATOM   668  C  CD1 . LEU A 1 88 ? -9.429  -28.041 16.259  1.00 41.08  ? 88   LEU A CD1 1 
ATOM   669  C  CD2 . LEU A 1 88 ? -9.278  -30.005 17.827  1.00 37.36  ? 88   LEU A CD2 1 
ATOM   670  N  N   . ASP A 1 89 ? -9.657  -33.014 13.731  1.00 44.48  ? 89   ASP A N   1 
ATOM   671  C  CA  . ASP A 1 89 ? -10.442 -34.205 13.428  1.00 47.77  ? 89   ASP A CA  1 
ATOM   672  C  C   . ASP A 1 89 ? -9.644  -35.470 13.600  1.00 47.57  ? 89   ASP A C   1 
ATOM   673  O  O   . ASP A 1 89 ? -10.168 -36.486 14.048  1.00 47.55  ? 89   ASP A O   1 
ATOM   674  C  CB  . ASP A 1 89 ? -10.988 -34.174 12.012  1.00 52.82  ? 89   ASP A CB  1 
ATOM   675  C  CG  . ASP A 1 89 ? -12.127 -33.227 11.873  1.00 62.25  ? 89   ASP A CG  1 
ATOM   676  O  OD1 . ASP A 1 89 ? -12.853 -33.032 12.876  1.00 63.01  ? 89   ASP A OD1 1 
ATOM   677  O  OD2 . ASP A 1 89 ? -12.299 -32.682 10.766  1.00 70.85  ? 89   ASP A OD2 1 
ATOM   678  N  N   . ARG A 1 90 ? -8.373  -35.423 13.232  1.00 45.91  ? 90   ARG A N   1 
ATOM   679  C  CA  . ARG A 1 90 ? -7.551  -36.600 13.388  1.00 45.13  ? 90   ARG A CA  1 
ATOM   680  C  C   . ARG A 1 90 ? -7.517  -36.950 14.878  1.00 44.15  ? 90   ARG A C   1 
ATOM   681  O  O   . ARG A 1 90 ? -7.661  -38.111 15.262  1.00 41.82  ? 90   ARG A O   1 
ATOM   682  C  CB  . ARG A 1 90 ? -6.144  -36.326 12.877  1.00 49.67  ? 90   ARG A CB  1 
ATOM   683  C  CG  . ARG A 1 90 ? -5.310  -37.559 12.849  1.00 59.94  ? 90   ARG A CG  1 
ATOM   684  C  CD  . ARG A 1 90 ? -3.839  -37.262 12.744  1.00 70.61  ? 90   ARG A CD  1 
ATOM   685  N  NE  . ARG A 1 90 ? -3.097  -38.440 13.175  1.00 77.76  ? 90   ARG A NE  1 
ATOM   686  C  CZ  . ARG A 1 90 ? -1.801  -38.633 12.992  1.00 81.82  ? 90   ARG A CZ  1 
ATOM   687  N  NH1 . ARG A 1 90 ? -1.249  -39.751 13.437  1.00 84.25  ? 90   ARG A NH1 1 
ATOM   688  N  NH2 . ARG A 1 90 ? -1.064  -37.726 12.366  1.00 82.35  ? 90   ARG A NH2 1 
ATOM   689  N  N   . VAL A 1 91 ? -7.351  -35.929 15.713  1.00 45.12  ? 91   VAL A N   1 
ATOM   690  C  CA  . VAL A 1 91 ? -7.295  -36.118 17.155  1.00 46.05  ? 91   VAL A CA  1 
ATOM   691  C  C   . VAL A 1 91 ? -8.576  -36.710 17.727  1.00 50.05  ? 91   VAL A C   1 
ATOM   692  O  O   . VAL A 1 91 ? -8.517  -37.639 18.523  1.00 53.56  ? 91   VAL A O   1 
ATOM   693  C  CB  . VAL A 1 91 ? -6.962  -34.790 17.874  1.00 44.10  ? 91   VAL A CB  1 
ATOM   694  C  CG1 . VAL A 1 91 ? -7.260  -34.902 19.360  1.00 43.52  ? 91   VAL A CG1 1 
ATOM   695  C  CG2 . VAL A 1 91 ? -5.484  -34.459 17.673  1.00 36.64  ? 91   VAL A CG2 1 
ATOM   696  N  N   . ASP A 1 92 ? -9.728  -36.186 17.319  1.00 55.45  ? 92   ASP A N   1 
ATOM   697  C  CA  . ASP A 1 92 ? -11.016 -36.693 17.802  1.00 60.49  ? 92   ASP A CA  1 
ATOM   698  C  C   . ASP A 1 92 ? -11.296 -38.137 17.387  1.00 60.38  ? 92   ASP A C   1 
ATOM   699  O  O   . ASP A 1 92 ? -11.889 -38.899 18.147  1.00 59.41  ? 92   ASP A O   1 
ATOM   700  C  CB  . ASP A 1 92 ? -12.155 -35.800 17.308  1.00 66.41  ? 92   ASP A CB  1 
ATOM   701  C  CG  . ASP A 1 92 ? -12.237 -34.484 18.072  1.00 79.40  ? 92   ASP A CG  1 
ATOM   702  O  OD1 . ASP A 1 92 ? -11.174 -33.902 18.401  1.00 79.68  ? 92   ASP A OD1 1 
ATOM   703  O  OD2 . ASP A 1 92 ? -13.371 -34.026 18.335  1.00 88.19  ? 92   ASP A OD2 1 
ATOM   704  N  N   . ARG A 1 93 ? -10.864 -38.508 16.186  1.00 61.52  ? 93   ARG A N   1 
ATOM   705  C  CA  . ARG A 1 93 ? -11.076 -39.856 15.670  1.00 64.80  ? 93   ARG A CA  1 
ATOM   706  C  C   . ARG A 1 93 ? -10.141 -40.930 16.238  1.00 67.78  ? 93   ARG A C   1 
ATOM   707  O  O   . ARG A 1 93 ? -10.484 -42.116 16.210  1.00 64.51  ? 93   ARG A O   1 
ATOM   708  C  CB  . ARG A 1 93 ? -10.959 -39.859 14.143  1.00 67.11  ? 93   ARG A CB  1 
ATOM   709  C  CG  . ARG A 1 93 ? -12.175 -39.332 13.391  1.00 69.98  ? 93   ARG A CG  1 
ATOM   710  C  CD  . ARG A 1 93 ? -11.833 -39.160 11.913  1.00 76.20  ? 93   ARG A CD  1 
ATOM   711  N  NE  . ARG A 1 93 ? -12.997 -38.897 11.066  1.00 81.42  ? 93   ARG A NE  1 
ATOM   712  C  CZ  . ARG A 1 93 ? -13.811 -37.853 11.191  1.00 83.37  ? 93   ARG A CZ  1 
ATOM   713  N  NH1 . ARG A 1 93 ? -14.837 -37.719 10.361  1.00 80.57  ? 93   ARG A NH1 1 
ATOM   714  N  NH2 . ARG A 1 93 ? -13.607 -36.947 12.143  1.00 84.75  ? 93   ARG A NH2 1 
ATOM   715  N  N   . ALA A 1 94 ? -8.973  -40.537 16.751  1.00 71.45  ? 94   ALA A N   1 
ATOM   716  C  CA  . ALA A 1 94 ? -8.031  -41.523 17.286  1.00 77.34  ? 94   ALA A CA  1 
ATOM   717  C  C   . ALA A 1 94 ? -6.985  -41.009 18.280  1.00 80.93  ? 94   ALA A C   1 
ATOM   718  O  O   . ALA A 1 94 ? -5.934  -40.501 17.881  1.00 82.50  ? 94   ALA A O   1 
ATOM   719  C  CB  . ALA A 1 94 ? -7.324  -42.231 16.128  1.00 77.70  ? 94   ALA A CB  1 
ATOM   720  N  N   . LEU A 1 95 ? -7.278  -41.171 19.568  1.00 85.98  ? 95   LEU A N   1 
ATOM   721  C  CA  . LEU A 1 95 ? -6.390  -40.769 20.672  1.00 86.86  ? 95   LEU A CA  1 
ATOM   722  C  C   . LEU A 1 95 ? -7.134  -40.843 22.017  1.00 87.62  ? 95   LEU A C   1 
ATOM   723  O  O   . LEU A 1 95 ? -8.280  -41.358 22.052  1.00 86.24  ? 95   LEU A O   1 
ATOM   724  C  CB  . LEU A 1 95 ? -5.821  -39.346 20.462  1.00 85.37  ? 95   LEU A CB  1 
ATOM   725  C  CG  . LEU A 1 95 ? -4.285  -39.174 20.411  1.00 81.96  ? 95   LEU A CG  1 
ATOM   726  C  CD1 . LEU A 1 95 ? -3.929  -37.715 20.189  1.00 76.37  ? 95   LEU A CD1 1 
ATOM   727  C  CD2 . LEU A 1 95 ? -3.652  -39.665 21.702  1.00 78.98  ? 95   LEU A CD2 1 
ATOM   728  N  N   . ALA A 1 96 ? -6.552  -40.396 23.029  1.00 88.58  ? 96   ALA A N   1 
ATOM   729  N  N   . THR B 1 6  ? -10.702 -5.091  -14.889 1.00 63.09  ? 6    THR B N   1 
ATOM   730  C  CA  . THR B 1 6  ? -10.269 -3.662  -15.029 1.00 66.52  ? 6    THR B CA  1 
ATOM   731  C  C   . THR B 1 6  ? -11.258 -2.689  -14.392 1.00 64.74  ? 6    THR B C   1 
ATOM   732  O  O   . THR B 1 6  ? -12.475 -2.861  -14.483 1.00 64.28  ? 6    THR B O   1 
ATOM   733  C  CB  . THR B 1 6  ? -10.120 -3.225  -16.510 1.00 65.95  ? 6    THR B CB  1 
ATOM   734  O  OG1 . THR B 1 6  ? -11.420 -2.989  -17.067 1.00 65.16  ? 6    THR B OG1 1 
ATOM   735  C  CG2 . THR B 1 6  ? -9.394  -4.291  -17.324 1.00 63.00  ? 6    THR B CG2 1 
ATOM   736  N  N   . LEU B 1 7  ? -10.715 -1.656  -13.756 1.00 63.00  ? 7    LEU B N   1 
ATOM   737  C  CA  . LEU B 1 7  ? -11.519 -0.636  -13.108 1.00 59.19  ? 7    LEU B CA  1 
ATOM   738  C  C   . LEU B 1 7  ? -11.170 0.685   -13.777 1.00 59.16  ? 7    LEU B C   1 
ATOM   739  O  O   . LEU B 1 7  ? -10.034 0.895   -14.211 1.00 56.09  ? 7    LEU B O   1 
ATOM   740  C  CB  . LEU B 1 7  ? -11.178 -0.548  -11.615 1.00 56.09  ? 7    LEU B CB  1 
ATOM   741  C  CG  . LEU B 1 7  ? -12.241 -0.087  -10.604 1.00 54.69  ? 7    LEU B CG  1 
ATOM   742  C  CD1 . LEU B 1 7  ? -11.534 0.607   -9.444  1.00 50.40  ? 7    LEU B CD1 1 
ATOM   743  C  CD2 . LEU B 1 7  ? -13.246 0.861   -11.246 1.00 51.89  ? 7    LEU B CD2 1 
ATOM   744  N  N   . THR B 1 8  ? -12.158 1.567   -13.865 1.00 58.03  ? 8    THR B N   1 
ATOM   745  C  CA  . THR B 1 8  ? -11.962 2.882   -14.447 1.00 57.50  ? 8    THR B CA  1 
ATOM   746  C  C   . THR B 1 8  ? -12.335 3.918   -13.404 1.00 57.35  ? 8    THR B C   1 
ATOM   747  O  O   . THR B 1 8  ? -13.492 3.999   -12.987 1.00 55.76  ? 8    THR B O   1 
ATOM   748  C  CB  . THR B 1 8  ? -12.826 3.074   -15.693 1.00 57.05  ? 8    THR B CB  1 
ATOM   749  O  OG1 . THR B 1 8  ? -12.195 2.413   -16.802 1.00 62.18  ? 8    THR B OG1 1 
ATOM   750  C  CG2 . THR B 1 8  ? -13.002 4.552   -16.002 1.00 54.41  ? 8    THR B CG2 1 
ATOM   751  N  N   . VAL B 1 9  ? -11.343 4.694   -12.972 1.00 56.27  ? 9    VAL B N   1 
ATOM   752  C  CA  . VAL B 1 9  ? -11.567 5.723   -11.963 1.00 55.14  ? 9    VAL B CA  1 
ATOM   753  C  C   . VAL B 1 9  ? -11.344 7.128   -12.501 1.00 55.49  ? 9    VAL B C   1 
ATOM   754  O  O   . VAL B 1 9  ? -10.640 7.334   -13.493 1.00 51.64  ? 9    VAL B O   1 
ATOM   755  C  CB  . VAL B 1 9  ? -10.656 5.520   -10.717 1.00 54.35  ? 9    VAL B CB  1 
ATOM   756  C  CG1 . VAL B 1 9  ? -11.096 4.294   -9.950  1.00 48.25  ? 9    VAL B CG1 1 
ATOM   757  C  CG2 . VAL B 1 9  ? -9.196  5.393   -11.144 1.00 53.44  ? 9    VAL B CG2 1 
ATOM   758  N  N   . GLN B 1 10 ? -11.966 8.086   -11.821 1.00 58.31  ? 10   GLN B N   1 
ATOM   759  C  CA  . GLN B 1 10 ? -11.882 9.496   -12.177 1.00 60.59  ? 10   GLN B CA  1 
ATOM   760  C  C   . GLN B 1 10 ? -11.055 10.228  -11.126 1.00 57.84  ? 10   GLN B C   1 
ATOM   761  O  O   . GLN B 1 10 ? -11.453 10.318  -9.960  1.00 55.15  ? 10   GLN B O   1 
ATOM   762  C  CB  . GLN B 1 10 ? -13.289 10.098  -12.232 1.00 66.87  ? 10   GLN B CB  1 
ATOM   763  C  CG  . GLN B 1 10 ? -13.343 11.532  -12.721 1.00 76.29  ? 10   GLN B CG  1 
ATOM   764  C  CD  . GLN B 1 10 ? -12.949 11.662  -14.179 1.00 83.75  ? 10   GLN B CD  1 
ATOM   765  O  OE1 . GLN B 1 10 ? -12.935 12.764  -14.736 1.00 88.73  ? 10   GLN B OE1 1 
ATOM   766  N  NE2 . GLN B 1 10 ? -12.630 10.535  -14.808 1.00 83.23  ? 10   GLN B NE2 1 
ATOM   767  N  N   . ILE B 1 11 ? -9.900  10.745  -11.536 1.00 57.62  ? 11   ILE B N   1 
ATOM   768  C  CA  . ILE B 1 11 ? -9.035  11.461  -10.605 1.00 54.31  ? 11   ILE B CA  1 
ATOM   769  C  C   . ILE B 1 11 ? -8.610  12.830  -11.126 1.00 54.19  ? 11   ILE B C   1 
ATOM   770  O  O   . ILE B 1 11 ? -7.832  12.934  -12.079 1.00 52.71  ? 11   ILE B O   1 
ATOM   771  C  CB  . ILE B 1 11 ? -7.769  10.643  -10.277 1.00 49.93  ? 11   ILE B CB  1 
ATOM   772  C  CG1 . ILE B 1 11 ? -8.160  9.301   -9.662  1.00 47.68  ? 11   ILE B CG1 1 
ATOM   773  C  CG2 . ILE B 1 11 ? -6.917  11.396  -9.294  1.00 46.56  ? 11   ILE B CG2 1 
ATOM   774  C  CD1 . ILE B 1 11 ? -7.034  8.301   -9.610  1.00 45.60  ? 11   ILE B CD1 1 
ATOM   775  N  N   . LEU B 1 12 ? -9.143  13.872  -10.494 1.00 54.96  ? 12   LEU B N   1 
ATOM   776  C  CA  . LEU B 1 12 ? -8.818  15.249  -10.836 1.00 57.48  ? 12   LEU B CA  1 
ATOM   777  C  C   . LEU B 1 12 ? -9.014  15.498  -12.332 1.00 61.38  ? 12   LEU B C   1 
ATOM   778  O  O   . LEU B 1 12 ? -8.096  15.911  -13.050 1.00 62.60  ? 12   LEU B O   1 
ATOM   779  C  CB  . LEU B 1 12 ? -7.374  15.538  -10.396 1.00 53.58  ? 12   LEU B CB  1 
ATOM   780  C  CG  . LEU B 1 12 ? -6.858  16.943  -10.066 1.00 49.82  ? 12   LEU B CG  1 
ATOM   781  C  CD1 . LEU B 1 12 ? -6.382  17.602  -11.323 1.00 46.94  ? 12   LEU B CD1 1 
ATOM   782  C  CD2 . LEU B 1 12 ? -7.932  17.764  -9.356  1.00 47.47  ? 12   LEU B CD2 1 
ATOM   783  N  N   . ASP B 1 13 ? -10.229 15.220  -12.794 1.00 64.33  ? 13   ASP B N   1 
ATOM   784  C  CA  . ASP B 1 13 ? -10.612 15.419  -14.194 1.00 66.95  ? 13   ASP B CA  1 
ATOM   785  C  C   . ASP B 1 13 ? -9.851  14.624  -15.252 1.00 62.60  ? 13   ASP B C   1 
ATOM   786  O  O   . ASP B 1 13 ? -9.614  15.115  -16.351 1.00 62.50  ? 13   ASP B O   1 
ATOM   787  C  CB  . ASP B 1 13 ? -10.564 16.910  -14.544 1.00 71.93  ? 13   ASP B CB  1 
ATOM   788  C  CG  . ASP B 1 13 ? -11.553 17.727  -13.728 1.00 79.31  ? 13   ASP B CG  1 
ATOM   789  O  OD1 . ASP B 1 13 ? -11.281 17.978  -12.533 1.00 81.58  ? 13   ASP B OD1 1 
ATOM   790  O  OD2 . ASP B 1 13 ? -12.615 18.097  -14.278 1.00 85.06  ? 13   ASP B OD2 1 
ATOM   791  N  N   . LYS B 1 14 ? -9.477  13.399  -14.917 1.00 58.29  ? 14   LYS B N   1 
ATOM   792  C  CA  . LYS B 1 14 ? -8.787  12.519  -15.849 1.00 56.64  ? 14   LYS B CA  1 
ATOM   793  C  C   . LYS B 1 14 ? -9.162  11.101  -15.488 1.00 57.59  ? 14   LYS B C   1 
ATOM   794  O  O   . LYS B 1 14 ? -9.322  10.770  -14.308 1.00 59.02  ? 14   LYS B O   1 
ATOM   795  C  CB  . LYS B 1 14 ? -7.271  12.671  -15.769 1.00 53.29  ? 14   LYS B CB  1 
ATOM   796  C  CG  . LYS B 1 14 ? -6.745  13.905  -16.440 1.00 49.94  ? 14   LYS B CG  1 
ATOM   797  C  CD  . LYS B 1 14 ? -5.253  13.799  -16.648 1.00 48.13  ? 14   LYS B CD  1 
ATOM   798  C  CE  . LYS B 1 14 ? -4.699  15.093  -17.206 1.00 48.39  ? 14   LYS B CE  1 
ATOM   799  N  NZ  . LYS B 1 14 ? -3.266  14.931  -17.554 1.00 55.62  ? 14   LYS B NZ  1 
ATOM   800  N  N   . GLU B 1 15 ? -9.297  10.261  -16.506 1.00 55.43  ? 15   GLU B N   1 
ATOM   801  C  CA  . GLU B 1 15 ? -9.673  8.885   -16.282 1.00 53.55  ? 15   GLU B CA  1 
ATOM   802  C  C   . GLU B 1 15 ? -8.503  7.943   -16.296 1.00 52.10  ? 15   GLU B C   1 
ATOM   803  O  O   . GLU B 1 15 ? -7.596  8.066   -17.112 1.00 51.65  ? 15   GLU B O   1 
ATOM   804  C  CB  . GLU B 1 15 ? -10.689 8.432   -17.327 1.00 58.23  ? 15   GLU B CB  1 
ATOM   805  C  CG  . GLU B 1 15 ? -12.104 8.875   -17.033 1.00 64.84  ? 15   GLU B CG  1 
ATOM   806  C  CD  . GLU B 1 15 ? -13.113 8.264   -17.976 1.00 68.67  ? 15   GLU B CD  1 
ATOM   807  O  OE1 . GLU B 1 15 ? -14.322 8.409   -17.702 1.00 70.44  ? 15   GLU B OE1 1 
ATOM   808  O  OE2 . GLU B 1 15 ? -12.705 7.643   -18.986 1.00 70.09  ? 15   GLU B OE2 1 
ATOM   809  N  N   . TYR B 1 16 ? -8.536  7.001   -15.366 1.00 51.88  ? 16   TYR B N   1 
ATOM   810  C  CA  . TYR B 1 16 ? -7.504  5.983   -15.268 1.00 53.88  ? 16   TYR B CA  1 
ATOM   811  C  C   . TYR B 1 16 ? -8.238  4.650   -15.227 1.00 56.26  ? 16   TYR B C   1 
ATOM   812  O  O   . TYR B 1 16 ? -9.290  4.508   -14.582 1.00 52.04  ? 16   TYR B O   1 
ATOM   813  C  CB  . TYR B 1 16 ? -6.646  6.170   -14.004 1.00 52.00  ? 16   TYR B CB  1 
ATOM   814  C  CG  . TYR B 1 16 ? -5.977  7.524   -13.928 1.00 42.78  ? 16   TYR B CG  1 
ATOM   815  C  CD1 . TYR B 1 16 ? -6.674  8.640   -13.463 1.00 43.17  ? 16   TYR B CD1 1 
ATOM   816  C  CD2 . TYR B 1 16 ? -4.678  7.705   -14.393 1.00 39.43  ? 16   TYR B CD2 1 
ATOM   817  C  CE1 . TYR B 1 16 ? -6.100  9.905   -13.469 1.00 45.01  ? 16   TYR B CE1 1 
ATOM   818  C  CE2 . TYR B 1 16 ? -4.086  8.971   -14.404 1.00 45.00  ? 16   TYR B CE2 1 
ATOM   819  C  CZ  . TYR B 1 16 ? -4.805  10.064  -13.944 1.00 46.82  ? 16   TYR B CZ  1 
ATOM   820  O  OH  . TYR B 1 16 ? -4.247  11.319  -13.977 1.00 50.25  ? 16   TYR B OH  1 
ATOM   821  N  N   . CYS B 1 17 ? -7.686  3.689   -15.953 1.00 58.48  ? 17   CYS B N   1 
ATOM   822  C  CA  . CYS B 1 17 ? -8.254  2.361   -16.038 1.00 61.96  ? 17   CYS B CA  1 
ATOM   823  C  C   . CYS B 1 17 ? -7.194  1.387   -15.540 1.00 62.00  ? 17   CYS B C   1 
ATOM   824  O  O   . CYS B 1 17 ? -6.130  1.264   -16.143 1.00 60.64  ? 17   CYS B O   1 
ATOM   825  C  CB  . CYS B 1 17 ? -8.621  2.067   -17.492 1.00 65.87  ? 17   CYS B CB  1 
ATOM   826  S  SG  . CYS B 1 17 ? -9.273  0.415   -17.793 1.00 86.79  ? 17   CYS B SG  1 
ATOM   827  N  N   . ILE B 1 18 ? -7.473  0.710   -14.431 1.00 63.64  ? 18   ILE B N   1 
ATOM   828  C  CA  . ILE B 1 18 ? -6.517  -0.240  -13.870 1.00 67.38  ? 18   ILE B CA  1 
ATOM   829  C  C   . ILE B 1 18 ? -7.108  -1.651  -13.790 1.00 69.75  ? 18   ILE B C   1 
ATOM   830  O  O   . ILE B 1 18 ? -8.314  -1.817  -13.637 1.00 68.50  ? 18   ILE B O   1 
ATOM   831  C  CB  . ILE B 1 18 ? -6.050  0.211   -12.457 1.00 66.11  ? 18   ILE B CB  1 
ATOM   832  C  CG1 . ILE B 1 18 ? -4.942  -0.728  -11.953 1.00 71.37  ? 18   ILE B CG1 1 
ATOM   833  C  CG2 . ILE B 1 18 ? -7.240  0.238   -11.490 1.00 60.92  ? 18   ILE B CG2 1 
ATOM   834  C  CD1 . ILE B 1 18 ? -4.235  -0.289  -10.653 1.00 66.75  ? 18   ILE B CD1 1 
ATOM   835  N  N   . ASN B 1 19 ? -6.253  -2.663  -13.902 1.00 73.59  ? 19   ASN B N   1 
ATOM   836  C  CA  . ASN B 1 19 ? -6.696  -4.058  -13.839 1.00 80.69  ? 19   ASN B CA  1 
ATOM   837  C  C   . ASN B 1 19 ? -6.746  -4.530  -12.394 1.00 81.72  ? 19   ASN B C   1 
ATOM   838  O  O   . ASN B 1 19 ? -5.767  -5.078  -11.885 1.00 82.36  ? 19   ASN B O   1 
ATOM   839  C  CB  . ASN B 1 19 ? -5.738  -4.958  -14.627 1.00 84.06  ? 19   ASN B CB  1 
ATOM   840  C  CG  . ASN B 1 19 ? -5.786  -4.693  -16.119 1.00 88.43  ? 19   ASN B CG  1 
ATOM   841  O  OD1 . ASN B 1 19 ? -6.804  -4.937  -16.769 1.00 89.23  ? 19   ASN B OD1 1 
ATOM   842  N  ND2 . ASN B 1 19 ? -4.685  -4.188  -16.669 1.00 89.12  ? 19   ASN B ND2 1 
ATOM   843  N  N   . CYS B 1 20 ? -7.889  -4.340  -11.742 1.00 81.07  ? 20   CYS B N   1 
ATOM   844  C  CA  . CYS B 1 20 ? -8.021  -4.732  -10.345 1.00 81.12  ? 20   CYS B CA  1 
ATOM   845  C  C   . CYS B 1 20 ? -8.856  -5.983  -10.076 1.00 81.99  ? 20   CYS B C   1 
ATOM   846  O  O   . CYS B 1 20 ? -9.995  -6.101  -10.538 1.00 82.23  ? 20   CYS B O   1 
ATOM   847  C  CB  . CYS B 1 20 ? -8.612  -3.580  -9.536  1.00 79.54  ? 20   CYS B CB  1 
ATOM   848  S  SG  . CYS B 1 20 ? -10.415 -3.448  -9.622  1.00 83.12  ? 20   CYS B SG  1 
ATOM   849  N  N   . PRO B 1 21 ? -8.295  -6.938  -9.315  1.00 81.38  ? 21   PRO B N   1 
ATOM   850  C  CA  . PRO B 1 21 ? -9.044  -8.152  -9.007  1.00 81.30  ? 21   PRO B CA  1 
ATOM   851  C  C   . PRO B 1 21 ? -10.280 -7.807  -8.180  1.00 83.18  ? 21   PRO B C   1 
ATOM   852  O  O   . PRO B 1 21 ? -10.179 -7.325  -7.058  1.00 83.93  ? 21   PRO B O   1 
ATOM   853  C  CB  . PRO B 1 21 ? -8.032  -9.002  -8.238  1.00 79.01  ? 21   PRO B CB  1 
ATOM   854  C  CG  . PRO B 1 21 ? -7.128  -7.999  -7.628  1.00 78.55  ? 21   PRO B CG  1 
ATOM   855  C  CD  . PRO B 1 21 ? -6.939  -7.011  -8.749  1.00 80.37  ? 21   PRO B CD  1 
ATOM   856  N  N   . ASP B 1 22 ? -11.437 -8.039  -8.785  1.00 86.38  ? 22   ASP B N   1 
ATOM   857  C  CA  . ASP B 1 22 ? -12.760 -7.802  -8.209  1.00 87.53  ? 22   ASP B CA  1 
ATOM   858  C  C   . ASP B 1 22 ? -12.864 -7.335  -6.755  1.00 84.09  ? 22   ASP B C   1 
ATOM   859  O  O   . ASP B 1 22 ? -13.465 -6.304  -6.474  1.00 85.21  ? 22   ASP B O   1 
ATOM   860  C  CB  . ASP B 1 22 ? -13.603 -9.072  -8.381  1.00 92.97  ? 22   ASP B CB  1 
ATOM   861  C  CG  . ASP B 1 22 ? -13.491 -9.658  -9.783  1.00 96.23  ? 22   ASP B CG  1 
ATOM   862  O  OD1 . ASP B 1 22 ? -13.926 -8.996  -10.747 1.00 97.98  ? 22   ASP B OD1 1 
ATOM   863  O  OD2 . ASP B 1 22 ? -12.958 -10.781 -9.921  1.00 97.73  ? 22   ASP B OD2 1 
ATOM   864  N  N   . ASP B 1 23 ? -12.293 -8.103  -5.835  1.00 81.05  ? 23   ASP B N   1 
ATOM   865  C  CA  . ASP B 1 23 ? -12.354 -7.785  -4.410  1.00 76.96  ? 23   ASP B CA  1 
ATOM   866  C  C   . ASP B 1 23 ? -11.671 -6.482  -3.986  1.00 72.27  ? 23   ASP B C   1 
ATOM   867  O  O   . ASP B 1 23 ? -11.793 -6.068  -2.834  1.00 72.20  ? 23   ASP B O   1 
ATOM   868  C  CB  . ASP B 1 23 ? -11.770 -8.953  -3.609  1.00 82.16  ? 23   ASP B CB  1 
ATOM   869  C  CG  . ASP B 1 23 ? -10.303 -9.215  -3.937  1.00 88.56  ? 23   ASP B CG  1 
ATOM   870  O  OD1 . ASP B 1 23 ? -9.420  -8.593  -3.301  1.00 89.39  ? 23   ASP B OD1 1 
ATOM   871  O  OD2 . ASP B 1 23 ? -10.035 -10.038 -4.842  1.00 91.66  ? 23   ASP B OD2 1 
ATOM   872  N  N   . GLU B 1 24 ? -10.957 -5.839  -4.908  1.00 67.23  ? 24   GLU B N   1 
ATOM   873  C  CA  . GLU B 1 24 ? -10.245 -4.599  -4.608  1.00 58.30  ? 24   GLU B CA  1 
ATOM   874  C  C   . GLU B 1 24 ? -10.959 -3.340  -5.073  1.00 54.98  ? 24   GLU B C   1 
ATOM   875  O  O   . GLU B 1 24 ? -10.686 -2.255  -4.568  1.00 57.06  ? 24   GLU B O   1 
ATOM   876  C  CB  . GLU B 1 24 ? -8.862  -4.615  -5.250  1.00 57.05  ? 24   GLU B CB  1 
ATOM   877  C  CG  . GLU B 1 24 ? -7.955  -5.714  -4.777  1.00 57.36  ? 24   GLU B CG  1 
ATOM   878  C  CD  . GLU B 1 24 ? -6.567  -5.587  -5.365  1.00 60.25  ? 24   GLU B CD  1 
ATOM   879  O  OE1 . GLU B 1 24 ? -5.695  -6.411  -5.016  1.00 65.49  ? 24   GLU B OE1 1 
ATOM   880  O  OE2 . GLU B 1 24 ? -6.345  -4.664  -6.179  1.00 60.39  ? 24   GLU B OE2 1 
ATOM   881  N  N   . ARG B 1 25 ? -11.856 -3.486  -6.043  1.00 50.84  ? 25   ARG B N   1 
ATOM   882  C  CA  . ARG B 1 25 ? -12.599 -2.364  -6.602  1.00 48.73  ? 25   ARG B CA  1 
ATOM   883  C  C   . ARG B 1 25 ? -12.973 -1.245  -5.611  1.00 47.93  ? 25   ARG B C   1 
ATOM   884  O  O   . ARG B 1 25 ? -12.555 -0.099  -5.782  1.00 45.36  ? 25   ARG B O   1 
ATOM   885  C  CB  . ARG B 1 25 ? -13.858 -2.881  -7.305  1.00 51.86  ? 25   ARG B CB  1 
ATOM   886  C  CG  . ARG B 1 25 ? -14.820 -1.779  -7.741  1.00 61.39  ? 25   ARG B CG  1 
ATOM   887  C  CD  . ARG B 1 25 ? -16.168 -2.330  -8.196  1.00 66.61  ? 25   ARG B CD  1 
ATOM   888  N  NE  . ARG B 1 25 ? -17.272 -1.473  -7.763  1.00 74.40  ? 25   ARG B NE  1 
ATOM   889  C  CZ  . ARG B 1 25 ? -17.664 -1.329  -6.496  1.00 80.32  ? 25   ARG B CZ  1 
ATOM   890  N  NH1 . ARG B 1 25 ? -18.675 -0.523  -6.191  1.00 82.82  ? 25   ARG B NH1 1 
ATOM   891  N  NH2 . ARG B 1 25 ? -17.056 -1.999  -5.527  1.00 83.19  ? 25   ARG B NH2 1 
ATOM   892  N  N   . ALA B 1 26 ? -13.754 -1.564  -4.583  1.00 45.99  ? 26   ALA B N   1 
ATOM   893  C  CA  . ALA B 1 26 ? -14.166 -0.551  -3.609  1.00 44.79  ? 26   ALA B CA  1 
ATOM   894  C  C   . ALA B 1 26 ? -12.985 0.140   -2.926  1.00 46.36  ? 26   ALA B C   1 
ATOM   895  O  O   . ALA B 1 26 ? -13.014 1.353   -2.695  1.00 46.61  ? 26   ALA B O   1 
ATOM   896  C  CB  . ALA B 1 26 ? -15.082 -1.162  -2.559  1.00 36.51  ? 26   ALA B CB  1 
ATOM   897  N  N   . ASN B 1 27 ? -11.950 -0.623  -2.589  1.00 44.79  ? 27   ASN B N   1 
ATOM   898  C  CA  . ASN B 1 27 ? -10.784 -0.031  -1.943  1.00 43.14  ? 27   ASN B CA  1 
ATOM   899  C  C   . ASN B 1 27 ? -10.005 0.853   -2.907  1.00 42.09  ? 27   ASN B C   1 
ATOM   900  O  O   . ASN B 1 27 ? -9.514  1.910   -2.525  1.00 38.60  ? 27   ASN B O   1 
ATOM   901  C  CB  . ASN B 1 27 ? -9.884  -1.123  -1.377  1.00 44.76  ? 27   ASN B CB  1 
ATOM   902  C  CG  . ASN B 1 27 ? -10.253 -1.491  0.044   1.00 46.54  ? 27   ASN B CG  1 
ATOM   903  O  OD1 . ASN B 1 27 ? -9.974  -2.602  0.503   1.00 48.26  ? 27   ASN B OD1 1 
ATOM   904  N  ND2 . ASN B 1 27 ? -10.875 -0.550  0.759   1.00 39.55  ? 27   ASN B ND2 1 
ATOM   905  N  N   . LEU B 1 28 ? -9.895  0.425   -4.159  1.00 38.41  ? 28   LEU B N   1 
ATOM   906  C  CA  . LEU B 1 28 ? -9.193  1.210   -5.149  1.00 42.26  ? 28   LEU B CA  1 
ATOM   907  C  C   . LEU B 1 28 ? -9.965  2.491   -5.455  1.00 46.29  ? 28   LEU B C   1 
ATOM   908  O  O   . LEU B 1 28 ? -9.375  3.558   -5.643  1.00 47.19  ? 28   LEU B O   1 
ATOM   909  C  CB  . LEU B 1 28 ? -8.986  0.379   -6.407  1.00 41.35  ? 28   LEU B CB  1 
ATOM   910  C  CG  . LEU B 1 28 ? -7.818  -0.581  -6.211  1.00 45.64  ? 28   LEU B CG  1 
ATOM   911  C  CD1 . LEU B 1 28 ? -7.766  -1.588  -7.331  1.00 49.01  ? 28   LEU B CD1 1 
ATOM   912  C  CD2 . LEU B 1 28 ? -6.526  0.220   -6.145  1.00 43.48  ? 28   LEU B CD2 1 
ATOM   913  N  N   . GLU B 1 29 ? -11.288 2.388   -5.501  1.00 50.64  ? 29   GLU B N   1 
ATOM   914  C  CA  . GLU B 1 29 ? -12.127 3.550   -5.763  1.00 50.55  ? 29   GLU B CA  1 
ATOM   915  C  C   . GLU B 1 29 ? -11.931 4.530   -4.613  1.00 46.86  ? 29   GLU B C   1 
ATOM   916  O  O   . GLU B 1 29 ? -11.777 5.731   -4.815  1.00 47.84  ? 29   GLU B O   1 
ATOM   917  C  CB  . GLU B 1 29 ? -13.598 3.133   -5.867  1.00 52.18  ? 29   GLU B CB  1 
ATOM   918  C  CG  . GLU B 1 29 ? -13.954 2.467   -7.192  1.00 58.78  ? 29   GLU B CG  1 
ATOM   919  C  CD  . GLU B 1 29 ? -15.415 2.025   -7.270  1.00 67.78  ? 29   GLU B CD  1 
ATOM   920  O  OE1 . GLU B 1 29 ? -15.877 1.707   -8.392  1.00 70.01  ? 29   GLU B OE1 1 
ATOM   921  O  OE2 . GLU B 1 29 ? -16.100 1.983   -6.218  1.00 68.23  ? 29   GLU B OE2 1 
ATOM   922  N  N   . SER B 1 30 ? -11.919 3.996   -3.404  1.00 44.76  ? 30   SER B N   1 
ATOM   923  C  CA  . SER B 1 30 ? -11.730 4.803   -2.212  1.00 42.38  ? 30   SER B CA  1 
ATOM   924  C  C   . SER B 1 30 ? -10.390 5.533   -2.289  1.00 43.76  ? 30   SER B C   1 
ATOM   925  O  O   . SER B 1 30 ? -10.273 6.681   -1.854  1.00 43.42  ? 30   SER B O   1 
ATOM   926  C  CB  . SER B 1 30 ? -11.766 3.902   -0.982  1.00 37.03  ? 30   SER B CB  1 
ATOM   927  O  OG  . SER B 1 30 ? -11.598 4.651   0.199   1.00 45.73  ? 30   SER B OG  1 
ATOM   928  N  N   . ALA B 1 31 ? -9.389  4.853   -2.848  1.00 41.74  ? 31   ALA B N   1 
ATOM   929  C  CA  . ALA B 1 31 ? -8.047  5.406   -3.010  1.00 39.96  ? 31   ALA B CA  1 
ATOM   930  C  C   . ALA B 1 31 ? -8.087  6.577   -3.987  1.00 42.16  ? 31   ALA B C   1 
ATOM   931  O  O   . ALA B 1 31 ? -7.566  7.658   -3.701  1.00 41.71  ? 31   ALA B O   1 
ATOM   932  C  CB  . ALA B 1 31 ? -7.100  4.335   -3.530  1.00 35.53  ? 31   ALA B CB  1 
ATOM   933  N  N   . ALA B 1 32 ? -8.693  6.341   -5.150  1.00 40.35  ? 32   ALA B N   1 
ATOM   934  C  CA  . ALA B 1 32 ? -8.827  7.363   -6.174  1.00 39.83  ? 32   ALA B CA  1 
ATOM   935  C  C   . ALA B 1 32 ? -9.500  8.596   -5.568  1.00 40.98  ? 32   ALA B C   1 
ATOM   936  O  O   . ALA B 1 32 ? -9.051  9.725   -5.744  1.00 42.46  ? 32   ALA B O   1 
ATOM   937  C  CB  . ALA B 1 32 ? -9.656  6.826   -7.328  1.00 37.95  ? 32   ALA B CB  1 
ATOM   938  N  N   . ARG B 1 33 ? -10.583 8.365   -4.843  1.00 40.88  ? 33   ARG B N   1 
ATOM   939  C  CA  . ARG B 1 33 ? -11.325 9.440   -4.203  1.00 41.62  ? 33   ARG B CA  1 
ATOM   940  C  C   . ARG B 1 33 ? -10.387 10.258  -3.309  1.00 41.90  ? 33   ARG B C   1 
ATOM   941  O  O   . ARG B 1 33 ? -10.471 11.482  -3.262  1.00 45.84  ? 33   ARG B O   1 
ATOM   942  C  CB  . ARG B 1 33 ? -12.461 8.830   -3.386  1.00 44.17  ? 33   ARG B CB  1 
ATOM   943  C  CG  . ARG B 1 33 ? -13.604 9.754   -3.039  1.00 47.65  ? 33   ARG B CG  1 
ATOM   944  C  CD  . ARG B 1 33 ? -14.635 9.005   -2.199  1.00 48.12  ? 33   ARG B CD  1 
ATOM   945  N  NE  . ARG B 1 33 ? -15.016 7.747   -2.837  1.00 50.79  ? 33   ARG B NE  1 
ATOM   946  C  CZ  . ARG B 1 33 ? -15.025 6.569   -2.216  1.00 49.46  ? 33   ARG B CZ  1 
ATOM   947  N  NH1 . ARG B 1 33 ? -15.388 5.470   -2.869  1.00 43.57  ? 33   ARG B NH1 1 
ATOM   948  N  NH2 . ARG B 1 33 ? -14.664 6.490   -0.941  1.00 45.28  ? 33   ARG B NH2 1 
ATOM   949  N  N   . TYR B 1 34 ? -9.492  9.576   -2.604  1.00 41.95  ? 34   TYR B N   1 
ATOM   950  C  CA  . TYR B 1 34 ? -8.526  10.241  -1.729  1.00 39.23  ? 34   TYR B CA  1 
ATOM   951  C  C   . TYR B 1 34 ? -7.583  11.098  -2.563  1.00 39.42  ? 34   TYR B C   1 
ATOM   952  O  O   . TYR B 1 34 ? -7.349  12.263  -2.250  1.00 42.51  ? 34   TYR B O   1 
ATOM   953  C  CB  . TYR B 1 34 ? -7.690  9.211   -0.970  1.00 38.35  ? 34   TYR B CB  1 
ATOM   954  C  CG  . TYR B 1 34 ? -6.564  9.807   -0.153  1.00 41.78  ? 34   TYR B CG  1 
ATOM   955  C  CD1 . TYR B 1 34 ? -6.773  10.200  1.166   1.00 46.15  ? 34   TYR B CD1 1 
ATOM   956  C  CD2 . TYR B 1 34 ? -5.285  9.969   -0.695  1.00 42.13  ? 34   TYR B CD2 1 
ATOM   957  C  CE1 . TYR B 1 34 ? -5.738  10.734  1.938   1.00 47.24  ? 34   TYR B CE1 1 
ATOM   958  C  CE2 . TYR B 1 34 ? -4.242  10.502  0.061   1.00 46.06  ? 34   TYR B CE2 1 
ATOM   959  C  CZ  . TYR B 1 34 ? -4.476  10.883  1.384   1.00 52.91  ? 34   TYR B CZ  1 
ATOM   960  O  OH  . TYR B 1 34 ? -3.462  11.411  2.161   1.00 53.94  ? 34   TYR B OH  1 
ATOM   961  N  N   . LEU B 1 35 ? -7.034  10.488  -3.613  1.00 35.57  ? 35   LEU B N   1 
ATOM   962  C  CA  . LEU B 1 35 ? -6.105  11.139  -4.521  1.00 34.71  ? 35   LEU B CA  1 
ATOM   963  C  C   . LEU B 1 35 ? -6.688  12.447  -5.040  1.00 37.86  ? 35   LEU B C   1 
ATOM   964  O  O   . LEU B 1 35 ? -6.121  13.528  -4.857  1.00 36.70  ? 35   LEU B O   1 
ATOM   965  C  CB  . LEU B 1 35 ? -5.816  10.204  -5.695  1.00 32.48  ? 35   LEU B CB  1 
ATOM   966  C  CG  . LEU B 1 35 ? -4.395  9.674   -5.906  1.00 34.83  ? 35   LEU B CG  1 
ATOM   967  C  CD1 . LEU B 1 35 ? -3.489  10.041  -4.732  1.00 31.07  ? 35   LEU B CD1 1 
ATOM   968  C  CD2 . LEU B 1 35 ? -4.463  8.170   -6.103  1.00 31.45  ? 35   LEU B CD2 1 
ATOM   969  N  N   . ASP B 1 36 ? -7.837  12.328  -5.690  1.00 39.30  ? 36   ASP B N   1 
ATOM   970  C  CA  . ASP B 1 36 ? -8.541  13.463  -6.254  1.00 37.10  ? 36   ASP B CA  1 
ATOM   971  C  C   . ASP B 1 36 ? -8.723  14.573  -5.228  1.00 35.57  ? 36   ASP B C   1 
ATOM   972  O  O   . ASP B 1 36 ? -8.467  15.736  -5.512  1.00 33.62  ? 36   ASP B O   1 
ATOM   973  C  CB  . ASP B 1 36 ? -9.900  13.001  -6.772  1.00 36.55  ? 36   ASP B CB  1 
ATOM   974  C  CG  . ASP B 1 36 ? -10.722 14.129  -7.343  1.00 41.10  ? 36   ASP B CG  1 
ATOM   975  O  OD1 . ASP B 1 36 ? -11.285 14.922  -6.548  1.00 39.66  ? 36   ASP B OD1 1 
ATOM   976  O  OD2 . ASP B 1 36 ? -10.799 14.218  -8.591  1.00 43.24  ? 36   ASP B OD2 1 
ATOM   977  N  N   . GLY B 1 37 ? -9.163  14.212  -4.030  1.00 34.81  ? 37   GLY B N   1 
ATOM   978  C  CA  . GLY B 1 37 ? -9.374  15.219  -3.008  1.00 36.94  ? 37   GLY B CA  1 
ATOM   979  C  C   . GLY B 1 37 ? -8.095  15.910  -2.583  1.00 41.20  ? 37   GLY B C   1 
ATOM   980  O  O   . GLY B 1 37 ? -8.055  17.136  -2.436  1.00 42.34  ? 37   GLY B O   1 
ATOM   981  N  N   . LYS B 1 38 ? -7.045  15.118  -2.391  1.00 40.44  ? 38   LYS B N   1 
ATOM   982  C  CA  . LYS B 1 38 ? -5.757  15.637  -1.967  1.00 39.26  ? 38   LYS B CA  1 
ATOM   983  C  C   . LYS B 1 38 ? -5.129  16.536  -3.029  1.00 41.80  ? 38   LYS B C   1 
ATOM   984  O  O   . LYS B 1 38 ? -4.502  17.545  -2.702  1.00 38.02  ? 38   LYS B O   1 
ATOM   985  C  CB  . LYS B 1 38 ? -4.827  14.472  -1.627  1.00 39.23  ? 38   LYS B CB  1 
ATOM   986  C  CG  . LYS B 1 38 ? -3.464  14.878  -1.112  1.00 44.00  ? 38   LYS B CG  1 
ATOM   987  C  CD  . LYS B 1 38 ? -3.546  15.739  0.139   1.00 47.37  ? 38   LYS B CD  1 
ATOM   988  C  CE  . LYS B 1 38 ? -4.048  14.956  1.341   1.00 52.59  ? 38   LYS B CE  1 
ATOM   989  N  NZ  . LYS B 1 38 ? -4.062  15.812  2.574   1.00 54.76  ? 38   LYS B NZ  1 
HETATM 990  N  N   . MSE B 1 39 ? -5.302  16.176  -4.299  1.00 41.07  ? 39   MSE B N   1 
HETATM 991  C  CA  . MSE B 1 39 ? -4.748  16.971  -5.385  1.00 41.44  ? 39   MSE B CA  1 
HETATM 992  C  C   . MSE B 1 39 ? -5.441  18.328  -5.484  1.00 42.30  ? 39   MSE B C   1 
HETATM 993  O  O   . MSE B 1 39 ? -4.793  19.346  -5.736  1.00 43.51  ? 39   MSE B O   1 
HETATM 994  C  CB  . MSE B 1 39 ? -4.863  16.214  -6.713  1.00 39.41  ? 39   MSE B CB  1 
HETATM 995  C  CG  . MSE B 1 39 ? -3.921  15.007  -6.797  1.00 41.95  ? 39   MSE B CG  1 
HETATM 996  SE SE  . MSE B 1 39 ? -4.317  13.727  -8.216  1.00 50.98  ? 39   MSE B SE  1 
HETATM 997  C  CE  . MSE B 1 39 ? -3.076  14.305  -9.577  1.00 44.42  ? 39   MSE B CE  1 
ATOM   998  N  N   . ARG B 1 40 ? -6.751  18.348  -5.267  1.00 40.26  ? 40   ARG B N   1 
ATOM   999  C  CA  . ARG B 1 40 ? -7.496  19.593  -5.347  1.00 41.73  ? 40   ARG B CA  1 
ATOM   1000 C  C   . ARG B 1 40 ? -7.062  20.491  -4.210  1.00 43.24  ? 40   ARG B C   1 
ATOM   1001 O  O   . ARG B 1 40 ? -6.939  21.701  -4.370  1.00 44.70  ? 40   ARG B O   1 
ATOM   1002 C  CB  . ARG B 1 40 ? -9.002  19.338  -5.251  1.00 41.74  ? 40   ARG B CB  1 
ATOM   1003 C  CG  . ARG B 1 40 ? -9.531  18.375  -6.297  1.00 44.70  ? 40   ARG B CG  1 
ATOM   1004 C  CD  . ARG B 1 40 ? -11.040 18.204  -6.195  1.00 44.13  ? 40   ARG B CD  1 
ATOM   1005 N  NE  . ARG B 1 40 ? -11.688 18.786  -7.364  1.00 53.86  ? 40   ARG B NE  1 
ATOM   1006 C  CZ  . ARG B 1 40 ? -11.731 18.217  -8.565  1.00 54.45  ? 40   ARG B CZ  1 
ATOM   1007 N  NH1 . ARG B 1 40 ? -12.331 18.842  -9.570  1.00 61.02  ? 40   ARG B NH1 1 
ATOM   1008 N  NH2 . ARG B 1 40 ? -11.205 17.016  -8.760  1.00 47.31  ? 40   ARG B NH2 1 
ATOM   1009 N  N   . GLU B 1 41 ? -6.835  19.891  -3.052  1.00 43.01  ? 41   GLU B N   1 
ATOM   1010 C  CA  . GLU B 1 41 ? -6.406  20.642  -1.885  1.00 45.04  ? 41   GLU B CA  1 
ATOM   1011 C  C   . GLU B 1 41 ? -5.030  21.280  -2.126  1.00 46.30  ? 41   GLU B C   1 
ATOM   1012 O  O   . GLU B 1 41 ? -4.836  22.473  -1.892  1.00 48.47  ? 41   GLU B O   1 
ATOM   1013 C  CB  . GLU B 1 41 ? -6.373  19.701  -0.684  1.00 45.59  ? 41   GLU B CB  1 
ATOM   1014 C  CG  . GLU B 1 41 ? -5.656  20.219  0.531   1.00 49.29  ? 41   GLU B CG  1 
ATOM   1015 C  CD  . GLU B 1 41 ? -5.506  19.141  1.585   1.00 58.12  ? 41   GLU B CD  1 
ATOM   1016 O  OE1 . GLU B 1 41 ? -4.697  19.322  2.520   1.00 62.73  ? 41   GLU B OE1 1 
ATOM   1017 O  OE2 . GLU B 1 41 ? -6.204  18.106  1.480   1.00 63.83  ? 41   GLU B OE2 1 
ATOM   1018 N  N   . ILE B 1 42 ? -4.082  20.479  -2.602  1.00 45.58  ? 42   ILE B N   1 
ATOM   1019 C  CA  . ILE B 1 42 ? -2.731  20.949  -2.891  1.00 42.76  ? 42   ILE B CA  1 
ATOM   1020 C  C   . ILE B 1 42 ? -2.756  21.979  -4.018  1.00 43.87  ? 42   ILE B C   1 
ATOM   1021 O  O   . ILE B 1 42 ? -2.089  23.013  -3.945  1.00 45.66  ? 42   ILE B O   1 
ATOM   1022 C  CB  . ILE B 1 42 ? -1.816  19.767  -3.301  1.00 39.99  ? 42   ILE B CB  1 
ATOM   1023 C  CG1 . ILE B 1 42 ? -1.563  18.867  -2.087  1.00 35.70  ? 42   ILE B CG1 1 
ATOM   1024 C  CG2 . ILE B 1 42 ? -0.509  20.282  -3.879  1.00 37.11  ? 42   ILE B CG2 1 
ATOM   1025 C  CD1 . ILE B 1 42 ? -0.983  17.512  -2.432  1.00 32.94  ? 42   ILE B CD1 1 
ATOM   1026 N  N   . ARG B 1 43 ? -3.519  21.702  -5.062  1.00 42.47  ? 43   ARG B N   1 
ATOM   1027 C  CA  . ARG B 1 43 ? -3.604  22.639  -6.173  1.00 45.47  ? 43   ARG B CA  1 
ATOM   1028 C  C   . ARG B 1 43 ? -4.124  23.979  -5.676  1.00 47.14  ? 43   ARG B C   1 
ATOM   1029 O  O   . ARG B 1 43 ? -3.615  25.039  -6.032  1.00 49.37  ? 43   ARG B O   1 
ATOM   1030 C  CB  . ARG B 1 43 ? -4.543  22.104  -7.240  1.00 42.60  ? 43   ARG B CB  1 
ATOM   1031 C  CG  . ARG B 1 43 ? -4.629  22.978  -8.445  1.00 38.15  ? 43   ARG B CG  1 
ATOM   1032 C  CD  . ARG B 1 43 ? -5.555  22.356  -9.458  1.00 44.04  ? 43   ARG B CD  1 
ATOM   1033 N  NE  . ARG B 1 43 ? -6.921  22.256  -8.959  1.00 39.87  ? 43   ARG B NE  1 
ATOM   1034 C  CZ  . ARG B 1 43 ? -7.914  21.693  -9.638  1.00 40.48  ? 43   ARG B CZ  1 
ATOM   1035 N  NH1 . ARG B 1 43 ? -9.135  21.648  -9.112  1.00 40.65  ? 43   ARG B NH1 1 
ATOM   1036 N  NH2 . ARG B 1 43 ? -7.678  21.164  -10.837 1.00 32.60  ? 43   ARG B NH2 1 
ATOM   1037 N  N   . SER B 1 44 ? -5.150  23.913  -4.844  1.00 50.62  ? 44   SER B N   1 
ATOM   1038 C  CA  . SER B 1 44 ? -5.759  25.094  -4.274  1.00 51.23  ? 44   SER B CA  1 
ATOM   1039 C  C   . SER B 1 44 ? -4.794  25.857  -3.378  1.00 51.11  ? 44   SER B C   1 
ATOM   1040 O  O   . SER B 1 44 ? -4.905  27.070  -3.240  1.00 54.64  ? 44   SER B O   1 
ATOM   1041 C  CB  . SER B 1 44 ? -6.999  24.695  -3.477  1.00 54.29  ? 44   SER B CB  1 
ATOM   1042 O  OG  . SER B 1 44 ? -7.269  25.631  -2.450  1.00 61.13  ? 44   SER B OG  1 
ATOM   1043 N  N   . SER B 1 45 ? -3.844  25.162  -2.764  1.00 51.50  ? 45   SER B N   1 
ATOM   1044 C  CA  . SER B 1 45 ? -2.896  25.839  -1.877  1.00 52.27  ? 45   SER B CA  1 
ATOM   1045 C  C   . SER B 1 45 ? -1.886  26.668  -2.670  1.00 54.41  ? 45   SER B C   1 
ATOM   1046 O  O   . SER B 1 45 ? -1.291  27.603  -2.143  1.00 53.67  ? 45   SER B O   1 
ATOM   1047 C  CB  . SER B 1 45 ? -2.138  24.827  -1.014  1.00 50.37  ? 45   SER B CB  1 
ATOM   1048 O  OG  . SER B 1 45 ? -1.017  24.297  -1.707  1.00 51.57  ? 45   SER B OG  1 
ATOM   1049 N  N   . GLY B 1 46 ? -1.693  26.310  -3.935  1.00 55.50  ? 46   GLY B N   1 
ATOM   1050 C  CA  . GLY B 1 46 ? -0.751  27.030  -4.765  1.00 52.63  ? 46   GLY B CA  1 
ATOM   1051 C  C   . GLY B 1 46 ? 0.689   26.819  -4.341  1.00 53.27  ? 46   GLY B C   1 
ATOM   1052 O  O   . GLY B 1 46 ? 1.604   27.309  -4.999  1.00 53.35  ? 46   GLY B O   1 
ATOM   1053 N  N   . LYS B 1 47 ? 0.906   26.087  -3.252  1.00 50.27  ? 47   LYS B N   1 
ATOM   1054 C  CA  . LYS B 1 47 ? 2.265   25.853  -2.777  1.00 49.98  ? 47   LYS B CA  1 
ATOM   1055 C  C   . LYS B 1 47 ? 3.102   24.937  -3.667  1.00 45.49  ? 47   LYS B C   1 
ATOM   1056 O  O   . LYS B 1 47 ? 4.322   24.876  -3.528  1.00 46.71  ? 47   LYS B O   1 
ATOM   1057 C  CB  . LYS B 1 47 ? 2.243   25.303  -1.348  1.00 54.98  ? 47   LYS B CB  1 
ATOM   1058 C  CG  . LYS B 1 47 ? 1.782   26.305  -0.306  1.00 61.18  ? 47   LYS B CG  1 
ATOM   1059 C  CD  . LYS B 1 47 ? 2.234   25.903  1.095   1.00 68.93  ? 47   LYS B CD  1 
ATOM   1060 C  CE  . LYS B 1 47 ? 1.819   26.949  2.128   1.00 73.44  ? 47   LYS B CE  1 
ATOM   1061 N  NZ  . LYS B 1 47 ? 2.323   26.682  3.508   1.00 76.56  ? 47   LYS B NZ  1 
ATOM   1062 N  N   . VAL B 1 48 ? 2.445   24.221  -4.568  1.00 43.14  ? 48   VAL B N   1 
ATOM   1063 C  CA  . VAL B 1 48 ? 3.132   23.315  -5.479  1.00 40.87  ? 48   VAL B CA  1 
ATOM   1064 C  C   . VAL B 1 48 ? 2.657   23.664  -6.878  1.00 41.58  ? 48   VAL B C   1 
ATOM   1065 O  O   . VAL B 1 48 ? 1.459   23.661  -7.158  1.00 42.80  ? 48   VAL B O   1 
ATOM   1066 C  CB  . VAL B 1 48 ? 2.806   21.844  -5.163  1.00 40.32  ? 48   VAL B CB  1 
ATOM   1067 C  CG1 . VAL B 1 48 ? 3.543   20.934  -6.116  1.00 40.50  ? 48   VAL B CG1 1 
ATOM   1068 C  CG2 . VAL B 1 48 ? 3.206   21.529  -3.734  1.00 37.33  ? 48   VAL B CG2 1 
ATOM   1069 N  N   . ILE B 1 49 ? 3.609   23.968  -7.752  1.00 40.31  ? 49   ILE B N   1 
ATOM   1070 C  CA  . ILE B 1 49 ? 3.311   24.385  -9.115  1.00 38.23  ? 49   ILE B CA  1 
ATOM   1071 C  C   . ILE B 1 49 ? 3.595   23.319  -10.168 1.00 35.69  ? 49   ILE B C   1 
ATOM   1072 O  O   . ILE B 1 49 ? 4.685   22.744  -10.221 1.00 36.67  ? 49   ILE B O   1 
ATOM   1073 C  CB  . ILE B 1 49 ? 4.096   25.687  -9.420  1.00 41.88  ? 49   ILE B CB  1 
ATOM   1074 C  CG1 . ILE B 1 49 ? 3.644   26.779  -8.443  1.00 39.77  ? 49   ILE B CG1 1 
ATOM   1075 C  CG2 . ILE B 1 49 ? 3.878   26.126  -10.860 1.00 37.27  ? 49   ILE B CG2 1 
ATOM   1076 C  CD1 . ILE B 1 49 ? 4.494   28.013  -8.465  1.00 45.11  ? 49   ILE B CD1 1 
ATOM   1077 N  N   . GLY B 1 50 ? 2.601   23.068  -11.013 1.00 32.95  ? 50   GLY B N   1 
ATOM   1078 C  CA  . GLY B 1 50 ? 2.746   22.053  -12.041 1.00 35.81  ? 50   GLY B CA  1 
ATOM   1079 C  C   . GLY B 1 50 ? 1.916   20.819  -11.717 1.00 40.00  ? 50   GLY B C   1 
ATOM   1080 O  O   . GLY B 1 50 ? 2.023   20.241  -10.625 1.00 43.26  ? 50   GLY B O   1 
ATOM   1081 N  N   . ALA B 1 51 ? 1.082   20.402  -12.664 1.00 38.84  ? 51   ALA B N   1 
ATOM   1082 C  CA  . ALA B 1 51 ? 0.234   19.242  -12.455 1.00 36.46  ? 51   ALA B CA  1 
ATOM   1083 C  C   . ALA B 1 51 ? 1.025   17.979  -12.102 1.00 38.47  ? 51   ALA B C   1 
ATOM   1084 O  O   . ALA B 1 51 ? 0.566   17.166  -11.298 1.00 40.06  ? 51   ALA B O   1 
ATOM   1085 C  CB  . ALA B 1 51 ? -0.616  19.006  -13.674 1.00 28.08  ? 51   ALA B CB  1 
ATOM   1086 N  N   . ASP B 1 52 ? 2.206   17.810  -12.685 1.00 35.12  ? 52   ASP B N   1 
ATOM   1087 C  CA  . ASP B 1 52 ? 3.004   16.630  -12.373 1.00 40.94  ? 52   ASP B CA  1 
ATOM   1088 C  C   . ASP B 1 52 ? 3.457   16.634  -10.910 1.00 41.01  ? 52   ASP B C   1 
ATOM   1089 O  O   . ASP B 1 52 ? 3.488   15.591  -10.263 1.00 42.75  ? 52   ASP B O   1 
ATOM   1090 C  CB  . ASP B 1 52 ? 4.221   16.547  -13.299 1.00 42.91  ? 52   ASP B CB  1 
ATOM   1091 C  CG  . ASP B 1 52 ? 5.202   17.672  -13.069 1.00 53.17  ? 52   ASP B CG  1 
ATOM   1092 O  OD1 . ASP B 1 52 ? 4.765   18.845  -13.018 1.00 57.36  ? 52   ASP B OD1 1 
ATOM   1093 O  OD2 . ASP B 1 52 ? 6.413   17.381  -12.947 1.00 57.61  ? 52   ASP B OD2 1 
ATOM   1094 N  N   . ARG B 1 53 ? 3.791   17.818  -10.397 1.00 42.82  ? 53   ARG B N   1 
ATOM   1095 C  CA  . ARG B 1 53 ? 4.253   17.979  -9.022  1.00 40.47  ? 53   ARG B CA  1 
ATOM   1096 C  C   . ARG B 1 53 ? 3.102   17.894  -8.041  1.00 40.13  ? 53   ARG B C   1 
ATOM   1097 O  O   . ARG B 1 53 ? 3.281   17.495  -6.884  1.00 39.66  ? 53   ARG B O   1 
ATOM   1098 C  CB  . ARG B 1 53 ? 4.977   19.319  -8.853  1.00 40.41  ? 53   ARG B CB  1 
ATOM   1099 C  CG  . ARG B 1 53 ? 6.348   19.365  -9.514  1.00 38.24  ? 53   ARG B CG  1 
ATOM   1100 C  CD  . ARG B 1 53 ? 6.970   20.729  -9.367  1.00 32.71  ? 53   ARG B CD  1 
ATOM   1101 N  NE  . ARG B 1 53 ? 7.371   21.043  -7.996  1.00 30.84  ? 53   ARG B NE  1 
ATOM   1102 C  CZ  . ARG B 1 53 ? 8.385   20.461  -7.368  1.00 32.73  ? 53   ARG B CZ  1 
ATOM   1103 N  NH1 . ARG B 1 53 ? 8.693   20.804  -6.127  1.00 31.39  ? 53   ARG B NH1 1 
ATOM   1104 N  NH2 . ARG B 1 53 ? 9.091   19.525  -7.982  1.00 37.85  ? 53   ARG B NH2 1 
ATOM   1105 N  N   . VAL B 1 54 ? 1.920   18.288  -8.495  1.00 35.91  ? 54   VAL B N   1 
ATOM   1106 C  CA  . VAL B 1 54 ? 0.746   18.208  -7.641  1.00 34.88  ? 54   VAL B CA  1 
ATOM   1107 C  C   . VAL B 1 54 ? 0.436   16.720  -7.503  1.00 36.72  ? 54   VAL B C   1 
ATOM   1108 O  O   . VAL B 1 54 ? 0.086   16.240  -6.433  1.00 37.95  ? 54   VAL B O   1 
ATOM   1109 C  CB  . VAL B 1 54 ? -0.453  18.952  -8.284  1.00 31.86  ? 54   VAL B CB  1 
ATOM   1110 C  CG1 . VAL B 1 54 ? -1.757  18.607  -7.556  1.00 24.18  ? 54   VAL B CG1 1 
ATOM   1111 C  CG2 . VAL B 1 54 ? -0.198  20.455  -8.231  1.00 24.99  ? 54   VAL B CG2 1 
ATOM   1112 N  N   . ALA B 1 55 ? 0.611   15.998  -8.604  1.00 38.28  ? 55   ALA B N   1 
ATOM   1113 C  CA  . ALA B 1 55 ? 0.360   14.571  -8.651  1.00 34.36  ? 55   ALA B CA  1 
ATOM   1114 C  C   . ALA B 1 55 ? 1.283   13.795  -7.732  1.00 37.16  ? 55   ALA B C   1 
ATOM   1115 O  O   . ALA B 1 55 ? 0.802   12.971  -6.944  1.00 39.68  ? 55   ALA B O   1 
ATOM   1116 C  CB  . ALA B 1 55 ? 0.498   14.060  -10.085 1.00 32.61  ? 55   ALA B CB  1 
ATOM   1117 N  N   . VAL B 1 56 ? 2.595   14.031  -7.800  1.00 33.43  ? 56   VAL B N   1 
ATOM   1118 C  CA  . VAL B 1 56 ? 3.463   13.257  -6.918  1.00 33.96  ? 56   VAL B CA  1 
ATOM   1119 C  C   . VAL B 1 56 ? 3.311   13.655  -5.449  1.00 34.63  ? 56   VAL B C   1 
ATOM   1120 O  O   . VAL B 1 56 ? 3.432   12.806  -4.571  1.00 37.44  ? 56   VAL B O   1 
ATOM   1121 C  CB  . VAL B 1 56 ? 4.969   13.291  -7.335  1.00 33.32  ? 56   VAL B CB  1 
ATOM   1122 C  CG1 . VAL B 1 56 ? 5.095   13.687  -8.776  1.00 27.84  ? 56   VAL B CG1 1 
ATOM   1123 C  CG2 . VAL B 1 56 ? 5.777   14.176  -6.396  1.00 33.81  ? 56   VAL B CG2 1 
HETATM 1124 N  N   . MSE B 1 57 ? 3.039   14.923  -5.161  1.00 31.10  ? 57   MSE B N   1 
HETATM 1125 C  CA  . MSE B 1 57 ? 2.865   15.293  -3.764  1.00 33.49  ? 57   MSE B CA  1 
HETATM 1126 C  C   . MSE B 1 57 ? 1.657   14.555  -3.202  1.00 37.03  ? 57   MSE B C   1 
HETATM 1127 O  O   . MSE B 1 57 ? 1.649   14.140  -2.035  1.00 35.65  ? 57   MSE B O   1 
HETATM 1128 C  CB  . MSE B 1 57 ? 2.685   16.801  -3.607  1.00 36.01  ? 57   MSE B CB  1 
HETATM 1129 C  CG  . MSE B 1 57 ? 3.997   17.569  -3.625  1.00 44.20  ? 57   MSE B CG  1 
HETATM 1130 SE SE  . MSE B 1 57 ? 5.339   16.850  -2.403  1.00 49.25  ? 57   MSE B SE  1 
HETATM 1131 C  CE  . MSE B 1 57 ? 4.509   17.305  -0.717  1.00 43.14  ? 57   MSE B CE  1 
ATOM   1132 N  N   . ALA B 1 58 ? 0.631   14.393  -4.034  1.00 35.60  ? 58   ALA B N   1 
ATOM   1133 C  CA  . ALA B 1 58 ? -0.561  13.664  -3.621  1.00 35.81  ? 58   ALA B CA  1 
ATOM   1134 C  C   . ALA B 1 58 ? -0.215  12.173  -3.529  1.00 35.60  ? 58   ALA B C   1 
ATOM   1135 O  O   . ALA B 1 58 ? -0.609  11.492  -2.585  1.00 32.16  ? 58   ALA B O   1 
ATOM   1136 C  CB  . ALA B 1 58 ? -1.685  13.878  -4.623  1.00 38.04  ? 58   ALA B CB  1 
ATOM   1137 N  N   . ALA B 1 59 ? 0.530   11.668  -4.510  1.00 30.61  ? 59   ALA B N   1 
ATOM   1138 C  CA  . ALA B 1 59 ? 0.911   10.264  -4.506  1.00 30.28  ? 59   ALA B CA  1 
ATOM   1139 C  C   . ALA B 1 59 ? 1.816   9.935   -3.319  1.00 31.66  ? 59   ALA B C   1 
ATOM   1140 O  O   . ALA B 1 59 ? 1.728   8.864   -2.728  1.00 36.52  ? 59   ALA B O   1 
ATOM   1141 C  CB  . ALA B 1 59 ? 1.598   9.912   -5.807  1.00 24.04  ? 59   ALA B CB  1 
ATOM   1142 N  N   . LEU B 1 60 ? 2.689   10.867  -2.969  1.00 34.76  ? 60   LEU B N   1 
ATOM   1143 C  CA  . LEU B 1 60 ? 3.605   10.676  -1.857  1.00 33.18  ? 60   LEU B CA  1 
ATOM   1144 C  C   . LEU B 1 60 ? 2.774   10.636  -0.581  1.00 32.20  ? 60   LEU B C   1 
ATOM   1145 O  O   . LEU B 1 60 ? 3.065   9.900   0.350   1.00 32.24  ? 60   LEU B O   1 
ATOM   1146 C  CB  . LEU B 1 60 ? 4.579   11.848  -1.801  1.00 34.79  ? 60   LEU B CB  1 
ATOM   1147 C  CG  . LEU B 1 60 ? 5.992   11.672  -1.255  1.00 37.34  ? 60   LEU B CG  1 
ATOM   1148 C  CD1 . LEU B 1 60 ? 6.411   13.009  -0.699  1.00 37.53  ? 60   LEU B CD1 1 
ATOM   1149 C  CD2 . LEU B 1 60 ? 6.063   10.621  -0.179  1.00 34.88  ? 60   LEU B CD2 1 
ATOM   1150 N  N   . ASN B 1 61 ? 1.725   11.443  -0.553  1.00 33.68  ? 61   ASN B N   1 
ATOM   1151 C  CA  . ASN B 1 61 ? 0.842   11.510  0.597   1.00 35.77  ? 61   ASN B CA  1 
ATOM   1152 C  C   . ASN B 1 61 ? 0.121   10.200  0.881   1.00 37.35  ? 61   ASN B C   1 
ATOM   1153 O  O   . ASN B 1 61 ? 0.052   9.765   2.028   1.00 41.81  ? 61   ASN B O   1 
ATOM   1154 C  CB  . ASN B 1 61 ? -0.209  12.590  0.391   1.00 40.96  ? 61   ASN B CB  1 
ATOM   1155 C  CG  . ASN B 1 61 ? -0.172  13.636  1.462   1.00 45.60  ? 61   ASN B CG  1 
ATOM   1156 O  OD1 . ASN B 1 61 ? 0.540   14.628  1.344   1.00 55.57  ? 61   ASN B OD1 1 
ATOM   1157 N  ND2 . ASN B 1 61 ? -0.923  13.416  2.530   1.00 47.34  ? 61   ASN B ND2 1 
ATOM   1158 N  N   . ILE B 1 62 ? -0.440  9.582   -0.154  1.00 35.81  ? 62   ILE B N   1 
ATOM   1159 C  CA  . ILE B 1 62 ? -1.159  8.341   0.046   1.00 34.77  ? 62   ILE B CA  1 
ATOM   1160 C  C   . ILE B 1 62 ? -0.187  7.190   0.309   1.00 36.55  ? 62   ILE B C   1 
ATOM   1161 O  O   . ILE B 1 62 ? -0.496  6.272   1.079   1.00 36.04  ? 62   ILE B O   1 
ATOM   1162 C  CB  . ILE B 1 62 ? -2.097  8.010   -1.161  1.00 32.54  ? 62   ILE B CB  1 
ATOM   1163 C  CG1 . ILE B 1 62 ? -3.177  7.019   -0.707  1.00 34.33  ? 62   ILE B CG1 1 
ATOM   1164 C  CG2 . ILE B 1 62 ? -1.311  7.415   -2.316  1.00 27.48  ? 62   ILE B CG2 1 
ATOM   1165 C  CD1 . ILE B 1 62 ? -4.251  6.722   -1.747  1.00 33.96  ? 62   ILE B CD1 1 
ATOM   1166 N  N   . THR B 1 63 ? 0.992   7.247   -0.311  1.00 34.38  ? 63   THR B N   1 
ATOM   1167 C  CA  . THR B 1 63 ? 2.000   6.207   -0.119  1.00 32.68  ? 63   THR B CA  1 
ATOM   1168 C  C   . THR B 1 63 ? 2.459   6.230   1.339   1.00 36.23  ? 63   THR B C   1 
ATOM   1169 O  O   . THR B 1 63 ? 2.619   5.193   1.977   1.00 35.79  ? 63   THR B O   1 
ATOM   1170 C  CB  . THR B 1 63 ? 3.204   6.436   -1.045  1.00 32.17  ? 63   THR B CB  1 
ATOM   1171 O  OG1 . THR B 1 63 ? 2.748   6.497   -2.402  1.00 36.18  ? 63   THR B OG1 1 
ATOM   1172 C  CG2 . THR B 1 63 ? 4.203   5.312   -0.914  1.00 25.81  ? 63   THR B CG2 1 
ATOM   1173 N  N   . HIS B 1 64 ? 2.662   7.429   1.868   1.00 38.14  ? 64   HIS B N   1 
ATOM   1174 C  CA  . HIS B 1 64 ? 3.076   7.571   3.246   1.00 39.42  ? 64   HIS B CA  1 
ATOM   1175 C  C   . HIS B 1 64 ? 1.976   7.013   4.161   1.00 41.14  ? 64   HIS B C   1 
ATOM   1176 O  O   . HIS B 1 64 ? 2.251   6.347   5.150   1.00 43.04  ? 64   HIS B O   1 
ATOM   1177 C  CB  . HIS B 1 64 ? 3.340   9.046   3.550   1.00 36.60  ? 64   HIS B CB  1 
ATOM   1178 C  CG  . HIS B 1 64 ? 3.836   9.294   4.942   1.00 41.74  ? 64   HIS B CG  1 
ATOM   1179 N  ND1 . HIS B 1 64 ? 3.021   9.762   5.950   1.00 38.63  ? 64   HIS B ND1 1 
ATOM   1180 C  CD2 . HIS B 1 64 ? 5.062   9.129   5.490   1.00 40.85  ? 64   HIS B CD2 1 
ATOM   1181 C  CE1 . HIS B 1 64 ? 3.726   9.878   7.063   1.00 40.76  ? 64   HIS B CE1 1 
ATOM   1182 N  NE2 . HIS B 1 64 ? 4.966   9.501   6.811   1.00 44.20  ? 64   HIS B NE2 1 
ATOM   1183 N  N   . ASP B 1 65 ? 0.727   7.284   3.817   1.00 43.75  ? 65   ASP B N   1 
ATOM   1184 C  CA  . ASP B 1 65 ? -0.405  6.808   4.593   1.00 48.26  ? 65   ASP B CA  1 
ATOM   1185 C  C   . ASP B 1 65 ? -0.433  5.288   4.613   1.00 49.64  ? 65   ASP B C   1 
ATOM   1186 O  O   . ASP B 1 65 ? -0.529  4.663   5.671   1.00 48.28  ? 65   ASP B O   1 
ATOM   1187 C  CB  . ASP B 1 65 ? -1.702  7.290   3.963   1.00 57.64  ? 65   ASP B CB  1 
ATOM   1188 C  CG  . ASP B 1 65 ? -2.588  7.999   4.940   1.00 68.38  ? 65   ASP B CG  1 
ATOM   1189 O  OD1 . ASP B 1 65 ? -2.364  9.215   5.144   1.00 76.15  ? 65   ASP B OD1 1 
ATOM   1190 O  OD2 . ASP B 1 65 ? -3.495  7.341   5.503   1.00 67.52  ? 65   ASP B OD2 1 
ATOM   1191 N  N   . LEU B 1 66 ? -0.367  4.706   3.420   1.00 45.36  ? 66   LEU B N   1 
ATOM   1192 C  CA  . LEU B 1 66 ? -0.401  3.270   3.257   1.00 45.76  ? 66   LEU B CA  1 
ATOM   1193 C  C   . LEU B 1 66 ? 0.711   2.556   4.019   1.00 50.80  ? 66   LEU B C   1 
ATOM   1194 O  O   . LEU B 1 66 ? 0.454   1.535   4.658   1.00 51.48  ? 66   LEU B O   1 
ATOM   1195 C  CB  . LEU B 1 66 ? -0.342  2.916   1.770   1.00 42.91  ? 66   LEU B CB  1 
ATOM   1196 C  CG  . LEU B 1 66 ? -1.561  3.355   0.959   1.00 40.80  ? 66   LEU B CG  1 
ATOM   1197 C  CD1 . LEU B 1 66 ? -1.318  3.100   -0.511  1.00 43.00  ? 66   LEU B CD1 1 
ATOM   1198 C  CD2 . LEU B 1 66 ? -2.787  2.609   1.433   1.00 28.78  ? 66   LEU B CD2 1 
ATOM   1199 N  N   . LEU B 1 67 ? 1.939   3.079   3.958   1.00 50.85  ? 67   LEU B N   1 
ATOM   1200 C  CA  . LEU B 1 67 ? 3.046   2.452   4.673   1.00 49.80  ? 67   LEU B CA  1 
ATOM   1201 C  C   . LEU B 1 67 ? 2.788   2.461   6.175   1.00 52.15  ? 67   LEU B C   1 
ATOM   1202 O  O   . LEU B 1 67 ? 3.172   1.525   6.873   1.00 54.80  ? 67   LEU B O   1 
ATOM   1203 C  CB  . LEU B 1 67 ? 4.372   3.140   4.357   1.00 47.18  ? 67   LEU B CB  1 
ATOM   1204 C  CG  . LEU B 1 67 ? 4.836   3.018   2.900   1.00 49.20  ? 67   LEU B CG  1 
ATOM   1205 C  CD1 . LEU B 1 67 ? 6.239   3.578   2.779   1.00 51.68  ? 67   LEU B CD1 1 
ATOM   1206 C  CD2 . LEU B 1 67 ? 4.813   1.572   2.443   1.00 45.12  ? 67   LEU B CD2 1 
ATOM   1207 N  N   . HIS B 1 68 ? 2.138   3.502   6.685   1.00 53.60  ? 68   HIS B N   1 
ATOM   1208 C  CA  . HIS B 1 68 ? 1.834   3.519   8.111   1.00 56.85  ? 68   HIS B CA  1 
ATOM   1209 C  C   . HIS B 1 68 ? 0.841   2.403   8.411   1.00 55.85  ? 68   HIS B C   1 
ATOM   1210 O  O   . HIS B 1 68 ? 0.992   1.677   9.392   1.00 57.34  ? 68   HIS B O   1 
ATOM   1211 C  CB  . HIS B 1 68 ? 1.263   4.870   8.548   1.00 59.84  ? 68   HIS B CB  1 
ATOM   1212 C  CG  . HIS B 1 68 ? 2.299   5.803   9.092   1.00 73.65  ? 68   HIS B CG  1 
ATOM   1213 N  ND1 . HIS B 1 68 ? 2.018   7.103   9.459   1.00 79.89  ? 68   HIS B ND1 1 
ATOM   1214 C  CD2 . HIS B 1 68 ? 3.621   5.624   9.332   1.00 76.20  ? 68   HIS B CD2 1 
ATOM   1215 C  CE1 . HIS B 1 68 ? 3.120   7.683   9.899   1.00 80.24  ? 68   HIS B CE1 1 
ATOM   1216 N  NE2 . HIS B 1 68 ? 4.109   6.807   9.832   1.00 77.90  ? 68   HIS B NE2 1 
ATOM   1217 N  N   . ARG B 1 69 ? -0.170  2.260   7.559   1.00 52.09  ? 69   ARG B N   1 
ATOM   1218 C  CA  . ARG B 1 69 ? -1.160  1.215   7.746   1.00 49.70  ? 69   ARG B CA  1 
ATOM   1219 C  C   . ARG B 1 69 ? -0.486  -0.130  7.569   1.00 50.17  ? 69   ARG B C   1 
ATOM   1220 O  O   . ARG B 1 69 ? -0.830  -1.091  8.239   1.00 53.27  ? 69   ARG B O   1 
ATOM   1221 C  CB  . ARG B 1 69 ? -2.283  1.356   6.726   1.00 49.99  ? 69   ARG B CB  1 
ATOM   1222 C  CG  . ARG B 1 69 ? -3.102  2.608   6.897   1.00 54.25  ? 69   ARG B CG  1 
ATOM   1223 C  CD  . ARG B 1 69 ? -4.083  2.792   5.753   1.00 59.55  ? 69   ARG B CD  1 
ATOM   1224 N  NE  . ARG B 1 69 ? -4.763  4.081   5.850   1.00 67.60  ? 69   ARG B NE  1 
ATOM   1225 C  CZ  . ARG B 1 69 ? -5.612  4.408   6.819   1.00 67.42  ? 69   ARG B CZ  1 
ATOM   1226 N  NH1 . ARG B 1 69 ? -5.894  3.539   7.778   1.00 65.85  ? 69   ARG B NH1 1 
ATOM   1227 N  NH2 . ARG B 1 69 ? -6.169  5.612   6.839   1.00 69.16  ? 69   ARG B NH2 1 
ATOM   1228 N  N   . LYS B 1 70 ? 0.482   -0.186  6.661   1.00 51.54  ? 70   LYS B N   1 
ATOM   1229 C  CA  . LYS B 1 70 ? 1.224   -1.407  6.374   1.00 51.37  ? 70   LYS B CA  1 
ATOM   1230 C  C   . LYS B 1 70 ? 1.966   -1.858  7.621   1.00 54.98  ? 70   LYS B C   1 
ATOM   1231 O  O   . LYS B 1 70 ? 2.060   -3.048  7.901   1.00 57.28  ? 70   LYS B O   1 
ATOM   1232 C  CB  . LYS B 1 70 ? 2.227   -1.156  5.247   1.00 50.38  ? 70   LYS B CB  1 
ATOM   1233 C  CG  . LYS B 1 70 ? 2.682   -2.404  4.522   1.00 52.68  ? 70   LYS B CG  1 
ATOM   1234 C  CD  . LYS B 1 70 ? 4.187   -2.575  4.575   1.00 54.46  ? 70   LYS B CD  1 
ATOM   1235 C  CE  . LYS B 1 70 ? 4.592   -3.890  3.934   1.00 56.42  ? 70   LYS B CE  1 
ATOM   1236 N  NZ  . LYS B 1 70 ? 5.974   -4.289  4.305   1.00 59.26  ? 70   LYS B NZ  1 
ATOM   1237 N  N   . GLU B 1 71 ? 2.501   -0.900  8.369   1.00 58.81  ? 71   GLU B N   1 
ATOM   1238 C  CA  . GLU B 1 71 ? 3.230   -1.216  9.586   1.00 61.83  ? 71   GLU B CA  1 
ATOM   1239 C  C   . GLU B 1 71 ? 2.306   -1.802  10.635  1.00 59.75  ? 71   GLU B C   1 
ATOM   1240 O  O   . GLU B 1 71 ? 2.588   -2.855  11.193  1.00 60.73  ? 71   GLU B O   1 
ATOM   1241 C  CB  . GLU B 1 71 ? 3.904   0.029   10.154  1.00 67.56  ? 71   GLU B CB  1 
ATOM   1242 C  CG  . GLU B 1 71 ? 4.459   -0.187  11.548  1.00 77.98  ? 71   GLU B CG  1 
ATOM   1243 C  CD  . GLU B 1 71 ? 5.154   1.037   12.098  1.00 88.22  ? 71   GLU B CD  1 
ATOM   1244 O  OE1 . GLU B 1 71 ? 5.515   1.016   13.299  1.00 94.36  ? 71   GLU B OE1 1 
ATOM   1245 O  OE2 . GLU B 1 71 ? 5.343   2.013   11.333  1.00 89.75  ? 71   GLU B OE2 1 
ATOM   1246 N  N   . ARG B 1 72 ? 1.211   -1.108  10.910  1.00 61.26  ? 72   ARG B N   1 
ATOM   1247 C  CA  . ARG B 1 72 ? 0.242   -1.566  11.896  1.00 65.03  ? 72   ARG B CA  1 
ATOM   1248 C  C   . ARG B 1 72 ? -0.240  -2.964  11.501  1.00 65.02  ? 72   ARG B C   1 
ATOM   1249 O  O   . ARG B 1 72 ? -0.474  -3.813  12.355  1.00 65.85  ? 72   ARG B O   1 
ATOM   1250 C  CB  . ARG B 1 72 ? -0.935  -0.590  11.950  1.00 70.49  ? 72   ARG B CB  1 
ATOM   1251 C  CG  . ARG B 1 72 ? -1.979  -0.853  13.031  1.00 82.11  ? 72   ARG B CG  1 
ATOM   1252 C  CD  . ARG B 1 72 ? -3.195  0.066   12.824  1.00 91.91  ? 72   ARG B CD  1 
ATOM   1253 N  NE  . ARG B 1 72 ? -4.197  -0.024  13.889  1.00 100.56 ? 72   ARG B NE  1 
ATOM   1254 C  CZ  . ARG B 1 72 ? -4.047  0.473   15.116  1.00 106.21 ? 72   ARG B CZ  1 
ATOM   1255 N  NH1 . ARG B 1 72 ? -5.021  0.337   16.011  1.00 107.46 ? 72   ARG B NH1 1 
ATOM   1256 N  NH2 . ARG B 1 72 ? -2.929  1.109   15.454  1.00 106.92 ? 72   ARG B NH2 1 
ATOM   1257 N  N   . LEU B 1 73 ? -0.379  -3.202  10.201  1.00 63.73  ? 73   LEU B N   1 
ATOM   1258 C  CA  . LEU B 1 73 ? -0.820  -4.499  9.711   1.00 62.09  ? 73   LEU B CA  1 
ATOM   1259 C  C   . LEU B 1 73 ? 0.234   -5.510  10.115  1.00 59.64  ? 73   LEU B C   1 
ATOM   1260 O  O   . LEU B 1 73 ? -0.049  -6.470  10.826  1.00 62.03  ? 73   LEU B O   1 
ATOM   1261 C  CB  . LEU B 1 73 ? -0.966  -4.477  8.182   1.00 67.87  ? 73   LEU B CB  1 
ATOM   1262 C  CG  . LEU B 1 73 ? -1.539  -5.701  7.442   1.00 74.89  ? 73   LEU B CG  1 
ATOM   1263 C  CD1 . LEU B 1 73 ? -1.688  -5.369  5.966   1.00 75.48  ? 73   LEU B CD1 1 
ATOM   1264 C  CD2 . LEU B 1 73 ? -0.630  -6.921  7.608   1.00 80.07  ? 73   LEU B CD2 1 
ATOM   1265 N  N   . ASP B 1 74 ? 1.457   -5.281  9.656   1.00 57.87  ? 74   ASP B N   1 
ATOM   1266 C  CA  . ASP B 1 74 ? 2.577   -6.161  9.957   1.00 54.45  ? 74   ASP B CA  1 
ATOM   1267 C  C   . ASP B 1 74 ? 2.758   -6.410  11.449  1.00 53.89  ? 74   ASP B C   1 
ATOM   1268 O  O   . ASP B 1 74 ? 3.189   -7.484  11.856  1.00 51.63  ? 74   ASP B O   1 
ATOM   1269 C  CB  . ASP B 1 74 ? 3.853   -5.579  9.355   1.00 49.64  ? 74   ASP B CB  1 
ATOM   1270 C  CG  . ASP B 1 74 ? 3.856   -5.649  7.847   1.00 50.80  ? 74   ASP B CG  1 
ATOM   1271 O  OD1 . ASP B 1 74 ? 4.821   -5.169  7.218   1.00 54.42  ? 74   ASP B OD1 1 
ATOM   1272 O  OD2 . ASP B 1 74 ? 2.883   -6.194  7.287   1.00 53.59  ? 74   ASP B OD2 1 
ATOM   1273 N  N   . GLN B 1 75 ? 2.425   -5.412  12.258  1.00 55.42  ? 75   GLN B N   1 
ATOM   1274 C  CA  . GLN B 1 75 ? 2.532   -5.524  13.704  1.00 58.56  ? 75   GLN B CA  1 
ATOM   1275 C  C   . GLN B 1 75 ? 1.593   -6.647  14.135  1.00 56.84  ? 75   GLN B C   1 
ATOM   1276 O  O   . GLN B 1 75 ? 2.028   -7.670  14.646  1.00 57.09  ? 75   GLN B O   1 
ATOM   1277 C  CB  . GLN B 1 75 ? 2.097   -4.212  14.368  1.00 66.75  ? 75   GLN B CB  1 
ATOM   1278 C  CG  . GLN B 1 75 ? 2.835   -3.871  15.649  1.00 75.95  ? 75   GLN B CG  1 
ATOM   1279 C  CD  . GLN B 1 75 ? 4.272   -3.439  15.393  1.00 85.60  ? 75   GLN B CD  1 
ATOM   1280 O  OE1 . GLN B 1 75 ? 5.084   -3.360  16.321  1.00 90.27  ? 75   GLN B OE1 1 
ATOM   1281 N  NE2 . GLN B 1 75 ? 4.592   -3.145  14.131  1.00 86.65  ? 75   GLN B NE2 1 
ATOM   1282 N  N   . GLU B 1 76 ? 0.301   -6.441  13.906  1.00 56.96  ? 76   GLU B N   1 
ATOM   1283 C  CA  . GLU B 1 76 ? -0.739  -7.406  14.257  1.00 58.24  ? 76   GLU B CA  1 
ATOM   1284 C  C   . GLU B 1 76 ? -0.445  -8.775  13.674  1.00 57.37  ? 76   GLU B C   1 
ATOM   1285 O  O   . GLU B 1 76 ? -0.679  -9.809  14.301  1.00 59.43  ? 76   GLU B O   1 
ATOM   1286 C  CB  . GLU B 1 76 ? -2.088  -6.926  13.728  1.00 60.37  ? 76   GLU B CB  1 
ATOM   1287 C  CG  . GLU B 1 76 ? -2.495  -5.555  14.238  1.00 70.21  ? 76   GLU B CG  1 
ATOM   1288 C  CD  . GLU B 1 76 ? -3.775  -5.057  13.600  1.00 76.73  ? 76   GLU B CD  1 
ATOM   1289 O  OE1 . GLU B 1 76 ? -4.194  -3.919  13.918  1.00 77.68  ? 76   GLU B OE1 1 
ATOM   1290 O  OE2 . GLU B 1 76 ? -4.358  -5.809  12.781  1.00 79.53  ? 76   GLU B OE2 1 
ATOM   1291 N  N   . SER B 1 77 ? 0.062   -8.765  12.453  1.00 55.35  ? 77   SER B N   1 
ATOM   1292 C  CA  . SER B 1 77 ? 0.386   -9.984  11.747  1.00 52.59  ? 77   SER B CA  1 
ATOM   1293 C  C   . SER B 1 77 ? 1.445   -10.824 12.460  1.00 51.95  ? 77   SER B C   1 
ATOM   1294 O  O   . SER B 1 77 ? 1.208   -11.987 12.760  1.00 53.59  ? 77   SER B O   1 
ATOM   1295 C  CB  . SER B 1 77 ? 0.841   -9.634  10.331  1.00 54.46  ? 77   SER B CB  1 
ATOM   1296 O  OG  . SER B 1 77 ? 1.206   -10.793 9.621   1.00 59.80  ? 77   SER B OG  1 
ATOM   1297 N  N   . SER B 1 78 ? 2.608   -10.252 12.750  1.00 50.65  ? 78   SER B N   1 
ATOM   1298 C  CA  . SER B 1 78 ? 3.649   -11.031 13.414  1.00 52.75  ? 78   SER B CA  1 
ATOM   1299 C  C   . SER B 1 78 ? 3.245   -11.371 14.844  1.00 51.91  ? 78   SER B C   1 
ATOM   1300 O  O   . SER B 1 78 ? 3.762   -12.318 15.442  1.00 51.73  ? 78   SER B O   1 
ATOM   1301 C  CB  . SER B 1 78 ? 4.980   -10.276 13.427  1.00 54.80  ? 78   SER B CB  1 
ATOM   1302 O  OG  . SER B 1 78 ? 4.978   -9.272  14.425  1.00 60.42  ? 78   SER B OG  1 
ATOM   1303 N  N   . SER B 1 79 ? 2.322   -10.594 15.389  1.00 50.27  ? 79   SER B N   1 
ATOM   1304 C  CA  . SER B 1 79 ? 1.854   -10.829 16.740  1.00 49.51  ? 79   SER B CA  1 
ATOM   1305 C  C   . SER B 1 79 ? 1.077   -12.138 16.823  1.00 51.41  ? 79   SER B C   1 
ATOM   1306 O  O   . SER B 1 79 ? 1.292   -12.928 17.744  1.00 51.01  ? 79   SER B O   1 
ATOM   1307 C  CB  . SER B 1 79 ? 0.969   -9.671  17.195  1.00 51.71  ? 79   SER B CB  1 
ATOM   1308 O  OG  . SER B 1 79 ? 0.343   -9.960  18.433  1.00 58.67  ? 79   SER B OG  1 
ATOM   1309 N  N   . THR B 1 80 ? 0.174   -12.376 15.872  1.00 50.00  ? 80   THR B N   1 
ATOM   1310 C  CA  . THR B 1 80 ? -0.596  -13.612 15.900  1.00 50.96  ? 80   THR B CA  1 
ATOM   1311 C  C   . THR B 1 80 ? 0.265   -14.779 15.418  1.00 49.36  ? 80   THR B C   1 
ATOM   1312 O  O   . THR B 1 80 ? 0.021   -15.927 15.775  1.00 50.39  ? 80   THR B O   1 
ATOM   1313 C  CB  . THR B 1 80 ? -1.881  -13.522 15.042  1.00 50.55  ? 80   THR B CB  1 
ATOM   1314 O  OG1 . THR B 1 80 ? -1.529  -13.500 13.663  1.00 51.31  ? 80   THR B OG1 1 
ATOM   1315 C  CG2 . THR B 1 80 ? -2.670  -12.258 15.380  1.00 51.51  ? 80   THR B CG2 1 
ATOM   1316 N  N   . ARG B 1 81 ? 1.274   -14.481 14.610  1.00 47.05  ? 81   ARG B N   1 
ATOM   1317 C  CA  . ARG B 1 81 ? 2.185   -15.509 14.121  1.00 47.28  ? 81   ARG B CA  1 
ATOM   1318 C  C   . ARG B 1 81 ? 2.923   -16.093 15.332  1.00 48.61  ? 81   ARG B C   1 
ATOM   1319 O  O   . ARG B 1 81 ? 3.265   -17.274 15.349  1.00 49.58  ? 81   ARG B O   1 
ATOM   1320 C  CB  . ARG B 1 81 ? 3.175   -14.885 13.128  1.00 49.98  ? 81   ARG B CB  1 
ATOM   1321 C  CG  . ARG B 1 81 ? 4.440   -15.680 12.810  1.00 50.97  ? 81   ARG B CG  1 
ATOM   1322 C  CD  . ARG B 1 81 ? 5.556   -14.680 12.490  1.00 55.82  ? 81   ARG B CD  1 
ATOM   1323 N  NE  . ARG B 1 81 ? 6.874   -15.259 12.209  1.00 56.95  ? 81   ARG B NE  1 
ATOM   1324 C  CZ  . ARG B 1 81 ? 7.168   -15.987 11.135  1.00 55.66  ? 81   ARG B CZ  1 
ATOM   1325 N  NH1 . ARG B 1 81 ? 8.398   -16.460 10.967  1.00 49.73  ? 81   ARG B NH1 1 
ATOM   1326 N  NH2 . ARG B 1 81 ? 6.232   -16.251 10.233  1.00 58.94  ? 81   ARG B NH2 1 
ATOM   1327 N  N   . GLU B 1 82 ? 3.156   -15.264 16.349  1.00 48.96  ? 82   GLU B N   1 
ATOM   1328 C  CA  . GLU B 1 82 ? 3.846   -15.714 17.552  1.00 48.19  ? 82   GLU B CA  1 
ATOM   1329 C  C   . GLU B 1 82 ? 2.938   -16.445 18.522  1.00 45.89  ? 82   GLU B C   1 
ATOM   1330 O  O   . GLU B 1 82 ? 3.341   -17.438 19.108  1.00 47.61  ? 82   GLU B O   1 
ATOM   1331 C  CB  . GLU B 1 82 ? 4.525   -14.541 18.256  1.00 52.15  ? 82   GLU B CB  1 
ATOM   1332 C  CG  . GLU B 1 82 ? 5.642   -13.943 17.429  1.00 65.02  ? 82   GLU B CG  1 
ATOM   1333 C  CD  . GLU B 1 82 ? 6.716   -14.962 17.074  1.00 72.96  ? 82   GLU B CD  1 
ATOM   1334 O  OE1 . GLU B 1 82 ? 7.270   -14.877 15.953  1.00 74.35  ? 82   GLU B OE1 1 
ATOM   1335 O  OE2 . GLU B 1 82 ? 7.008   -15.843 17.918  1.00 76.20  ? 82   GLU B OE2 1 
ATOM   1336 N  N   . ARG B 1 83 ? 1.718   -15.968 18.708  1.00 43.58  ? 83   ARG B N   1 
ATOM   1337 C  CA  . ARG B 1 83 ? 0.816   -16.669 19.605  1.00 48.08  ? 83   ARG B CA  1 
ATOM   1338 C  C   . ARG B 1 83 ? 0.565   -18.059 19.017  1.00 48.27  ? 83   ARG B C   1 
ATOM   1339 O  O   . ARG B 1 83 ? 0.551   -19.055 19.740  1.00 52.38  ? 83   ARG B O   1 
ATOM   1340 C  CB  . ARG B 1 83 ? -0.502  -15.906 19.759  1.00 54.11  ? 83   ARG B CB  1 
ATOM   1341 C  CG  . ARG B 1 83 ? -0.415  -14.700 20.688  1.00 69.17  ? 83   ARG B CG  1 
ATOM   1342 C  CD  . ARG B 1 83 ? -1.161  -13.498 20.115  1.00 80.13  ? 83   ARG B CD  1 
ATOM   1343 N  NE  . ARG B 1 83 ? -2.529  -13.836 19.734  1.00 88.01  ? 83   ARG B NE  1 
ATOM   1344 C  CZ  . ARG B 1 83 ? -3.261  -13.124 18.881  1.00 93.30  ? 83   ARG B CZ  1 
ATOM   1345 N  NH1 . ARG B 1 83 ? -4.499  -13.503 18.585  1.00 93.75  ? 83   ARG B NH1 1 
ATOM   1346 N  NH2 . ARG B 1 83 ? -2.745  -12.036 18.319  1.00 96.32  ? 83   ARG B NH2 1 
ATOM   1347 N  N   . VAL B 1 84 ? 0.383   -18.129 17.702  1.00 43.12  ? 84   VAL B N   1 
ATOM   1348 C  CA  . VAL B 1 84 ? 0.151   -19.407 17.043  1.00 39.56  ? 84   VAL B CA  1 
ATOM   1349 C  C   . VAL B 1 84 ? 1.366   -20.331 17.192  1.00 40.35  ? 84   VAL B C   1 
ATOM   1350 O  O   . VAL B 1 84 ? 1.218   -21.519 17.475  1.00 35.73  ? 84   VAL B O   1 
ATOM   1351 C  CB  . VAL B 1 84 ? -0.173  -19.209 15.545  1.00 37.81  ? 84   VAL B CB  1 
ATOM   1352 C  CG1 . VAL B 1 84 ? -0.142  -20.547 14.801  1.00 34.38  ? 84   VAL B CG1 1 
ATOM   1353 C  CG2 . VAL B 1 84 ? -1.541  -18.579 15.413  1.00 35.29  ? 84   VAL B CG2 1 
ATOM   1354 N  N   . ARG B 1 85 ? 2.562   -19.787 17.003  1.00 39.88  ? 85   ARG B N   1 
ATOM   1355 C  CA  . ARG B 1 85 ? 3.767   -20.584 17.138  1.00 42.84  ? 85   ARG B CA  1 
ATOM   1356 C  C   . ARG B 1 85 ? 3.885   -21.150 18.558  1.00 43.67  ? 85   ARG B C   1 
ATOM   1357 O  O   . ARG B 1 85 ? 4.205   -22.326 18.727  1.00 45.94  ? 85   ARG B O   1 
ATOM   1358 C  CB  . ARG B 1 85 ? 4.997   -19.743 16.809  1.00 48.25  ? 85   ARG B CB  1 
ATOM   1359 C  CG  . ARG B 1 85 ? 6.306   -20.474 17.045  1.00 59.89  ? 85   ARG B CG  1 
ATOM   1360 C  CD  . ARG B 1 85 ? 7.508   -19.539 17.027  1.00 69.86  ? 85   ARG B CD  1 
ATOM   1361 N  NE  . ARG B 1 85 ? 8.050   -19.304 15.688  1.00 78.51  ? 85   ARG B NE  1 
ATOM   1362 C  CZ  . ARG B 1 85 ? 7.456   -18.595 14.731  1.00 81.91  ? 85   ARG B CZ  1 
ATOM   1363 N  NH1 . ARG B 1 85 ? 8.049   -18.450 13.553  1.00 81.42  ? 85   ARG B NH1 1 
ATOM   1364 N  NH2 . ARG B 1 85 ? 6.276   -18.030 14.949  1.00 86.01  ? 85   ARG B NH2 1 
ATOM   1365 N  N   . GLU B 1 86 ? 3.618   -20.320 19.567  1.00 40.99  ? 86   GLU B N   1 
ATOM   1366 C  CA  . GLU B 1 86 ? 3.692   -20.744 20.964  1.00 42.71  ? 86   GLU B CA  1 
ATOM   1367 C  C   . GLU B 1 86 ? 2.697   -21.839 21.272  1.00 41.36  ? 86   GLU B C   1 
ATOM   1368 O  O   . GLU B 1 86 ? 3.036   -22.824 21.921  1.00 42.43  ? 86   GLU B O   1 
ATOM   1369 C  CB  . GLU B 1 86 ? 3.425   -19.570 21.908  1.00 54.26  ? 86   GLU B CB  1 
ATOM   1370 C  CG  . GLU B 1 86 ? 4.527   -18.522 21.915  1.00 73.51  ? 86   GLU B CG  1 
ATOM   1371 C  CD  . GLU B 1 86 ? 4.170   -17.277 22.722  1.00 84.50  ? 86   GLU B CD  1 
ATOM   1372 O  OE1 . GLU B 1 86 ? 5.013   -16.349 22.775  1.00 89.89  ? 86   GLU B OE1 1 
ATOM   1373 O  OE2 . GLU B 1 86 ? 3.055   -17.224 23.294  1.00 88.24  ? 86   GLU B OE2 1 
ATOM   1374 N  N   . LEU B 1 87 ? 1.459   -21.658 20.823  1.00 38.57  ? 87   LEU B N   1 
ATOM   1375 C  CA  . LEU B 1 87 ? 0.418   -22.645 21.048  1.00 35.48  ? 87   LEU B CA  1 
ATOM   1376 C  C   . LEU B 1 87 ? 0.782   -23.999 20.429  1.00 38.10  ? 87   LEU B C   1 
ATOM   1377 O  O   . LEU B 1 87 ? 0.684   -25.040 21.086  1.00 36.64  ? 87   LEU B O   1 
ATOM   1378 C  CB  . LEU B 1 87 ? -0.898  -22.146 20.467  1.00 30.95  ? 87   LEU B CB  1 
ATOM   1379 C  CG  . LEU B 1 87 ? -1.529  -20.961 21.205  1.00 35.09  ? 87   LEU B CG  1 
ATOM   1380 C  CD1 . LEU B 1 87 ? -2.708  -20.439 20.405  1.00 33.82  ? 87   LEU B CD1 1 
ATOM   1381 C  CD2 . LEU B 1 87 ? -1.985  -21.387 22.605  1.00 33.35  ? 87   LEU B CD2 1 
ATOM   1382 N  N   . LEU B 1 88 ? 1.203   -23.992 19.169  1.00 38.45  ? 88   LEU B N   1 
ATOM   1383 C  CA  . LEU B 1 88 ? 1.564   -25.237 18.499  1.00 40.21  ? 88   LEU B CA  1 
ATOM   1384 C  C   . LEU B 1 88 ? 2.718   -25.883 19.241  1.00 41.41  ? 88   LEU B C   1 
ATOM   1385 O  O   . LEU B 1 88 ? 2.806   -27.108 19.342  1.00 40.27  ? 88   LEU B O   1 
ATOM   1386 C  CB  . LEU B 1 88 ? 1.973   -24.982 17.045  1.00 38.32  ? 88   LEU B CB  1 
ATOM   1387 C  CG  . LEU B 1 88 ? 0.860   -24.523 16.108  1.00 36.45  ? 88   LEU B CG  1 
ATOM   1388 C  CD1 . LEU B 1 88 ? 1.448   -24.241 14.747  1.00 38.72  ? 88   LEU B CD1 1 
ATOM   1389 C  CD2 . LEU B 1 88 ? -0.226  -25.572 16.025  1.00 31.99  ? 88   LEU B CD2 1 
ATOM   1390 N  N   . ASP B 1 89 ? 3.608   -25.054 19.764  1.00 40.66  ? 89   ASP B N   1 
ATOM   1391 C  CA  . ASP B 1 89 ? 4.736   -25.578 20.499  1.00 41.77  ? 89   ASP B CA  1 
ATOM   1392 C  C   . ASP B 1 89 ? 4.268   -26.302 21.748  1.00 41.03  ? 89   ASP B C   1 
ATOM   1393 O  O   . ASP B 1 89 ? 4.772   -27.371 22.090  1.00 40.91  ? 89   ASP B O   1 
ATOM   1394 C  CB  . ASP B 1 89 ? 5.676   -24.461 20.895  1.00 48.97  ? 89   ASP B CB  1 
ATOM   1395 C  CG  . ASP B 1 89 ? 7.103   -24.822 20.639  1.00 61.73  ? 89   ASP B CG  1 
ATOM   1396 O  OD1 . ASP B 1 89 ? 7.564   -24.607 19.486  1.00 65.05  ? 89   ASP B OD1 1 
ATOM   1397 O  OD2 . ASP B 1 89 ? 7.747   -25.349 21.579  1.00 65.41  ? 89   ASP B OD2 1 
ATOM   1398 N  N   . ARG B 1 90 ? 3.303   -25.708 22.439  1.00 39.37  ? 90   ARG B N   1 
ATOM   1399 C  CA  . ARG B 1 90 ? 2.765   -26.310 23.639  1.00 37.79  ? 90   ARG B CA  1 
ATOM   1400 C  C   . ARG B 1 90 ? 2.056   -27.607 23.276  1.00 39.43  ? 90   ARG B C   1 
ATOM   1401 O  O   . ARG B 1 90 ? 2.029   -28.556 24.064  1.00 41.89  ? 90   ARG B O   1 
ATOM   1402 C  CB  . ARG B 1 90 ? 1.832   -25.318 24.331  1.00 39.57  ? 90   ARG B CB  1 
ATOM   1403 C  CG  . ARG B 1 90 ? 2.616   -24.175 24.968  1.00 39.70  ? 90   ARG B CG  1 
ATOM   1404 C  CD  . ARG B 1 90 ? 1.742   -23.017 25.398  1.00 45.97  ? 90   ARG B CD  1 
ATOM   1405 N  NE  . ARG B 1 90 ? 0.688   -23.414 26.325  1.00 53.93  ? 90   ARG B NE  1 
ATOM   1406 C  CZ  . ARG B 1 90 ? -0.253  -22.586 26.772  1.00 59.89  ? 90   ARG B CZ  1 
ATOM   1407 N  NH1 . ARG B 1 90 ? -1.185  -23.027 27.611  1.00 56.98  ? 90   ARG B NH1 1 
ATOM   1408 N  NH2 . ARG B 1 90 ? -0.262  -21.312 26.376  1.00 60.10  ? 90   ARG B NH2 1 
ATOM   1409 N  N   . VAL B 1 91 ? 1.501   -27.655 22.069  1.00 40.24  ? 91   VAL B N   1 
ATOM   1410 C  CA  . VAL B 1 91 ? 0.824   -28.857 21.591  1.00 38.64  ? 91   VAL B CA  1 
ATOM   1411 C  C   . VAL B 1 91 ? 1.838   -29.980 21.426  1.00 41.15  ? 91   VAL B C   1 
ATOM   1412 O  O   . VAL B 1 91 ? 1.577   -31.130 21.810  1.00 40.95  ? 91   VAL B O   1 
ATOM   1413 C  CB  . VAL B 1 91 ? 0.143   -28.623 20.236  1.00 37.22  ? 91   VAL B CB  1 
ATOM   1414 C  CG1 . VAL B 1 91 ? -0.187  -29.954 19.581  1.00 26.36  ? 91   VAL B CG1 1 
ATOM   1415 C  CG2 . VAL B 1 91 ? -1.121  -27.802 20.436  1.00 39.62  ? 91   VAL B CG2 1 
ATOM   1416 N  N   . ASP B 1 92 ? 2.990   -29.640 20.850  1.00 38.78  ? 92   ASP B N   1 
ATOM   1417 C  CA  . ASP B 1 92 ? 4.054   -30.610 20.628  1.00 39.37  ? 92   ASP B CA  1 
ATOM   1418 C  C   . ASP B 1 92 ? 4.512   -31.203 21.955  1.00 42.85  ? 92   ASP B C   1 
ATOM   1419 O  O   . ASP B 1 92 ? 4.570   -32.423 22.125  1.00 39.75  ? 92   ASP B O   1 
ATOM   1420 C  CB  . ASP B 1 92 ? 5.231   -29.944 19.934  1.00 39.48  ? 92   ASP B CB  1 
ATOM   1421 C  CG  . ASP B 1 92 ? 6.285   -30.936 19.516  1.00 43.09  ? 92   ASP B CG  1 
ATOM   1422 O  OD1 . ASP B 1 92 ? 7.359   -30.964 20.146  1.00 45.02  ? 92   ASP B OD1 1 
ATOM   1423 O  OD2 . ASP B 1 92 ? 6.031   -31.698 18.559  1.00 49.79  ? 92   ASP B OD2 1 
ATOM   1424 N  N   . ARG B 1 93 ? 4.836   -30.326 22.896  1.00 44.97  ? 93   ARG B N   1 
ATOM   1425 C  CA  . ARG B 1 93 ? 5.270   -30.748 24.209  1.00 43.75  ? 93   ARG B CA  1 
ATOM   1426 C  C   . ARG B 1 93 ? 4.257   -31.662 24.875  1.00 41.98  ? 93   ARG B C   1 
ATOM   1427 O  O   . ARG B 1 93 ? 4.618   -32.714 25.388  1.00 46.56  ? 93   ARG B O   1 
ATOM   1428 C  CB  . ARG B 1 93 ? 5.538   -29.526 25.075  1.00 49.36  ? 93   ARG B CB  1 
ATOM   1429 C  CG  . ARG B 1 93 ? 6.959   -29.000 24.943  1.00 59.59  ? 93   ARG B CG  1 
ATOM   1430 C  CD  . ARG B 1 93 ? 7.132   -27.715 25.717  1.00 68.43  ? 93   ARG B CD  1 
ATOM   1431 N  NE  . ARG B 1 93 ? 6.812   -26.558 24.889  1.00 79.89  ? 93   ARG B NE  1 
ATOM   1432 C  CZ  . ARG B 1 93 ? 6.233   -25.452 25.343  1.00 84.21  ? 93   ARG B CZ  1 
ATOM   1433 N  NH1 . ARG B 1 93 ? 5.900   -25.360 26.628  1.00 87.15  ? 93   ARG B NH1 1 
ATOM   1434 N  NH2 . ARG B 1 93 ? 5.994   -24.439 24.516  1.00 84.22  ? 93   ARG B NH2 1 
ATOM   1435 N  N   . ALA B 1 94 ? 2.987   -31.275 24.866  1.00 41.20  ? 94   ALA B N   1 
ATOM   1436 C  CA  . ALA B 1 94 ? 1.939   -32.102 25.478  1.00 41.78  ? 94   ALA B CA  1 
ATOM   1437 C  C   . ALA B 1 94 ? 1.886   -33.520 24.903  1.00 42.72  ? 94   ALA B C   1 
ATOM   1438 O  O   . ALA B 1 94 ? 1.432   -34.443 25.565  1.00 46.07  ? 94   ALA B O   1 
ATOM   1439 C  CB  . ALA B 1 94 ? 0.565   -31.433 25.297  1.00 36.40  ? 94   ALA B CB  1 
ATOM   1440 N  N   . LEU B 1 95 ? 2.338   -33.672 23.661  1.00 45.37  ? 95   LEU B N   1 
ATOM   1441 C  CA  . LEU B 1 95 ? 2.338   -34.944 22.943  1.00 42.82  ? 95   LEU B CA  1 
ATOM   1442 C  C   . LEU B 1 95 ? 3.580   -35.806 23.206  1.00 48.02  ? 95   LEU B C   1 
ATOM   1443 O  O   . LEU B 1 95 ? 3.598   -36.996 22.890  1.00 49.55  ? 95   LEU B O   1 
ATOM   1444 C  CB  . LEU B 1 95 ? 2.240   -34.657 21.446  1.00 37.10  ? 95   LEU B CB  1 
ATOM   1445 C  CG  . LEU B 1 95 ? 0.971   -34.942 20.641  1.00 34.77  ? 95   LEU B CG  1 
ATOM   1446 C  CD1 . LEU B 1 95 ? -0.208  -35.159 21.547  1.00 30.23  ? 95   LEU B CD1 1 
ATOM   1447 C  CD2 . LEU B 1 95 ? 0.729   -33.789 19.679  1.00 25.50  ? 95   LEU B CD2 1 
ATOM   1448 N  N   . ALA B 1 96 ? 4.624   -35.213 23.768  1.00 50.75  ? 96   ALA B N   1 
ATOM   1449 C  CA  . ALA B 1 96 ? 5.844   -35.962 24.028  1.00 55.32  ? 96   ALA B CA  1 
ATOM   1450 C  C   . ALA B 1 96 ? 5.694   -36.884 25.241  1.00 60.76  ? 96   ALA B C   1 
ATOM   1451 O  O   . ALA B 1 96 ? 4.757   -36.654 26.042  1.00 63.96  ? 96   ALA B O   1 
ATOM   1452 C  CB  . ALA B 1 96 ? 6.998   -35.000 24.235  1.00 48.59  ? 96   ALA B CB  1 
ATOM   1453 N  N   . ASN B 1 97 ? 6.518   -37.825 25.379  1.00 64.14  ? 97   ASN B N   1 
HETATM 1454 O  O   . HOH C 2 .  ? 8.833   14.489  -9.785  1.00 31.77  ? 2001 HOH A O   1 
HETATM 1455 O  O   . HOH C 2 .  ? 6.558   20.756  -1.177  1.00 44.04  ? 2002 HOH A O   1 
HETATM 1456 O  O   . HOH C 2 .  ? 10.022  8.311   10.532  1.00 41.32  ? 2003 HOH A O   1 
HETATM 1457 O  O   . HOH C 2 .  ? 15.664  7.891   0.494   1.00 66.47  ? 2004 HOH A O   1 
HETATM 1458 O  O   . HOH C 2 .  ? -10.341 -17.475 8.708   1.00 54.43  ? 2005 HOH A O   1 
HETATM 1459 O  O   . HOH D 2 .  ? -6.307  -8.738  -3.852  1.00 49.88  ? 2001 HOH B O   1 
HETATM 1460 O  O   . HOH D 2 .  ? -15.690 2.868   -3.002  1.00 48.37  ? 2002 HOH B O   1 
HETATM 1461 O  O   . HOH D 2 .  ? -10.207 19.055  -1.163  1.00 47.27  ? 2003 HOH B O   1 
HETATM 1462 O  O   . HOH D 2 .  ? -8.034  22.957  -6.442  1.00 38.81  ? 2004 HOH B O   1 
HETATM 1463 O  O   . HOH D 2 .  ? -15.181 18.705  -10.483 1.00 48.71  ? 2005 HOH B O   1 
HETATM 1464 O  O   . HOH D 2 .  ? 6.295   23.063  -1.960  1.00 45.63  ? 2006 HOH B O   1 
HETATM 1465 O  O   . HOH D 2 .  ? 5.352   5.868   6.443   1.00 55.78  ? 2007 HOH B O   1 
# 
